data_1X0N
#
_entry.id   1X0N
#
loop_
_entity.id
_entity.type
_entity.pdbx_description
1 polymer 'Growth factor receptor-bound protein 2'
2 non-polymer '4-[(10S,14S,18S)-18-(2-AMINO-2-OXOETHYL)-14-(1-NAPHTHYLMETHYL)-8,17,20-TRIOXO-7,16,19-TRIAZASPIRO[5.14]ICOS-11-EN-10-YL]BENZYLPHOSPHONIC ACID'
#
_entity_poly.entity_id   1
_entity_poly.type   'polypeptide(L)'
_entity_poly.pdbx_seq_one_letter_code
;GSHPWFFGKIPRAKAEEMLSKQRHDGAFLIRESESAPGDFSLSVKFGNDVQHFKVLRDGAGKYFLWVVKFNSLNELVDYH
RSTSVSRNQQIFLRDIEQVPQQPT
;
_entity_poly.pdbx_strand_id   A
#
# COMPACT_ATOMS: atom_id res chain seq x y z
N TRP A 5 1.10 2.61 -7.38
CA TRP A 5 0.47 1.82 -6.33
C TRP A 5 -0.41 2.69 -5.45
N PHE A 6 -0.37 4.00 -5.68
CA PHE A 6 -1.16 4.94 -4.91
C PHE A 6 -2.56 5.10 -5.52
N PHE A 7 -3.54 5.35 -4.66
CA PHE A 7 -4.92 5.52 -5.11
C PHE A 7 -5.62 6.61 -4.29
N GLY A 8 -6.36 7.47 -4.99
CA GLY A 8 -7.08 8.54 -4.30
C GLY A 8 -8.08 8.02 -3.29
N LYS A 9 -9.34 8.38 -3.47
CA LYS A 9 -10.40 7.95 -2.56
C LYS A 9 -11.03 6.64 -3.05
N ILE A 10 -10.75 5.56 -2.33
CA ILE A 10 -11.30 4.25 -2.69
C ILE A 10 -11.61 3.42 -1.44
N PRO A 11 -12.79 2.78 -1.44
CA PRO A 11 -13.23 1.95 -0.31
C PRO A 11 -12.41 0.66 -0.19
N ARG A 12 -12.22 0.21 1.05
CA ARG A 12 -11.45 -1.00 1.30
C ARG A 12 -11.82 -2.10 0.31
N ALA A 13 -13.09 -2.12 -0.09
CA ALA A 13 -13.57 -3.12 -1.03
C ALA A 13 -12.85 -2.99 -2.37
N LYS A 14 -12.95 -1.82 -2.99
CA LYS A 14 -12.30 -1.57 -4.27
C LYS A 14 -10.85 -2.05 -4.26
N ALA A 15 -10.13 -1.69 -3.20
CA ALA A 15 -8.73 -2.08 -3.06
C ALA A 15 -8.58 -3.59 -3.17
N GLU A 16 -9.29 -4.32 -2.32
CA GLU A 16 -9.24 -5.78 -2.32
C GLU A 16 -9.35 -6.33 -3.74
N GLU A 17 -10.19 -5.69 -4.55
CA GLU A 17 -10.38 -6.12 -5.94
C GLU A 17 -9.16 -5.80 -6.78
N MET A 18 -8.54 -4.66 -6.53
CA MET A 18 -7.36 -4.23 -7.27
C MET A 18 -6.21 -5.22 -7.06
N LEU A 19 -6.10 -5.73 -5.84
CA LEU A 19 -5.04 -6.69 -5.51
C LEU A 19 -5.41 -8.09 -6.00
N SER A 20 -6.62 -8.52 -5.69
CA SER A 20 -7.10 -9.85 -6.09
C SER A 20 -7.01 -10.01 -7.61
N LYS A 21 -7.43 -8.98 -8.33
CA LYS A 21 -7.41 -9.00 -9.79
C LYS A 21 -6.00 -9.31 -10.30
N GLN A 22 -5.00 -9.03 -9.48
CA GLN A 22 -3.62 -9.28 -9.85
C GLN A 22 -3.37 -10.77 -10.10
N ARG A 23 -2.11 -11.14 -10.31
CA ARG A 23 -1.76 -12.53 -10.56
C ARG A 23 -0.69 -13.00 -9.57
N HIS A 24 0.14 -12.07 -9.13
CA HIS A 24 1.20 -12.39 -8.17
C HIS A 24 0.66 -12.45 -6.75
N ASP A 25 1.56 -12.55 -5.78
CA ASP A 25 1.17 -12.62 -4.37
C ASP A 25 1.91 -11.57 -3.55
N GLY A 26 1.16 -10.66 -2.93
CA GLY A 26 1.76 -9.62 -2.13
C GLY A 26 1.50 -8.23 -2.68
N ALA A 27 0.49 -8.12 -3.54
CA ALA A 27 0.15 -6.84 -4.15
C ALA A 27 -0.23 -5.81 -3.08
N PHE A 28 0.45 -4.68 -3.10
CA PHE A 28 0.18 -3.61 -2.15
C PHE A 28 -0.47 -2.41 -2.82
N LEU A 29 -1.31 -1.70 -2.07
CA LEU A 29 -2.01 -0.53 -2.60
C LEU A 29 -2.32 0.47 -1.48
N ILE A 30 -1.74 1.66 -1.59
CA ILE A 30 -1.95 2.70 -0.59
C ILE A 30 -3.08 3.64 -1.02
N ARG A 31 -4.09 3.77 -0.16
CA ARG A 31 -5.23 4.64 -0.44
C ARG A 31 -5.25 5.83 0.50
N GLU A 32 -5.77 6.96 0.01
CA GLU A 32 -5.84 8.18 0.81
C GLU A 32 -7.29 8.53 1.12
N SER A 33 -7.51 9.14 2.29
CA SER A 33 -8.85 9.52 2.72
C SER A 33 -9.44 10.56 1.77
N GLU A 34 -10.70 10.93 2.01
CA GLU A 34 -11.37 11.91 1.18
C GLU A 34 -11.28 13.30 1.79
N SER A 35 -11.74 13.43 3.03
CA SER A 35 -11.71 14.71 3.73
C SER A 35 -10.58 14.73 4.76
N ALA A 36 -9.81 13.66 4.82
CA ALA A 36 -8.70 13.55 5.76
C ALA A 36 -7.36 13.68 5.05
N PRO A 37 -6.94 14.93 4.80
CA PRO A 37 -5.68 15.23 4.12
C PRO A 37 -4.47 14.89 4.98
N GLY A 38 -3.60 14.02 4.47
CA GLY A 38 -2.41 13.63 5.21
C GLY A 38 -2.51 12.23 5.77
N ASP A 39 -3.53 11.50 5.34
CA ASP A 39 -3.75 10.13 5.81
C ASP A 39 -3.32 9.12 4.74
N PHE A 40 -2.75 8.01 5.18
CA PHE A 40 -2.31 6.96 4.26
C PHE A 40 -2.55 5.58 4.84
N SER A 41 -3.04 4.67 4.00
CA SER A 41 -3.33 3.30 4.44
C SER A 41 -2.90 2.29 3.37
N LEU A 42 -2.01 1.38 3.76
CA LEU A 42 -1.52 0.37 2.84
C LEU A 42 -2.39 -0.88 2.89
N SER A 43 -2.71 -1.43 1.72
CA SER A 43 -3.55 -2.62 1.64
C SER A 43 -2.85 -3.72 0.83
N VAL A 44 -2.41 -4.77 1.52
CA VAL A 44 -1.73 -5.88 0.87
C VAL A 44 -2.60 -7.12 0.86
N LYS A 45 -2.42 -7.96 -0.16
CA LYS A 45 -3.18 -9.20 -0.28
C LYS A 45 -2.38 -10.39 0.23
N PHE A 46 -2.93 -11.09 1.21
CA PHE A 46 -2.26 -12.27 1.77
C PHE A 46 -3.15 -13.50 1.67
N GLY A 47 -2.91 -14.31 0.64
CA GLY A 47 -3.70 -15.51 0.45
C GLY A 47 -5.15 -15.21 0.09
N ASN A 48 -6.07 -15.72 0.90
CA ASN A 48 -7.49 -15.51 0.66
C ASN A 48 -8.03 -14.40 1.57
N ASP A 49 -7.13 -13.55 2.05
CA ASP A 49 -7.53 -12.45 2.93
C ASP A 49 -6.71 -11.20 2.61
N VAL A 50 -7.40 -10.07 2.52
CA VAL A 50 -6.74 -8.79 2.22
C VAL A 50 -6.43 -8.03 3.50
N GLN A 51 -5.15 -8.00 3.85
CA GLN A 51 -4.70 -7.29 5.06
C GLN A 51 -4.33 -5.85 4.75
N HIS A 52 -4.03 -5.08 5.79
CA HIS A 52 -3.67 -3.67 5.62
C HIS A 52 -2.88 -3.18 6.83
N PHE A 53 -2.22 -2.04 6.67
CA PHE A 53 -1.43 -1.45 7.75
C PHE A 53 -1.53 0.07 7.73
N LYS A 54 -2.14 0.62 8.79
CA LYS A 54 -2.30 2.06 8.90
C LYS A 54 -0.95 2.77 8.96
N VAL A 55 -0.72 3.68 8.01
CA VAL A 55 0.54 4.42 7.97
C VAL A 55 0.46 5.70 8.80
N LEU A 56 1.48 5.93 9.61
CA LEU A 56 1.53 7.12 10.46
C LEU A 56 2.59 8.11 9.97
N ARG A 57 2.71 9.23 10.66
CA ARG A 57 3.68 10.25 10.29
C ARG A 57 3.94 11.20 11.46
N ASP A 58 5.10 11.84 11.45
CA ASP A 58 5.48 12.78 12.50
C ASP A 58 6.44 13.83 11.98
N GLY A 59 6.34 15.04 12.52
CA GLY A 59 7.21 16.12 12.09
C GLY A 59 6.58 16.98 11.02
N ALA A 60 6.19 16.35 9.91
CA ALA A 60 5.58 17.07 8.80
C ALA A 60 5.02 16.10 7.77
N GLY A 61 5.89 15.31 7.16
CA GLY A 61 5.46 14.36 6.16
C GLY A 61 6.05 12.97 6.39
N LYS A 62 7.18 12.92 7.09
CA LYS A 62 7.84 11.66 7.38
C LYS A 62 6.84 10.62 7.89
N TYR A 63 6.80 9.47 7.23
CA TYR A 63 5.90 8.40 7.62
C TYR A 63 6.66 7.22 8.21
N PHE A 64 5.93 6.27 8.79
CA PHE A 64 6.54 5.09 9.38
C PHE A 64 5.47 4.08 9.80
N LEU A 65 5.92 2.93 10.29
CA LEU A 65 5.00 1.87 10.72
C LEU A 65 5.29 1.46 12.16
N TRP A 66 6.42 0.77 12.35
CA TRP A 66 6.81 0.31 13.68
C TRP A 66 8.05 1.05 14.17
N VAL A 67 9.18 0.80 13.52
CA VAL A 67 10.43 1.44 13.88
C VAL A 67 11.12 2.05 12.66
N VAL A 68 10.53 1.82 11.49
CA VAL A 68 11.08 2.35 10.24
C VAL A 68 10.35 3.60 9.80
N LYS A 69 11.10 4.59 9.34
CA LYS A 69 10.51 5.85 8.88
C LYS A 69 11.25 6.38 7.65
N PHE A 70 10.59 7.24 6.89
CA PHE A 70 11.19 7.81 5.69
C PHE A 70 10.57 9.18 5.38
N ASN A 71 11.09 9.83 4.35
CA ASN A 71 10.59 11.15 3.94
C ASN A 71 9.37 11.00 3.04
N SER A 72 9.47 10.12 2.05
CA SER A 72 8.39 9.90 1.11
C SER A 72 7.83 8.49 1.25
N LEU A 73 6.58 8.31 0.82
CA LEU A 73 5.93 7.00 0.91
C LEU A 73 6.63 5.98 0.01
N ASN A 74 7.28 6.47 -1.04
CA ASN A 74 7.98 5.60 -1.97
C ASN A 74 9.06 4.81 -1.25
N GLU A 75 9.69 5.43 -0.26
CA GLU A 75 10.75 4.78 0.51
C GLU A 75 10.18 3.63 1.35
N LEU A 76 8.91 3.74 1.72
CA LEU A 76 8.24 2.72 2.51
C LEU A 76 7.95 1.48 1.67
N VAL A 77 7.24 1.68 0.57
CA VAL A 77 6.89 0.57 -0.32
C VAL A 77 8.14 -0.17 -0.79
N ASP A 78 9.22 0.58 -1.02
CA ASP A 78 10.47 -0.01 -1.47
C ASP A 78 11.15 -0.78 -0.34
N TYR A 79 11.40 -0.09 0.77
CA TYR A 79 12.05 -0.71 1.92
C TYR A 79 11.40 -2.05 2.26
N HIS A 80 10.07 -2.07 2.25
CA HIS A 80 9.33 -3.30 2.55
C HIS A 80 9.33 -4.24 1.36
N ARG A 81 9.52 -3.69 0.16
CA ARG A 81 9.55 -4.48 -1.05
C ARG A 81 10.77 -5.40 -1.08
N SER A 82 11.81 -5.00 -0.35
CA SER A 82 13.04 -5.79 -0.30
C SER A 82 13.20 -6.44 1.07
N THR A 83 12.60 -5.84 2.08
CA THR A 83 12.67 -6.37 3.44
C THR A 83 11.30 -6.85 3.92
N SER A 84 11.31 -7.91 4.71
CA SER A 84 10.08 -8.49 5.24
C SER A 84 9.12 -7.39 5.69
N VAL A 85 7.84 -7.73 5.79
CA VAL A 85 6.82 -6.77 6.21
C VAL A 85 5.77 -7.44 7.10
N SER A 86 5.45 -8.69 6.79
CA SER A 86 4.46 -9.44 7.56
C SER A 86 5.10 -10.08 8.78
N ARG A 87 4.32 -10.24 9.85
CA ARG A 87 4.80 -10.84 11.08
C ARG A 87 4.32 -12.29 11.20
N ASN A 88 4.04 -12.91 10.06
CA ASN A 88 3.57 -14.29 10.04
C ASN A 88 4.37 -15.11 9.04
N GLN A 89 4.51 -14.61 7.82
CA GLN A 89 5.25 -15.30 6.78
C GLN A 89 6.32 -14.40 6.18
N GLN A 90 7.03 -14.91 5.19
CA GLN A 90 8.09 -14.15 4.53
C GLN A 90 7.65 -13.69 3.14
N ILE A 91 6.99 -12.54 3.08
CA ILE A 91 6.52 -12.00 1.81
C ILE A 91 6.89 -10.53 1.66
N PHE A 92 7.06 -10.10 0.41
CA PHE A 92 7.42 -8.71 0.14
C PHE A 92 6.30 -7.98 -0.60
N LEU A 93 6.42 -6.68 -0.71
CA LEU A 93 5.42 -5.86 -1.39
C LEU A 93 5.59 -5.94 -2.90
N ARG A 94 4.65 -6.62 -3.56
CA ARG A 94 4.69 -6.77 -5.01
C ARG A 94 4.11 -5.54 -5.70
N ASP A 95 4.81 -5.04 -6.71
CA ASP A 95 4.37 -3.86 -7.45
C ASP A 95 3.01 -4.13 -8.11
N ILE A 96 1.99 -3.44 -7.62
CA ILE A 96 0.64 -3.60 -8.16
C ILE A 96 0.53 -2.98 -9.55
N GLU A 97 -0.25 -3.61 -10.42
CA GLU A 97 -0.44 -3.12 -11.78
C GLU A 97 -1.37 -1.91 -11.79
N GLN A 98 -0.82 -0.75 -11.44
CA GLN A 98 -1.60 0.48 -11.41
C GLN A 98 -2.49 0.59 -12.64
N VAL A 99 -3.49 1.47 -12.58
CA VAL A 99 -4.40 1.68 -13.69
C VAL A 99 -3.65 1.85 -15.00
N PRO A 100 -4.13 1.16 -16.05
CA PRO A 100 -3.51 1.21 -17.38
C PRO A 100 -3.70 2.57 -18.05
N GLN A 101 -2.73 2.96 -18.88
CA GLN A 101 -2.79 4.23 -19.58
C GLN A 101 -2.93 4.02 -21.08
N GLN A 102 -4.15 4.23 -21.59
CA GLN A 102 -4.42 4.06 -23.01
C GLN A 102 -4.76 5.39 -23.66
N PRO A 103 -3.72 6.18 -24.00
CA PRO A 103 -3.89 7.49 -24.63
C PRO A 103 -4.39 7.38 -26.06
N THR A 104 -4.95 8.47 -26.58
CA THR A 104 -5.47 8.50 -27.94
C THR A 104 -4.35 8.76 -28.95
N TRP A 5 0.86 2.41 -7.76
CA TRP A 5 0.26 1.66 -6.65
C TRP A 5 -0.65 2.55 -5.81
N PHE A 6 -0.63 3.85 -6.10
CA PHE A 6 -1.45 4.80 -5.37
C PHE A 6 -2.85 4.87 -5.96
N PHE A 7 -3.85 5.05 -5.09
CA PHE A 7 -5.24 5.14 -5.52
C PHE A 7 -5.96 6.28 -4.82
N GLY A 8 -6.81 6.98 -5.56
CA GLY A 8 -7.55 8.09 -4.99
C GLY A 8 -8.68 7.63 -4.09
N LYS A 9 -9.81 8.32 -4.16
CA LYS A 9 -10.97 7.99 -3.34
C LYS A 9 -11.50 6.61 -3.71
N ILE A 10 -11.01 5.58 -3.02
CA ILE A 10 -11.44 4.21 -3.27
C ILE A 10 -11.83 3.52 -1.97
N PRO A 11 -13.00 2.85 -1.99
CA PRO A 11 -13.51 2.12 -0.83
C PRO A 11 -12.68 0.88 -0.50
N ARG A 12 -12.68 0.49 0.77
CA ARG A 12 -11.93 -0.68 1.21
C ARG A 12 -12.13 -1.85 0.26
N ALA A 13 -13.39 -2.05 -0.16
CA ALA A 13 -13.72 -3.13 -1.07
C ALA A 13 -12.89 -3.05 -2.35
N LYS A 14 -12.90 -1.88 -2.98
CA LYS A 14 -12.15 -1.67 -4.21
C LYS A 14 -10.72 -2.14 -4.06
N ALA A 15 -10.07 -1.72 -2.98
CA ALA A 15 -8.68 -2.11 -2.73
C ALA A 15 -8.53 -3.62 -2.70
N GLU A 16 -9.39 -4.29 -1.94
CA GLU A 16 -9.35 -5.74 -1.84
C GLU A 16 -9.50 -6.40 -3.20
N GLU A 17 -10.16 -5.69 -4.12
CA GLU A 17 -10.38 -6.19 -5.47
C GLU A 17 -9.13 -5.99 -6.33
N MET A 18 -8.53 -4.80 -6.24
CA MET A 18 -7.35 -4.49 -7.01
C MET A 18 -6.22 -5.46 -6.69
N LEU A 19 -6.20 -5.96 -5.46
CA LEU A 19 -5.16 -6.90 -5.03
C LEU A 19 -5.57 -8.32 -5.37
N SER A 20 -6.81 -8.68 -5.07
CA SER A 20 -7.33 -10.01 -5.33
C SER A 20 -7.18 -10.36 -6.82
N LYS A 21 -7.66 -9.47 -7.68
CA LYS A 21 -7.58 -9.68 -9.12
C LYS A 21 -6.17 -10.11 -9.53
N GLN A 22 -5.18 -9.66 -8.78
CA GLN A 22 -3.79 -10.01 -9.07
C GLN A 22 -3.57 -11.52 -8.96
N ARG A 23 -2.36 -11.94 -9.28
CA ARG A 23 -2.01 -13.36 -9.22
C ARG A 23 -0.85 -13.61 -8.26
N HIS A 24 0.06 -12.65 -8.19
CA HIS A 24 1.22 -12.75 -7.31
C HIS A 24 0.79 -12.83 -5.85
N ASP A 25 1.76 -12.76 -4.94
CA ASP A 25 1.48 -12.81 -3.51
C ASP A 25 2.15 -11.65 -2.78
N GLY A 26 1.35 -10.67 -2.39
CA GLY A 26 1.90 -9.51 -1.68
C GLY A 26 1.52 -8.21 -2.34
N ALA A 27 0.43 -8.22 -3.11
CA ALA A 27 -0.04 -7.02 -3.80
C ALA A 27 -0.37 -5.92 -2.81
N PHE A 28 0.28 -4.77 -2.98
CA PHE A 28 0.07 -3.63 -2.09
C PHE A 28 -0.61 -2.48 -2.84
N LEU A 29 -1.37 -1.67 -2.11
CA LEU A 29 -2.07 -0.54 -2.70
C LEU A 29 -2.34 0.54 -1.66
N ILE A 30 -1.75 1.71 -1.86
CA ILE A 30 -1.93 2.82 -0.94
C ILE A 30 -3.10 3.70 -1.35
N ARG A 31 -4.06 3.87 -0.45
CA ARG A 31 -5.24 4.69 -0.72
C ARG A 31 -5.20 5.98 0.07
N GLU A 32 -5.90 7.00 -0.43
CA GLU A 32 -5.95 8.29 0.24
C GLU A 32 -7.37 8.64 0.66
N SER A 33 -7.50 9.19 1.87
CA SER A 33 -8.81 9.56 2.39
C SER A 33 -9.50 10.56 1.46
N GLU A 34 -10.76 10.88 1.78
CA GLU A 34 -11.52 11.83 0.98
C GLU A 34 -11.61 13.19 1.68
N SER A 35 -11.71 13.17 3.00
CA SER A 35 -11.80 14.39 3.77
C SER A 35 -10.57 14.58 4.66
N ALA A 36 -9.65 13.62 4.58
CA ALA A 36 -8.42 13.67 5.37
C ALA A 36 -7.20 13.85 4.48
N PRO A 37 -6.83 15.12 4.22
CA PRO A 37 -5.68 15.45 3.38
C PRO A 37 -4.35 15.09 4.04
N GLY A 38 -3.63 14.14 3.45
CA GLY A 38 -2.36 13.71 3.99
C GLY A 38 -2.43 12.34 4.63
N ASP A 39 -3.62 11.77 4.68
CA ASP A 39 -3.82 10.45 5.27
C ASP A 39 -3.53 9.36 4.25
N PHE A 40 -2.54 8.53 4.55
CA PHE A 40 -2.15 7.43 3.66
C PHE A 40 -2.34 6.09 4.35
N SER A 41 -2.80 5.10 3.58
CA SER A 41 -3.03 3.76 4.12
C SER A 41 -2.66 2.70 3.09
N LEU A 42 -1.77 1.79 3.48
CA LEU A 42 -1.33 0.72 2.60
C LEU A 42 -2.21 -0.53 2.77
N SER A 43 -2.59 -1.13 1.65
CA SER A 43 -3.43 -2.33 1.67
C SER A 43 -2.73 -3.49 0.98
N VAL A 44 -2.35 -4.49 1.76
CA VAL A 44 -1.67 -5.66 1.21
C VAL A 44 -2.56 -6.90 1.30
N LYS A 45 -2.45 -7.78 0.30
CA LYS A 45 -3.24 -9.00 0.26
C LYS A 45 -2.45 -10.19 0.80
N PHE A 46 -3.07 -10.94 1.71
CA PHE A 46 -2.42 -12.10 2.31
C PHE A 46 -3.32 -13.33 2.22
N GLY A 47 -3.07 -14.18 1.23
CA GLY A 47 -3.86 -15.38 1.04
C GLY A 47 -5.30 -15.08 0.70
N ASN A 48 -6.20 -15.32 1.64
CA ASN A 48 -7.62 -15.07 1.43
C ASN A 48 -8.10 -13.93 2.31
N ASP A 49 -7.18 -13.13 2.81
CA ASP A 49 -7.51 -11.99 3.67
C ASP A 49 -6.73 -10.75 3.26
N VAL A 50 -7.42 -9.63 3.13
CA VAL A 50 -6.80 -8.38 2.75
C VAL A 50 -6.46 -7.53 3.98
N GLN A 51 -5.17 -7.45 4.30
CA GLN A 51 -4.73 -6.67 5.46
C GLN A 51 -4.30 -5.26 5.04
N HIS A 52 -4.04 -4.41 6.01
CA HIS A 52 -3.64 -3.04 5.75
C HIS A 52 -2.72 -2.52 6.86
N PHE A 53 -2.05 -1.41 6.59
CA PHE A 53 -1.15 -0.80 7.56
C PHE A 53 -1.31 0.71 7.59
N LYS A 54 -1.81 1.22 8.71
CA LYS A 54 -2.01 2.67 8.86
C LYS A 54 -0.68 3.41 8.89
N VAL A 55 -0.43 4.20 7.85
CA VAL A 55 0.81 4.96 7.75
C VAL A 55 0.83 6.11 8.76
N LEU A 56 1.86 6.14 9.59
CA LEU A 56 2.00 7.18 10.60
C LEU A 56 2.74 8.38 10.04
N ARG A 57 2.19 9.57 10.26
CA ARG A 57 2.80 10.80 9.77
C ARG A 57 2.98 11.81 10.90
N ASP A 58 4.15 12.45 10.94
CA ASP A 58 4.45 13.42 11.97
C ASP A 58 5.44 14.47 11.47
N GLY A 59 5.54 15.58 12.18
CA GLY A 59 6.44 16.64 11.78
C GLY A 59 5.86 17.55 10.71
N ALA A 60 5.61 16.98 9.54
CA ALA A 60 5.05 17.74 8.43
C ALA A 60 4.69 16.82 7.26
N GLY A 61 5.69 16.10 6.75
CA GLY A 61 5.47 15.20 5.64
C GLY A 61 6.32 13.95 5.72
N LYS A 62 6.62 13.53 6.94
CA LYS A 62 7.44 12.33 7.16
C LYS A 62 6.58 11.16 7.62
N TYR A 63 6.83 9.99 7.04
CA TYR A 63 6.07 8.79 7.38
C TYR A 63 6.92 7.86 8.25
N PHE A 64 6.25 6.93 8.92
CA PHE A 64 6.92 5.96 9.78
C PHE A 64 5.95 4.89 10.27
N LEU A 65 6.50 3.83 10.85
CA LEU A 65 5.68 2.73 11.36
C LEU A 65 5.89 2.54 12.86
N TRP A 66 6.89 1.74 13.22
CA TRP A 66 7.19 1.48 14.62
C TRP A 66 8.63 0.97 14.78
N VAL A 67 9.45 1.22 13.78
CA VAL A 67 10.85 0.79 13.81
C VAL A 67 11.75 1.80 13.12
N VAL A 68 11.29 2.32 11.98
CA VAL A 68 12.05 3.30 11.22
C VAL A 68 11.14 4.35 10.60
N LYS A 69 11.74 5.41 10.06
CA LYS A 69 10.98 6.48 9.43
C LYS A 69 11.31 6.59 7.95
N PHE A 70 10.71 7.57 7.28
CA PHE A 70 10.94 7.77 5.86
C PHE A 70 10.57 9.19 5.45
N ASN A 71 11.11 9.64 4.31
CA ASN A 71 10.85 10.99 3.81
C ASN A 71 9.63 10.99 2.90
N SER A 72 9.46 9.92 2.13
CA SER A 72 8.34 9.81 1.21
C SER A 72 7.72 8.41 1.28
N LEU A 73 6.59 8.24 0.60
CA LEU A 73 5.90 6.96 0.57
C LEU A 73 6.65 5.95 -0.29
N ASN A 74 7.08 6.39 -1.47
CA ASN A 74 7.80 5.52 -2.40
C ASN A 74 8.92 4.78 -1.66
N GLU A 75 9.56 5.46 -0.71
CA GLU A 75 10.64 4.86 0.06
C GLU A 75 10.15 3.66 0.86
N LEU A 76 8.93 3.75 1.37
CA LEU A 76 8.34 2.68 2.15
C LEU A 76 7.90 1.52 1.24
N VAL A 77 7.44 1.86 0.05
CA VAL A 77 6.99 0.85 -0.91
C VAL A 77 8.11 -0.12 -1.24
N ASP A 78 9.27 0.41 -1.60
CA ASP A 78 10.43 -0.42 -1.93
C ASP A 78 10.96 -1.14 -0.70
N TYR A 79 11.24 -0.37 0.35
CA TYR A 79 11.75 -0.93 1.58
C TYR A 79 11.11 -2.29 1.88
N HIS A 80 9.79 -2.32 1.87
CA HIS A 80 9.05 -3.56 2.13
C HIS A 80 9.14 -4.50 0.94
N ARG A 81 9.11 -3.94 -0.26
CA ARG A 81 9.18 -4.74 -1.48
C ARG A 81 10.33 -5.74 -1.41
N SER A 82 11.34 -5.42 -0.61
CA SER A 82 12.49 -6.30 -0.45
C SER A 82 12.54 -6.88 0.95
N THR A 83 12.06 -6.12 1.93
CA THR A 83 12.04 -6.56 3.33
C THR A 83 10.65 -7.00 3.74
N SER A 84 10.59 -8.07 4.52
CA SER A 84 9.31 -8.61 4.99
C SER A 84 8.36 -7.47 5.37
N VAL A 85 7.06 -7.78 5.40
CA VAL A 85 6.05 -6.79 5.74
C VAL A 85 5.03 -7.35 6.71
N SER A 86 4.69 -8.63 6.54
CA SER A 86 3.72 -9.29 7.40
C SER A 86 4.40 -9.82 8.66
N ARG A 87 3.79 -9.56 9.81
CA ARG A 87 4.33 -10.01 11.08
C ARG A 87 3.85 -11.43 11.42
N ASN A 88 3.65 -12.23 10.38
CA ASN A 88 3.21 -13.61 10.55
C ASN A 88 4.07 -14.58 9.75
N GLN A 89 4.21 -14.29 8.47
CA GLN A 89 5.01 -15.15 7.58
C GLN A 89 6.11 -14.33 6.89
N GLN A 90 6.79 -14.96 5.94
CA GLN A 90 7.85 -14.29 5.20
C GLN A 90 7.42 -13.99 3.77
N ILE A 91 6.98 -12.76 3.55
CA ILE A 91 6.54 -12.35 2.22
C ILE A 91 7.11 -10.98 1.86
N PHE A 92 7.15 -10.68 0.56
CA PHE A 92 7.67 -9.41 0.08
C PHE A 92 6.58 -8.59 -0.58
N LEU A 93 6.71 -7.26 -0.52
CA LEU A 93 5.74 -6.37 -1.12
C LEU A 93 5.78 -6.42 -2.63
N ARG A 94 4.76 -7.01 -3.25
CA ARG A 94 4.69 -7.13 -4.69
C ARG A 94 4.07 -5.87 -5.31
N ASP A 95 4.70 -5.38 -6.37
CA ASP A 95 4.21 -4.18 -7.05
C ASP A 95 2.91 -4.48 -7.80
N ILE A 96 1.81 -3.96 -7.27
CA ILE A 96 0.51 -4.16 -7.88
C ILE A 96 0.50 -3.72 -9.35
N GLU A 97 -0.35 -4.35 -10.15
CA GLU A 97 -0.44 -4.03 -11.57
C GLU A 97 -1.57 -3.03 -11.82
N GLN A 98 -1.26 -1.74 -11.73
CA GLN A 98 -2.24 -0.70 -11.94
C GLN A 98 -2.74 -0.71 -13.39
N VAL A 99 -3.91 -0.12 -13.61
CA VAL A 99 -4.48 -0.06 -14.95
C VAL A 99 -3.42 0.22 -16.01
N PRO A 100 -3.37 -0.65 -17.03
CA PRO A 100 -2.39 -0.52 -18.12
C PRO A 100 -2.70 0.67 -19.02
N GLN A 101 -1.70 1.09 -19.80
CA GLN A 101 -1.87 2.22 -20.70
C GLN A 101 -1.09 1.99 -21.99
N GLN A 102 -1.78 1.53 -23.04
CA GLN A 102 -1.15 1.28 -24.32
C GLN A 102 -0.35 2.49 -24.78
N PRO A 103 0.83 2.23 -25.35
CA PRO A 103 1.73 3.28 -25.85
C PRO A 103 1.16 3.98 -27.08
N THR A 104 1.68 5.17 -27.38
CA THR A 104 1.23 5.93 -28.54
C THR A 104 2.41 6.60 -29.24
N TRP A 5 0.40 4.71 -6.78
CA TRP A 5 -0.07 3.68 -5.86
C TRP A 5 -0.82 4.29 -4.69
N PHE A 6 -1.05 5.60 -4.76
CA PHE A 6 -1.76 6.31 -3.70
C PHE A 6 -3.12 6.80 -4.19
N PHE A 7 -4.12 6.71 -3.32
CA PHE A 7 -5.46 7.16 -3.66
C PHE A 7 -6.03 8.05 -2.57
N GLY A 8 -6.89 9.00 -2.97
CA GLY A 8 -7.49 9.90 -2.01
C GLY A 8 -8.97 9.63 -1.81
N LYS A 9 -9.31 9.13 -0.62
CA LYS A 9 -10.71 8.82 -0.30
C LYS A 9 -11.20 7.64 -1.12
N ILE A 10 -10.95 6.43 -0.63
CA ILE A 10 -11.37 5.23 -1.32
C ILE A 10 -11.69 4.11 -0.32
N PRO A 11 -12.85 3.47 -0.51
CA PRO A 11 -13.29 2.37 0.36
C PRO A 11 -12.44 1.11 0.18
N ARG A 12 -12.30 0.34 1.26
CA ARG A 12 -11.51 -0.89 1.23
C ARG A 12 -11.89 -1.74 0.02
N ALA A 13 -13.15 -1.64 -0.39
CA ALA A 13 -13.64 -2.41 -1.53
C ALA A 13 -12.94 -1.99 -2.82
N LYS A 14 -12.87 -0.69 -3.06
CA LYS A 14 -12.22 -0.16 -4.25
C LYS A 14 -10.77 -0.62 -4.34
N ALA A 15 -10.05 -0.47 -3.23
CA ALA A 15 -8.65 -0.87 -3.17
C ALA A 15 -8.49 -2.34 -3.56
N GLU A 16 -9.20 -3.21 -2.86
CA GLU A 16 -9.13 -4.65 -3.14
C GLU A 16 -9.33 -4.92 -4.62
N GLU A 17 -10.16 -4.12 -5.27
CA GLU A 17 -10.43 -4.29 -6.69
C GLU A 17 -9.22 -3.87 -7.52
N MET A 18 -8.60 -2.75 -7.15
CA MET A 18 -7.42 -2.25 -7.85
C MET A 18 -6.28 -3.25 -7.79
N LEU A 19 -6.23 -4.03 -6.70
CA LEU A 19 -5.19 -5.02 -6.52
C LEU A 19 -5.54 -6.32 -7.24
N SER A 20 -6.78 -6.77 -7.05
CA SER A 20 -7.24 -8.00 -7.66
C SER A 20 -7.12 -7.93 -9.19
N LYS A 21 -7.50 -6.79 -9.75
CA LYS A 21 -7.43 -6.59 -11.20
C LYS A 21 -6.00 -6.79 -11.70
N GLN A 22 -5.03 -6.58 -10.82
CA GLN A 22 -3.63 -6.73 -11.18
C GLN A 22 -3.34 -8.16 -11.61
N ARG A 23 -2.08 -8.43 -11.97
CA ARG A 23 -1.68 -9.75 -12.41
C ARG A 23 -0.61 -10.33 -11.47
N HIS A 24 0.20 -9.45 -10.90
CA HIS A 24 1.26 -9.87 -9.99
C HIS A 24 0.69 -10.27 -8.64
N ASP A 25 1.56 -10.62 -7.71
CA ASP A 25 1.14 -11.03 -6.37
C ASP A 25 1.83 -10.17 -5.31
N GLY A 26 1.04 -9.36 -4.61
CA GLY A 26 1.58 -8.51 -3.57
C GLY A 26 1.38 -7.03 -3.87
N ALA A 27 0.42 -6.73 -4.73
CA ALA A 27 0.14 -5.35 -5.11
C ALA A 27 -0.27 -4.53 -3.89
N PHE A 28 0.42 -3.41 -3.68
CA PHE A 28 0.13 -2.53 -2.55
C PHE A 28 -0.59 -1.27 -3.01
N LEU A 29 -1.37 -0.69 -2.12
CA LEU A 29 -2.12 0.52 -2.43
C LEU A 29 -2.43 1.32 -1.16
N ILE A 30 -1.91 2.54 -1.08
CA ILE A 30 -2.12 3.39 0.07
C ILE A 30 -3.30 4.34 -0.16
N ARG A 31 -4.23 4.37 0.79
CA ARG A 31 -5.40 5.23 0.69
C ARG A 31 -5.45 6.21 1.85
N GLU A 32 -6.23 7.28 1.69
CA GLU A 32 -6.36 8.29 2.73
C GLU A 32 -7.77 8.29 3.31
N SER A 33 -7.86 8.33 4.63
CA SER A 33 -9.16 8.33 5.31
C SER A 33 -9.96 9.58 4.96
N GLU A 34 -11.27 9.42 4.80
CA GLU A 34 -12.13 10.54 4.45
C GLU A 34 -12.44 11.38 5.69
N SER A 35 -12.58 10.71 6.83
CA SER A 35 -12.88 11.40 8.09
C SER A 35 -11.60 11.68 8.87
N ALA A 36 -10.47 11.21 8.35
CA ALA A 36 -9.18 11.42 8.99
C ALA A 36 -8.15 11.94 8.00
N PRO A 37 -8.09 13.28 7.86
CA PRO A 37 -7.15 13.94 6.94
C PRO A 37 -5.71 13.83 7.42
N GLY A 38 -4.86 13.25 6.59
CA GLY A 38 -3.46 13.09 6.94
C GLY A 38 -3.10 11.66 7.31
N ASP A 39 -4.12 10.85 7.54
CA ASP A 39 -3.92 9.45 7.90
C ASP A 39 -3.69 8.59 6.65
N PHE A 40 -2.65 7.77 6.70
CA PHE A 40 -2.33 6.89 5.57
C PHE A 40 -2.49 5.42 5.95
N SER A 41 -2.94 4.62 5.00
CA SER A 41 -3.14 3.19 5.23
C SER A 41 -2.76 2.38 3.99
N LEU A 42 -1.84 1.44 4.17
CA LEU A 42 -1.40 0.59 3.07
C LEU A 42 -2.28 -0.64 2.95
N SER A 43 -2.44 -1.12 1.72
CA SER A 43 -3.26 -2.30 1.46
C SER A 43 -2.60 -3.21 0.42
N VAL A 44 -2.00 -4.29 0.89
CA VAL A 44 -1.34 -5.24 0.00
C VAL A 44 -2.24 -6.43 -0.31
N LYS A 45 -2.00 -7.06 -1.45
CA LYS A 45 -2.80 -8.21 -1.87
C LYS A 45 -2.13 -9.51 -1.43
N PHE A 46 -2.94 -10.43 -0.89
CA PHE A 46 -2.42 -11.71 -0.44
C PHE A 46 -3.28 -12.86 -0.97
N GLY A 47 -2.87 -13.42 -2.10
CA GLY A 47 -3.61 -14.52 -2.70
C GLY A 47 -5.08 -14.20 -2.85
N ASN A 48 -5.91 -14.87 -2.06
CA ASN A 48 -7.35 -14.67 -2.11
C ASN A 48 -7.83 -13.80 -0.95
N ASP A 49 -6.92 -12.97 -0.43
CA ASP A 49 -7.24 -12.09 0.68
C ASP A 49 -6.40 -10.82 0.62
N VAL A 50 -7.03 -9.69 0.92
CA VAL A 50 -6.34 -8.40 0.90
C VAL A 50 -6.14 -7.86 2.31
N GLN A 51 -4.89 -7.58 2.66
CA GLN A 51 -4.56 -7.06 3.98
C GLN A 51 -4.10 -5.61 3.89
N HIS A 52 -3.91 -4.99 5.06
CA HIS A 52 -3.46 -3.60 5.12
C HIS A 52 -2.62 -3.35 6.36
N PHE A 53 -1.84 -2.27 6.33
CA PHE A 53 -0.98 -1.93 7.46
C PHE A 53 -1.15 -0.46 7.85
N LYS A 54 -1.63 -0.23 9.06
CA LYS A 54 -1.84 1.13 9.55
C LYS A 54 -0.52 1.87 9.68
N VAL A 55 -0.35 2.91 8.85
CA VAL A 55 0.86 3.71 8.87
C VAL A 55 0.89 4.64 10.07
N LEU A 56 1.99 4.61 10.81
CA LEU A 56 2.14 5.45 12.00
C LEU A 56 3.09 6.62 11.72
N ARG A 57 2.83 7.75 12.36
CA ARG A 57 3.66 8.93 12.18
C ARG A 57 3.91 9.63 13.51
N ASP A 58 4.86 10.56 13.52
CA ASP A 58 5.20 11.30 14.74
C ASP A 58 4.57 12.69 14.73
N GLY A 59 4.98 13.52 15.67
CA GLY A 59 4.43 14.86 15.75
C GLY A 59 5.28 15.88 15.00
N ALA A 60 5.90 15.44 13.91
CA ALA A 60 6.74 16.33 13.11
C ALA A 60 6.48 16.13 11.62
N GLY A 61 6.31 14.88 11.20
CA GLY A 61 6.04 14.59 9.81
C GLY A 61 6.86 13.40 9.30
N LYS A 62 7.10 12.44 10.18
CA LYS A 62 7.87 11.25 9.82
C LYS A 62 6.99 10.00 9.88
N TYR A 63 7.12 9.16 8.86
CA TYR A 63 6.34 7.92 8.80
C TYR A 63 7.16 6.73 9.28
N PHE A 64 6.48 5.72 9.80
CA PHE A 64 7.14 4.51 10.29
C PHE A 64 6.12 3.43 10.63
N LEU A 65 6.62 2.23 10.89
CA LEU A 65 5.75 1.10 11.22
C LEU A 65 6.18 0.45 12.53
N TRP A 66 7.03 -0.57 12.43
CA TRP A 66 7.52 -1.27 13.61
C TRP A 66 8.69 -0.52 14.25
N VAL A 67 9.69 -0.21 13.44
CA VAL A 67 10.86 0.51 13.92
C VAL A 67 11.43 1.44 12.84
N VAL A 68 11.41 0.96 11.60
CA VAL A 68 11.91 1.74 10.48
C VAL A 68 11.07 2.99 10.25
N LYS A 69 11.73 4.09 9.90
CA LYS A 69 11.05 5.35 9.65
C LYS A 69 11.66 6.09 8.47
N PHE A 70 10.97 7.11 7.98
CA PHE A 70 11.45 7.89 6.86
C PHE A 70 10.81 9.28 6.84
N ASN A 71 11.21 10.10 5.87
CA ASN A 71 10.68 11.45 5.74
C ASN A 71 9.42 11.46 4.89
N SER A 72 9.46 10.72 3.78
CA SER A 72 8.31 10.64 2.87
C SER A 72 7.78 9.21 2.79
N LEU A 73 6.58 9.07 2.26
CA LEU A 73 5.94 7.76 2.12
C LEU A 73 6.67 6.92 1.07
N ASN A 74 6.77 7.46 -0.15
CA ASN A 74 7.44 6.76 -1.24
C ASN A 74 8.66 6.00 -0.74
N GLU A 75 9.45 6.66 0.11
CA GLU A 75 10.64 6.05 0.67
C GLU A 75 10.30 4.75 1.42
N LEU A 76 9.23 4.80 2.20
CA LEU A 76 8.80 3.63 2.96
C LEU A 76 8.36 2.50 2.03
N VAL A 77 7.68 2.86 0.95
CA VAL A 77 7.20 1.89 -0.02
C VAL A 77 8.37 1.18 -0.70
N ASP A 78 9.44 1.92 -0.97
CA ASP A 78 10.62 1.37 -1.61
C ASP A 78 11.29 0.33 -0.72
N TYR A 79 11.77 0.78 0.44
CA TYR A 79 12.44 -0.12 1.38
C TYR A 79 11.57 -1.33 1.69
N HIS A 80 10.36 -1.06 2.19
CA HIS A 80 9.43 -2.14 2.54
C HIS A 80 9.16 -3.03 1.33
N ARG A 81 9.26 -2.45 0.14
CA ARG A 81 9.02 -3.19 -1.09
C ARG A 81 10.17 -4.15 -1.38
N SER A 82 11.36 -3.82 -0.86
CA SER A 82 12.54 -4.65 -1.07
C SER A 82 12.77 -5.58 0.12
N THR A 83 12.05 -5.32 1.21
CA THR A 83 12.17 -6.13 2.42
C THR A 83 10.84 -6.75 2.79
N SER A 84 10.89 -7.88 3.50
CA SER A 84 9.68 -8.58 3.92
C SER A 84 8.64 -7.59 4.42
N VAL A 85 7.37 -8.03 4.46
CA VAL A 85 6.28 -7.18 4.93
C VAL A 85 5.41 -7.93 5.93
N SER A 86 4.96 -9.12 5.55
CA SER A 86 4.12 -9.93 6.42
C SER A 86 4.96 -10.83 7.32
N ARG A 87 4.55 -10.95 8.58
CA ARG A 87 5.26 -11.77 9.54
C ARG A 87 4.78 -13.22 9.49
N ASN A 88 4.40 -13.67 8.30
CA ASN A 88 3.90 -15.03 8.11
C ASN A 88 4.62 -15.71 6.96
N GLN A 89 4.63 -15.06 5.80
CA GLN A 89 5.29 -15.61 4.62
C GLN A 89 6.31 -14.63 4.06
N GLN A 90 6.97 -15.02 2.98
CA GLN A 90 7.98 -14.17 2.34
C GLN A 90 7.44 -13.55 1.06
N ILE A 91 6.86 -12.36 1.18
CA ILE A 91 6.31 -11.66 0.03
C ILE A 91 6.74 -10.20 0.02
N PHE A 92 6.91 -9.65 -1.19
CA PHE A 92 7.34 -8.26 -1.33
C PHE A 92 6.22 -7.42 -1.95
N LEU A 93 6.23 -6.12 -1.67
CA LEU A 93 5.22 -5.21 -2.19
C LEU A 93 5.43 -4.96 -3.68
N ARG A 94 4.54 -5.52 -4.50
CA ARG A 94 4.63 -5.35 -5.95
C ARG A 94 4.08 -4.00 -6.38
N ASP A 95 4.78 -3.35 -7.30
CA ASP A 95 4.37 -2.04 -7.80
C ASP A 95 3.02 -2.14 -8.53
N ILE A 96 1.97 -1.60 -7.90
CA ILE A 96 0.64 -1.62 -8.48
C ILE A 96 0.63 -0.97 -9.86
N GLU A 97 -0.27 -1.44 -10.73
CA GLU A 97 -0.38 -0.89 -12.07
C GLU A 97 -1.63 -0.03 -12.21
N GLN A 98 -1.46 1.28 -12.04
CA GLN A 98 -2.58 2.21 -12.14
C GLN A 98 -3.57 1.75 -13.21
N VAL A 99 -4.83 2.11 -13.02
CA VAL A 99 -5.87 1.74 -13.98
C VAL A 99 -5.35 1.78 -15.40
N PRO A 100 -5.74 0.77 -16.20
CA PRO A 100 -5.32 0.67 -17.61
C PRO A 100 -5.95 1.73 -18.48
N GLN A 101 -5.31 2.01 -19.62
CA GLN A 101 -5.81 3.02 -20.54
C GLN A 101 -5.74 2.52 -21.98
N GLN A 102 -6.89 2.16 -22.55
CA GLN A 102 -6.95 1.67 -23.91
C GLN A 102 -5.91 2.36 -24.79
N PRO A 103 -4.97 1.57 -25.33
CA PRO A 103 -3.91 2.07 -26.19
C PRO A 103 -4.43 2.54 -27.55
N THR A 104 -3.54 3.13 -28.35
CA THR A 104 -3.93 3.63 -29.66
C THR A 104 -4.05 2.49 -30.66
N TRP A 5 0.48 2.71 -6.59
CA TRP A 5 1.31 3.43 -5.62
C TRP A 5 0.44 4.20 -4.63
N PHE A 6 -0.18 5.27 -5.11
CA PHE A 6 -1.03 6.11 -4.27
C PHE A 6 -2.40 6.31 -4.91
N PHE A 7 -3.41 6.52 -4.08
CA PHE A 7 -4.77 6.73 -4.56
C PHE A 7 -5.48 7.80 -3.74
N GLY A 8 -6.14 8.71 -4.43
CA GLY A 8 -6.86 9.78 -3.74
C GLY A 8 -7.91 9.26 -2.78
N LYS A 9 -9.17 9.53 -3.07
CA LYS A 9 -10.27 9.09 -2.22
C LYS A 9 -10.96 7.87 -2.83
N ILE A 10 -10.64 6.69 -2.31
CA ILE A 10 -11.23 5.45 -2.79
C ILE A 10 -11.66 4.56 -1.63
N PRO A 11 -12.83 3.92 -1.79
CA PRO A 11 -13.39 3.02 -0.77
C PRO A 11 -12.57 1.73 -0.63
N ARG A 12 -12.42 1.26 0.60
CA ARG A 12 -11.66 0.04 0.86
C ARG A 12 -11.87 -0.98 -0.25
N ALA A 13 -13.11 -1.09 -0.72
CA ALA A 13 -13.44 -2.02 -1.79
C ALA A 13 -12.58 -1.77 -3.03
N LYS A 14 -12.65 -0.55 -3.55
CA LYS A 14 -11.88 -0.18 -4.73
C LYS A 14 -10.42 -0.61 -4.58
N ALA A 15 -9.86 -0.38 -3.40
CA ALA A 15 -8.47 -0.74 -3.13
C ALA A 15 -8.21 -2.20 -3.45
N GLU A 16 -8.99 -3.09 -2.84
CA GLU A 16 -8.85 -4.52 -3.07
C GLU A 16 -8.92 -4.85 -4.56
N GLU A 17 -9.70 -4.06 -5.29
CA GLU A 17 -9.86 -4.27 -6.72
C GLU A 17 -8.60 -3.83 -7.48
N MET A 18 -8.08 -2.67 -7.13
CA MET A 18 -6.88 -2.15 -7.76
C MET A 18 -5.72 -3.14 -7.66
N LEU A 19 -5.71 -3.91 -6.58
CA LEU A 19 -4.66 -4.90 -6.37
C LEU A 19 -5.04 -6.24 -7.00
N SER A 20 -6.25 -6.70 -6.71
CA SER A 20 -6.74 -7.96 -7.24
C SER A 20 -6.59 -8.00 -8.76
N LYS A 21 -7.01 -6.93 -9.41
CA LYS A 21 -6.92 -6.83 -10.87
C LYS A 21 -5.49 -7.06 -11.34
N GLN A 22 -4.53 -6.91 -10.43
CA GLN A 22 -3.13 -7.11 -10.76
C GLN A 22 -2.82 -8.58 -10.96
N ARG A 23 -1.67 -8.87 -11.58
CA ARG A 23 -1.25 -10.23 -11.83
C ARG A 23 -0.22 -10.69 -10.82
N HIS A 24 0.68 -9.78 -10.45
CA HIS A 24 1.73 -10.09 -9.48
C HIS A 24 1.13 -10.43 -8.12
N ASP A 25 2.00 -10.63 -7.14
CA ASP A 25 1.56 -10.96 -5.79
C ASP A 25 2.22 -10.05 -4.76
N GLY A 26 1.43 -9.13 -4.20
CA GLY A 26 1.96 -8.21 -3.20
C GLY A 26 1.75 -6.77 -3.59
N ALA A 27 0.79 -6.52 -4.46
CA ALA A 27 0.48 -5.17 -4.91
C ALA A 27 0.09 -4.28 -3.74
N PHE A 28 0.75 -3.13 -3.62
CA PHE A 28 0.48 -2.19 -2.55
C PHE A 28 -0.20 -0.93 -3.08
N LEU A 29 -1.03 -0.31 -2.26
CA LEU A 29 -1.73 0.91 -2.65
C LEU A 29 -2.05 1.77 -1.43
N ILE A 30 -1.43 2.93 -1.36
CA ILE A 30 -1.65 3.85 -0.24
C ILE A 30 -2.77 4.84 -0.56
N ARG A 31 -3.88 4.71 0.15
CA ARG A 31 -5.02 5.59 -0.04
C ARG A 31 -5.14 6.60 1.09
N GLU A 32 -5.76 7.74 0.81
CA GLU A 32 -5.93 8.79 1.80
C GLU A 32 -7.39 8.92 2.22
N SER A 33 -7.63 9.04 3.52
CA SER A 33 -8.98 9.16 4.04
C SER A 33 -9.80 10.14 3.21
N GLU A 34 -11.12 10.12 3.41
CA GLU A 34 -12.01 11.01 2.66
C GLU A 34 -12.37 12.24 3.50
N SER A 35 -12.17 12.13 4.81
CA SER A 35 -12.47 13.23 5.72
C SER A 35 -11.33 13.46 6.69
N ALA A 36 -10.23 12.74 6.49
CA ALA A 36 -9.06 12.87 7.35
C ALA A 36 -7.82 13.21 6.54
N PRO A 37 -7.50 14.51 6.45
CA PRO A 37 -6.35 15.00 5.70
C PRO A 37 -5.03 14.64 6.37
N GLY A 38 -4.18 13.90 5.66
CA GLY A 38 -2.90 13.50 6.21
C GLY A 38 -2.86 12.03 6.57
N ASP A 39 -4.03 11.40 6.63
CA ASP A 39 -4.12 9.99 6.96
C ASP A 39 -3.62 9.13 5.81
N PHE A 40 -2.76 8.16 6.13
CA PHE A 40 -2.20 7.26 5.13
C PHE A 40 -2.47 5.81 5.49
N SER A 41 -2.95 5.04 4.52
CA SER A 41 -3.25 3.63 4.72
C SER A 41 -2.79 2.80 3.54
N LEU A 42 -1.91 1.83 3.80
CA LEU A 42 -1.38 0.96 2.76
C LEU A 42 -2.26 -0.29 2.61
N SER A 43 -2.56 -0.64 1.36
CA SER A 43 -3.38 -1.81 1.08
C SER A 43 -2.62 -2.83 0.23
N VAL A 44 -2.32 -3.97 0.83
CA VAL A 44 -1.59 -5.03 0.14
C VAL A 44 -2.49 -6.25 -0.09
N LYS A 45 -2.36 -6.84 -1.28
CA LYS A 45 -3.15 -8.02 -1.63
C LYS A 45 -2.47 -9.29 -1.15
N PHE A 46 -3.25 -10.18 -0.54
CA PHE A 46 -2.73 -11.45 -0.03
C PHE A 46 -3.69 -12.59 -0.32
N GLY A 47 -3.49 -13.26 -1.45
CA GLY A 47 -4.35 -14.36 -1.82
C GLY A 47 -5.75 -13.91 -2.20
N ASN A 48 -6.76 -14.56 -1.61
CA ASN A 48 -8.14 -14.22 -1.90
C ASN A 48 -8.65 -13.17 -0.91
N ASP A 49 -7.74 -12.53 -0.21
CA ASP A 49 -8.10 -11.50 0.77
C ASP A 49 -7.06 -10.38 0.79
N VAL A 50 -7.52 -9.16 0.54
CA VAL A 50 -6.64 -8.01 0.52
C VAL A 50 -6.51 -7.39 1.92
N GLN A 51 -5.30 -7.44 2.48
CA GLN A 51 -5.05 -6.90 3.81
C GLN A 51 -4.59 -5.44 3.71
N HIS A 52 -4.45 -4.80 4.87
CA HIS A 52 -4.02 -3.40 4.93
C HIS A 52 -3.17 -3.16 6.16
N PHE A 53 -2.49 -2.01 6.19
CA PHE A 53 -1.64 -1.64 7.31
C PHE A 53 -1.80 -0.16 7.66
N LYS A 54 -2.09 0.12 8.92
CA LYS A 54 -2.28 1.49 9.38
C LYS A 54 -0.93 2.20 9.52
N VAL A 55 -0.78 3.32 8.83
CA VAL A 55 0.46 4.09 8.88
C VAL A 55 0.43 5.09 10.03
N LEU A 56 1.50 5.10 10.82
CA LEU A 56 1.61 6.00 11.95
C LEU A 56 2.47 7.21 11.61
N ARG A 57 2.16 8.35 12.22
CA ARG A 57 2.92 9.57 11.97
C ARG A 57 3.19 10.31 13.27
N ASP A 58 4.47 10.54 13.57
CA ASP A 58 4.86 11.23 14.79
C ASP A 58 6.09 12.10 14.54
N GLY A 59 6.50 12.85 15.57
CA GLY A 59 7.65 13.72 15.44
C GLY A 59 7.33 15.00 14.70
N ALA A 60 6.85 14.87 13.47
CA ALA A 60 6.51 16.02 12.64
C ALA A 60 5.96 15.59 11.29
N GLY A 61 6.71 14.74 10.59
CA GLY A 61 6.27 14.27 9.29
C GLY A 61 6.89 12.94 8.93
N LYS A 62 7.29 12.17 9.94
CA LYS A 62 7.90 10.86 9.73
C LYS A 62 6.86 9.75 9.91
N TYR A 63 7.02 8.69 9.13
CA TYR A 63 6.10 7.55 9.19
C TYR A 63 6.78 6.34 9.83
N PHE A 64 5.96 5.40 10.30
CA PHE A 64 6.48 4.19 10.93
C PHE A 64 5.36 3.19 11.18
N LEU A 65 5.74 1.95 11.48
CA LEU A 65 4.77 0.89 11.73
C LEU A 65 5.20 0.03 12.92
N TRP A 66 6.04 -0.96 12.65
CA TRP A 66 6.53 -1.85 13.70
C TRP A 66 7.65 -1.19 14.49
N VAL A 67 8.87 -1.25 13.95
CA VAL A 67 10.03 -0.66 14.60
C VAL A 67 10.87 0.15 13.62
N VAL A 68 10.32 0.37 12.43
CA VAL A 68 11.02 1.13 11.39
C VAL A 68 10.28 2.43 11.07
N LYS A 69 11.04 3.47 10.76
CA LYS A 69 10.47 4.77 10.43
C LYS A 69 11.26 5.45 9.32
N PHE A 70 10.69 6.51 8.75
CA PHE A 70 11.35 7.25 7.68
C PHE A 70 10.78 8.66 7.58
N ASN A 71 11.33 9.44 6.65
CA ASN A 71 10.89 10.82 6.45
C ASN A 71 9.71 10.87 5.47
N SER A 72 9.86 10.17 4.35
CA SER A 72 8.81 10.15 3.33
C SER A 72 8.17 8.76 3.25
N LEU A 73 6.98 8.71 2.66
CA LEU A 73 6.26 7.44 2.52
C LEU A 73 6.98 6.50 1.56
N ASN A 74 7.60 7.08 0.53
CA ASN A 74 8.33 6.29 -0.46
C ASN A 74 9.31 5.34 0.23
N GLU A 75 10.01 5.84 1.24
CA GLU A 75 10.98 5.04 1.97
C GLU A 75 10.33 3.77 2.52
N LEU A 76 9.02 3.82 2.71
CA LEU A 76 8.27 2.68 3.23
C LEU A 76 7.94 1.70 2.11
N VAL A 77 7.53 2.23 0.96
CA VAL A 77 7.17 1.40 -0.19
C VAL A 77 8.35 0.53 -0.62
N ASP A 78 9.54 1.12 -0.63
CA ASP A 78 10.75 0.41 -1.02
C ASP A 78 11.19 -0.56 0.08
N TYR A 79 11.42 -0.03 1.27
CA TYR A 79 11.85 -0.84 2.40
C TYR A 79 11.06 -2.14 2.46
N HIS A 80 9.78 -2.06 2.12
CA HIS A 80 8.91 -3.23 2.14
C HIS A 80 9.05 -4.04 0.85
N ARG A 81 9.37 -3.36 -0.23
CA ARG A 81 9.54 -4.00 -1.53
C ARG A 81 10.63 -5.07 -1.46
N SER A 82 11.60 -4.85 -0.57
CA SER A 82 12.71 -5.79 -0.42
C SER A 82 12.53 -6.63 0.85
N THR A 83 11.87 -6.05 1.85
CA THR A 83 11.64 -6.75 3.10
C THR A 83 10.17 -7.16 3.24
N SER A 84 9.95 -8.39 3.70
CA SER A 84 8.59 -8.91 3.86
C SER A 84 7.76 -7.95 4.71
N VAL A 85 6.44 -8.07 4.58
CA VAL A 85 5.52 -7.22 5.34
C VAL A 85 4.50 -8.05 6.10
N SER A 86 4.45 -9.35 5.81
CA SER A 86 3.52 -10.26 6.46
C SER A 86 4.22 -11.07 7.55
N ARG A 87 3.52 -11.28 8.66
CA ARG A 87 4.07 -12.04 9.78
C ARG A 87 3.54 -13.47 9.78
N ASN A 88 3.03 -13.91 8.64
CA ASN A 88 2.48 -15.25 8.50
C ASN A 88 3.17 -16.02 7.39
N GLN A 89 3.38 -15.34 6.26
CA GLN A 89 4.04 -15.96 5.11
C GLN A 89 5.22 -15.12 4.64
N GLN A 90 5.88 -15.57 3.58
CA GLN A 90 7.03 -14.87 3.03
C GLN A 90 6.68 -14.21 1.70
N ILE A 91 6.29 -12.94 1.76
CA ILE A 91 5.93 -12.19 0.56
C ILE A 91 6.58 -10.82 0.54
N PHE A 92 6.75 -10.25 -0.65
CA PHE A 92 7.37 -8.95 -0.79
C PHE A 92 6.37 -7.93 -1.35
N LEU A 93 6.67 -6.65 -1.18
CA LEU A 93 5.79 -5.60 -1.67
C LEU A 93 6.04 -5.31 -3.15
N ARG A 94 5.08 -5.69 -3.98
CA ARG A 94 5.19 -5.48 -5.42
C ARG A 94 4.55 -4.16 -5.83
N ASP A 95 5.28 -3.36 -6.60
CA ASP A 95 4.78 -2.07 -7.07
C ASP A 95 3.52 -2.25 -7.91
N ILE A 96 2.39 -1.81 -7.37
CA ILE A 96 1.12 -1.92 -8.07
C ILE A 96 1.18 -1.20 -9.43
N GLU A 97 0.39 -1.70 -10.38
CA GLU A 97 0.35 -1.11 -11.71
C GLU A 97 -0.86 -0.19 -11.86
N GLN A 98 -0.64 1.10 -11.65
CA GLN A 98 -1.71 2.08 -11.75
C GLN A 98 -2.34 2.06 -13.15
N VAL A 99 -3.46 2.77 -13.30
CA VAL A 99 -4.15 2.81 -14.58
C VAL A 99 -3.18 3.02 -15.74
N PRO A 100 -3.28 2.16 -16.75
CA PRO A 100 -2.42 2.22 -17.93
C PRO A 100 -2.71 3.43 -18.81
N GLN A 101 -1.70 3.90 -19.53
CA GLN A 101 -1.86 5.05 -20.40
C GLN A 101 -0.81 5.05 -21.51
N GLN A 102 -1.02 4.22 -22.53
CA GLN A 102 -0.08 4.12 -23.64
C GLN A 102 -0.72 3.39 -24.81
N PRO A 103 -0.41 3.84 -26.03
CA PRO A 103 -0.93 3.24 -27.27
C PRO A 103 -0.34 1.86 -27.52
N THR A 104 -1.06 1.05 -28.30
CA THR A 104 -0.61 -0.30 -28.63
C THR A 104 -0.06 -0.37 -30.05
N TRP A 5 1.42 4.04 -7.09
CA TRP A 5 0.89 3.00 -6.23
C TRP A 5 -0.11 3.57 -5.23
N PHE A 6 -0.49 4.83 -5.43
CA PHE A 6 -1.44 5.50 -4.56
C PHE A 6 -2.82 5.55 -5.18
N PHE A 7 -3.85 5.56 -4.34
CA PHE A 7 -5.23 5.60 -4.81
C PHE A 7 -6.06 6.58 -3.98
N GLY A 8 -6.80 7.44 -4.67
CA GLY A 8 -7.63 8.41 -3.98
C GLY A 8 -8.59 7.77 -3.00
N LYS A 9 -9.60 8.54 -2.57
CA LYS A 9 -10.59 8.03 -1.63
C LYS A 9 -11.31 6.81 -2.19
N ILE A 10 -10.86 5.63 -1.79
CA ILE A 10 -11.45 4.38 -2.24
C ILE A 10 -11.81 3.48 -1.08
N PRO A 11 -13.01 2.86 -1.15
CA PRO A 11 -13.50 1.97 -0.10
C PRO A 11 -12.72 0.66 -0.04
N ARG A 12 -12.44 0.18 1.16
CA ARG A 12 -11.70 -1.06 1.35
C ARG A 12 -12.01 -2.04 0.24
N ALA A 13 -13.29 -2.18 -0.10
CA ALA A 13 -13.72 -3.09 -1.16
C ALA A 13 -12.96 -2.82 -2.45
N LYS A 14 -12.98 -1.56 -2.89
CA LYS A 14 -12.30 -1.18 -4.12
C LYS A 14 -10.84 -1.61 -4.09
N ALA A 15 -10.15 -1.32 -2.98
CA ALA A 15 -8.76 -1.68 -2.84
C ALA A 15 -8.55 -3.18 -3.03
N GLU A 16 -9.38 -3.97 -2.36
CA GLU A 16 -9.28 -5.43 -2.46
C GLU A 16 -9.41 -5.88 -3.92
N GLU A 17 -10.19 -5.14 -4.70
CA GLU A 17 -10.39 -5.47 -6.11
C GLU A 17 -9.18 -5.07 -6.93
N MET A 18 -8.64 -3.88 -6.67
CA MET A 18 -7.48 -3.39 -7.39
C MET A 18 -6.32 -4.38 -7.29
N LEU A 19 -6.24 -5.07 -6.16
CA LEU A 19 -5.18 -6.05 -5.93
C LEU A 19 -5.59 -7.43 -6.44
N SER A 20 -6.82 -7.81 -6.13
CA SER A 20 -7.34 -9.12 -6.56
C SER A 20 -7.23 -9.28 -8.06
N LYS A 21 -7.52 -8.20 -8.79
CA LYS A 21 -7.45 -8.22 -10.24
C LYS A 21 -6.03 -8.51 -10.72
N GLN A 22 -5.05 -8.23 -9.87
CA GLN A 22 -3.65 -8.46 -10.21
C GLN A 22 -3.37 -9.95 -10.37
N ARG A 23 -2.25 -10.27 -10.99
CA ARG A 23 -1.86 -11.67 -11.21
C ARG A 23 -0.79 -12.09 -10.21
N HIS A 24 0.06 -11.16 -9.81
CA HIS A 24 1.13 -11.44 -8.86
C HIS A 24 0.56 -11.71 -7.47
N ASP A 25 1.44 -11.81 -6.48
CA ASP A 25 1.03 -12.05 -5.11
C ASP A 25 1.71 -11.08 -4.15
N GLY A 26 0.91 -10.28 -3.45
CA GLY A 26 1.46 -9.32 -2.51
C GLY A 26 1.33 -7.89 -3.02
N ALA A 27 0.35 -7.64 -3.87
CA ALA A 27 0.13 -6.31 -4.41
C ALA A 27 -0.12 -5.29 -3.32
N PHE A 28 0.62 -4.19 -3.36
CA PHE A 28 0.48 -3.14 -2.36
C PHE A 28 -0.18 -1.90 -2.95
N LEU A 29 -1.10 -1.31 -2.20
CA LEU A 29 -1.82 -0.12 -2.65
C LEU A 29 -2.17 0.78 -1.48
N ILE A 30 -1.65 2.00 -1.50
CA ILE A 30 -1.92 2.98 -0.44
C ILE A 30 -3.06 3.91 -0.82
N ARG A 31 -4.08 3.97 0.02
CA ARG A 31 -5.23 4.84 -0.22
C ARG A 31 -5.32 5.94 0.83
N GLU A 32 -5.88 7.07 0.44
CA GLU A 32 -6.03 8.20 1.36
C GLU A 32 -7.43 8.24 1.95
N SER A 33 -7.53 8.71 3.19
CA SER A 33 -8.80 8.79 3.89
C SER A 33 -9.68 9.87 3.27
N GLU A 34 -10.98 9.81 3.55
CA GLU A 34 -11.93 10.78 3.02
C GLU A 34 -12.03 11.99 3.93
N SER A 35 -12.41 11.77 5.18
CA SER A 35 -12.54 12.85 6.16
C SER A 35 -11.32 12.90 7.08
N ALA A 36 -10.18 12.47 6.55
CA ALA A 36 -8.94 12.47 7.32
C ALA A 36 -7.76 12.86 6.44
N PRO A 37 -7.56 14.18 6.28
CA PRO A 37 -6.47 14.72 5.46
C PRO A 37 -5.10 14.50 6.11
N GLY A 38 -4.14 14.04 5.32
CA GLY A 38 -2.81 13.80 5.83
C GLY A 38 -2.63 12.39 6.37
N ASP A 39 -3.68 11.58 6.25
CA ASP A 39 -3.64 10.20 6.73
C ASP A 39 -3.44 9.23 5.57
N PHE A 40 -2.53 8.27 5.76
CA PHE A 40 -2.23 7.28 4.74
C PHE A 40 -2.43 5.87 5.27
N SER A 41 -3.01 5.00 4.43
CA SER A 41 -3.26 3.62 4.82
C SER A 41 -2.91 2.67 3.68
N LEU A 42 -2.05 1.70 3.98
CA LEU A 42 -1.63 0.72 2.98
C LEU A 42 -2.58 -0.48 2.96
N SER A 43 -2.59 -1.20 1.84
CA SER A 43 -3.46 -2.36 1.70
C SER A 43 -2.80 -3.41 0.80
N VAL A 44 -2.32 -4.49 1.41
CA VAL A 44 -1.67 -5.56 0.67
C VAL A 44 -2.58 -6.79 0.57
N LYS A 45 -2.43 -7.54 -0.51
CA LYS A 45 -3.23 -8.74 -0.72
C LYS A 45 -2.50 -9.98 -0.24
N PHE A 46 -3.19 -10.83 0.51
CA PHE A 46 -2.60 -12.05 1.03
C PHE A 46 -3.52 -13.25 0.78
N GLY A 47 -3.20 -14.01 -0.26
CA GLY A 47 -4.01 -15.18 -0.59
C GLY A 47 -5.46 -14.82 -0.83
N ASN A 48 -6.35 -15.39 -0.02
CA ASN A 48 -7.79 -15.14 -0.16
C ASN A 48 -8.24 -14.09 0.85
N ASP A 49 -7.29 -13.31 1.35
CA ASP A 49 -7.60 -12.26 2.32
C ASP A 49 -6.78 -11.01 2.03
N VAL A 50 -7.40 -9.85 2.25
CA VAL A 50 -6.74 -8.57 2.01
C VAL A 50 -6.43 -7.85 3.32
N GLN A 51 -5.15 -7.70 3.62
CA GLN A 51 -4.73 -7.04 4.85
C GLN A 51 -4.29 -5.60 4.57
N HIS A 52 -4.06 -4.83 5.63
CA HIS A 52 -3.64 -3.45 5.50
C HIS A 52 -2.66 -3.07 6.61
N PHE A 53 -2.04 -1.90 6.46
CA PHE A 53 -1.08 -1.43 7.45
C PHE A 53 -1.25 0.07 7.70
N LYS A 54 -1.57 0.43 8.95
CA LYS A 54 -1.77 1.82 9.32
C LYS A 54 -0.45 2.58 9.28
N VAL A 55 -0.44 3.70 8.55
CA VAL A 55 0.76 4.52 8.43
C VAL A 55 0.65 5.78 9.30
N LEU A 56 1.76 6.15 9.93
CA LEU A 56 1.79 7.34 10.78
C LEU A 56 2.83 8.33 10.30
N ARG A 57 2.75 9.55 10.80
CA ARG A 57 3.69 10.60 10.41
C ARG A 57 4.04 11.48 11.61
N ASP A 58 5.33 11.77 11.76
CA ASP A 58 5.80 12.61 12.87
C ASP A 58 6.76 13.68 12.38
N GLY A 59 7.02 14.68 13.22
CA GLY A 59 7.93 15.75 12.84
C GLY A 59 7.27 16.78 11.95
N ALA A 60 6.52 16.31 10.96
CA ALA A 60 5.83 17.21 10.03
C ALA A 60 5.44 16.48 8.75
N GLY A 61 6.12 15.35 8.48
CA GLY A 61 5.82 14.58 7.29
C GLY A 61 6.44 13.20 7.33
N LYS A 62 7.59 13.09 7.98
CA LYS A 62 8.28 11.81 8.09
C LYS A 62 7.32 10.70 8.53
N TYR A 63 7.16 9.71 7.66
CA TYR A 63 6.26 8.59 7.95
C TYR A 63 7.02 7.46 8.65
N PHE A 64 6.27 6.60 9.33
CA PHE A 64 6.86 5.47 10.05
C PHE A 64 5.79 4.52 10.55
N LEU A 65 6.21 3.34 10.99
CA LEU A 65 5.28 2.34 11.50
C LEU A 65 5.83 1.69 12.78
N TRP A 66 6.49 0.55 12.62
CA TRP A 66 7.06 -0.15 13.75
C TRP A 66 8.29 -0.96 13.33
N VAL A 67 8.81 -0.66 12.15
CA VAL A 67 9.98 -1.36 11.63
C VAL A 67 11.01 -0.36 11.09
N VAL A 68 10.53 0.76 10.57
CA VAL A 68 11.42 1.78 10.02
C VAL A 68 10.65 3.08 9.75
N LYS A 69 11.38 4.14 9.42
CA LYS A 69 10.77 5.43 9.14
C LYS A 69 11.49 6.13 7.99
N PHE A 70 10.81 7.09 7.38
CA PHE A 70 11.40 7.84 6.26
C PHE A 70 10.76 9.23 6.15
N ASN A 71 11.25 10.02 5.20
CA ASN A 71 10.73 11.36 4.99
C ASN A 71 9.45 11.33 4.16
N SER A 72 9.48 10.55 3.08
CA SER A 72 8.32 10.43 2.20
C SER A 72 7.81 9.00 2.17
N LEU A 73 6.69 8.79 1.48
CA LEU A 73 6.10 7.46 1.37
C LEU A 73 6.89 6.59 0.40
N ASN A 74 7.28 7.18 -0.72
CA ASN A 74 8.05 6.47 -1.74
C ASN A 74 9.18 5.66 -1.09
N GLU A 75 9.96 6.32 -0.25
CA GLU A 75 11.07 5.66 0.42
C GLU A 75 10.58 4.54 1.33
N LEU A 76 9.35 4.67 1.80
CA LEU A 76 8.75 3.66 2.67
C LEU A 76 8.40 2.40 1.89
N VAL A 77 7.72 2.58 0.77
CA VAL A 77 7.32 1.45 -0.07
C VAL A 77 8.55 0.75 -0.64
N ASP A 78 9.61 1.50 -0.86
CA ASP A 78 10.85 0.94 -1.41
C ASP A 78 11.50 -0.01 -0.41
N TYR A 79 11.62 0.44 0.84
CA TYR A 79 12.23 -0.38 1.88
C TYR A 79 11.28 -1.49 2.32
N HIS A 80 9.99 -1.21 2.28
CA HIS A 80 8.97 -2.19 2.67
C HIS A 80 8.86 -3.30 1.64
N ARG A 81 9.00 -2.93 0.37
CA ARG A 81 8.92 -3.90 -0.72
C ARG A 81 10.19 -4.74 -0.80
N SER A 82 11.31 -4.15 -0.39
CA SER A 82 12.60 -4.85 -0.42
C SER A 82 12.81 -5.63 0.86
N THR A 83 12.04 -5.31 1.89
CA THR A 83 12.15 -5.99 3.18
C THR A 83 10.85 -6.70 3.54
N SER A 84 10.95 -7.76 4.33
CA SER A 84 9.78 -8.52 4.74
C SER A 84 8.68 -7.61 5.26
N VAL A 85 7.46 -8.11 5.30
CA VAL A 85 6.32 -7.34 5.77
C VAL A 85 5.34 -8.21 6.54
N SER A 86 5.18 -9.45 6.10
CA SER A 86 4.28 -10.39 6.74
C SER A 86 4.96 -11.10 7.92
N ARG A 87 4.29 -11.13 9.06
CA ARG A 87 4.82 -11.77 10.24
C ARG A 87 4.47 -13.25 10.28
N ASN A 88 4.16 -13.81 9.11
CA ASN A 88 3.81 -15.22 9.00
C ASN A 88 4.68 -15.93 7.97
N GLN A 89 4.76 -15.36 6.77
CA GLN A 89 5.55 -15.94 5.70
C GLN A 89 6.55 -14.92 5.15
N GLN A 90 7.26 -15.30 4.09
CA GLN A 90 8.24 -14.42 3.48
C GLN A 90 7.75 -13.92 2.13
N ILE A 91 7.01 -12.81 2.16
CA ILE A 91 6.48 -12.22 0.93
C ILE A 91 6.88 -10.75 0.81
N PHE A 92 7.00 -10.29 -0.43
CA PHE A 92 7.38 -8.90 -0.69
C PHE A 92 6.25 -8.14 -1.37
N LEU A 93 6.31 -6.82 -1.29
CA LEU A 93 5.28 -5.98 -1.90
C LEU A 93 5.42 -5.97 -3.42
N ARG A 94 4.48 -6.61 -4.10
CA ARG A 94 4.50 -6.68 -5.56
C ARG A 94 4.02 -5.37 -6.17
N ASP A 95 4.72 -4.90 -7.19
CA ASP A 95 4.37 -3.65 -7.87
C ASP A 95 2.96 -3.73 -8.46
N ILE A 96 2.04 -2.95 -7.90
CA ILE A 96 0.66 -2.94 -8.38
C ILE A 96 0.54 -2.18 -9.70
N GLU A 97 -0.38 -2.62 -10.54
CA GLU A 97 -0.60 -1.98 -11.83
C GLU A 97 -1.59 -0.83 -11.72
N GLN A 98 -1.09 0.35 -11.42
CA GLN A 98 -1.93 1.54 -11.28
C GLN A 98 -2.93 1.64 -12.42
N VAL A 99 -4.10 2.20 -12.15
CA VAL A 99 -5.14 2.36 -13.15
C VAL A 99 -4.54 2.71 -14.50
N PRO A 100 -4.88 1.92 -15.54
CA PRO A 100 -4.40 2.14 -16.90
C PRO A 100 -4.98 3.39 -17.53
N GLN A 101 -4.22 4.01 -18.43
CA GLN A 101 -4.66 5.22 -19.12
C GLN A 101 -3.78 5.52 -20.32
N GLN A 102 -4.05 4.83 -21.42
CA GLN A 102 -3.28 5.02 -22.65
C GLN A 102 -3.89 4.26 -23.81
N PRO A 103 -4.39 5.00 -24.82
CA PRO A 103 -5.02 4.41 -26.00
C PRO A 103 -4.00 3.70 -26.90
N THR A 104 -4.48 2.69 -27.62
CA THR A 104 -3.62 1.92 -28.51
C THR A 104 -4.14 1.98 -29.95
N TRP A 5 0.57 3.93 -7.26
CA TRP A 5 -0.04 2.97 -6.34
C TRP A 5 -0.93 3.68 -5.32
N PHE A 6 -0.93 5.02 -5.38
CA PHE A 6 -1.73 5.81 -4.45
C PHE A 6 -3.11 6.09 -5.03
N PHE A 7 -4.12 6.12 -4.17
CA PHE A 7 -5.49 6.38 -4.60
C PHE A 7 -6.11 7.49 -3.77
N GLY A 8 -6.67 8.49 -4.45
CA GLY A 8 -7.29 9.61 -3.76
C GLY A 8 -8.12 9.16 -2.58
N LYS A 9 -9.42 8.98 -2.80
CA LYS A 9 -10.33 8.55 -1.74
C LYS A 9 -11.20 7.39 -2.20
N ILE A 10 -10.92 6.20 -1.67
CA ILE A 10 -11.68 5.01 -2.02
C ILE A 10 -12.02 4.18 -0.78
N PRO A 11 -13.19 3.54 -0.80
CA PRO A 11 -13.66 2.70 0.31
C PRO A 11 -12.85 1.42 0.44
N ARG A 12 -12.48 1.08 1.67
CA ARG A 12 -11.70 -0.12 1.93
C ARG A 12 -12.07 -1.24 0.95
N ALA A 13 -13.36 -1.34 0.65
CA ALA A 13 -13.85 -2.35 -0.28
C ALA A 13 -13.14 -2.26 -1.63
N LYS A 14 -13.20 -1.08 -2.24
CA LYS A 14 -12.56 -0.86 -3.53
C LYS A 14 -11.09 -1.24 -3.48
N ALA A 15 -10.42 -0.86 -2.39
CA ALA A 15 -9.01 -1.17 -2.21
C ALA A 15 -8.74 -2.66 -2.42
N GLU A 16 -9.34 -3.48 -1.58
CA GLU A 16 -9.16 -4.94 -1.67
C GLU A 16 -9.45 -5.44 -3.08
N GLU A 17 -10.38 -4.76 -3.75
CA GLU A 17 -10.76 -5.13 -5.11
C GLU A 17 -9.63 -4.85 -6.10
N MET A 18 -9.02 -3.67 -5.96
CA MET A 18 -7.92 -3.27 -6.83
C MET A 18 -6.78 -4.30 -6.77
N LEU A 19 -6.55 -4.85 -5.59
CA LEU A 19 -5.49 -5.83 -5.39
C LEU A 19 -5.95 -7.21 -5.85
N SER A 20 -7.15 -7.60 -5.43
CA SER A 20 -7.70 -8.90 -5.81
C SER A 20 -7.74 -9.07 -7.32
N LYS A 21 -8.23 -8.05 -8.01
CA LYS A 21 -8.31 -8.08 -9.47
C LYS A 21 -6.96 -8.40 -10.09
N GLN A 22 -5.90 -8.14 -9.33
CA GLN A 22 -4.54 -8.40 -9.80
C GLN A 22 -4.30 -9.90 -9.96
N ARG A 23 -3.18 -10.26 -10.59
CA ARG A 23 -2.83 -11.65 -10.81
C ARG A 23 -1.65 -12.06 -9.95
N HIS A 24 -0.73 -11.12 -9.72
CA HIS A 24 0.45 -11.38 -8.91
C HIS A 24 0.08 -11.58 -7.45
N ASP A 25 1.08 -11.74 -6.60
CA ASP A 25 0.85 -11.93 -5.17
C ASP A 25 1.66 -10.93 -4.35
N GLY A 26 0.95 -9.99 -3.72
CA GLY A 26 1.61 -8.99 -2.92
C GLY A 26 1.27 -7.58 -3.35
N ALA A 27 0.20 -7.44 -4.12
CA ALA A 27 -0.24 -6.14 -4.60
C ALA A 27 -0.54 -5.19 -3.45
N PHE A 28 0.01 -3.98 -3.51
CA PHE A 28 -0.21 -2.99 -2.46
C PHE A 28 -0.84 -1.72 -3.04
N LEU A 29 -1.53 -0.98 -2.20
CA LEU A 29 -2.18 0.26 -2.62
C LEU A 29 -2.43 1.18 -1.42
N ILE A 30 -1.86 2.38 -1.48
CA ILE A 30 -2.02 3.35 -0.40
C ILE A 30 -3.16 4.32 -0.70
N ARG A 31 -4.20 4.28 0.12
CA ARG A 31 -5.35 5.15 -0.06
C ARG A 31 -5.40 6.22 1.03
N GLU A 32 -5.98 7.37 0.69
CA GLU A 32 -6.09 8.47 1.64
C GLU A 32 -7.55 8.86 1.87
N SER A 33 -7.85 9.29 3.09
CA SER A 33 -9.21 9.68 3.44
C SER A 33 -9.78 10.64 2.41
N GLU A 34 -11.06 10.99 2.56
CA GLU A 34 -11.72 11.90 1.64
C GLU A 34 -11.63 13.34 2.13
N SER A 35 -11.94 13.55 3.41
CA SER A 35 -11.89 14.87 4.00
C SER A 35 -10.89 14.92 5.15
N ALA A 36 -9.78 14.19 5.00
CA ALA A 36 -8.75 14.15 6.03
C ALA A 36 -7.37 14.06 5.40
N PRO A 37 -6.78 15.21 5.09
CA PRO A 37 -5.44 15.29 4.48
C PRO A 37 -4.34 14.88 5.46
N GLY A 38 -3.69 13.76 5.16
CA GLY A 38 -2.61 13.28 6.01
C GLY A 38 -2.80 11.82 6.41
N ASP A 39 -4.02 11.33 6.26
CA ASP A 39 -4.33 9.94 6.61
C ASP A 39 -3.95 9.01 5.47
N PHE A 40 -2.91 8.20 5.69
CA PHE A 40 -2.44 7.26 4.69
C PHE A 40 -2.47 5.83 5.22
N SER A 41 -2.96 4.90 4.40
CA SER A 41 -3.06 3.51 4.78
C SER A 41 -2.71 2.59 3.62
N LEU A 42 -1.79 1.66 3.85
CA LEU A 42 -1.37 0.72 2.82
C LEU A 42 -2.20 -0.55 2.86
N SER A 43 -2.65 -1.00 1.69
CA SER A 43 -3.46 -2.20 1.61
C SER A 43 -2.78 -3.25 0.73
N VAL A 44 -2.34 -4.34 1.36
CA VAL A 44 -1.66 -5.42 0.65
C VAL A 44 -2.53 -6.67 0.60
N LYS A 45 -2.55 -7.33 -0.55
CA LYS A 45 -3.34 -8.55 -0.72
C LYS A 45 -2.56 -9.77 -0.24
N PHE A 46 -3.23 -10.63 0.52
CA PHE A 46 -2.61 -11.84 1.05
C PHE A 46 -3.57 -13.02 0.97
N GLY A 47 -3.50 -13.76 -0.13
CA GLY A 47 -4.37 -14.92 -0.30
C GLY A 47 -5.80 -14.52 -0.57
N ASN A 48 -6.71 -15.01 0.26
CA ASN A 48 -8.14 -14.70 0.11
C ASN A 48 -8.56 -13.58 1.05
N ASP A 49 -7.58 -12.92 1.67
CA ASP A 49 -7.84 -11.83 2.58
C ASP A 49 -6.80 -10.72 2.43
N VAL A 50 -7.29 -9.49 2.21
CA VAL A 50 -6.40 -8.35 2.04
C VAL A 50 -6.13 -7.67 3.37
N GLN A 51 -4.85 -7.58 3.74
CA GLN A 51 -4.46 -6.94 4.99
C GLN A 51 -4.18 -5.46 4.78
N HIS A 52 -3.94 -4.75 5.89
CA HIS A 52 -3.65 -3.32 5.83
C HIS A 52 -2.59 -2.94 6.86
N PHE A 53 -1.94 -1.81 6.63
CA PHE A 53 -0.90 -1.32 7.54
C PHE A 53 -1.03 0.18 7.77
N LYS A 54 -1.43 0.56 8.98
CA LYS A 54 -1.60 1.96 9.34
C LYS A 54 -0.27 2.71 9.25
N VAL A 55 -0.23 3.73 8.41
CA VAL A 55 0.98 4.52 8.23
C VAL A 55 1.09 5.60 9.31
N LEU A 56 2.24 5.64 9.99
CA LEU A 56 2.46 6.62 11.04
C LEU A 56 3.32 7.78 10.54
N ARG A 57 3.00 8.98 10.98
CA ARG A 57 3.75 10.17 10.57
C ARG A 57 3.80 11.20 11.70
N ASP A 58 4.98 11.75 11.94
CA ASP A 58 5.17 12.75 12.99
C ASP A 58 6.20 13.79 12.57
N GLY A 59 6.32 14.84 13.38
CA GLY A 59 7.27 15.90 13.07
C GLY A 59 6.73 16.87 12.04
N ALA A 60 6.60 16.40 10.80
CA ALA A 60 6.10 17.23 9.72
C ALA A 60 5.65 16.38 8.53
N GLY A 61 6.56 15.56 8.02
CA GLY A 61 6.24 14.71 6.90
C GLY A 61 7.09 13.46 6.85
N LYS A 62 7.36 12.87 8.02
CA LYS A 62 8.16 11.66 8.11
C LYS A 62 7.30 10.44 8.39
N TYR A 63 7.15 9.58 7.38
CA TYR A 63 6.35 8.37 7.52
C TYR A 63 7.19 7.21 8.05
N PHE A 64 6.53 6.26 8.70
CA PHE A 64 7.21 5.11 9.27
C PHE A 64 6.20 4.04 9.71
N LEU A 65 6.70 2.84 9.98
CA LEU A 65 5.85 1.73 10.40
C LEU A 65 6.38 1.11 11.69
N TRP A 66 7.17 0.05 11.54
CA TRP A 66 7.74 -0.64 12.69
C TRP A 66 8.87 0.18 13.30
N VAL A 67 9.99 0.24 12.60
CA VAL A 67 11.15 0.99 13.07
C VAL A 67 11.73 1.87 11.98
N VAL A 68 11.61 1.42 10.73
CA VAL A 68 12.11 2.17 9.59
C VAL A 68 11.26 3.40 9.32
N LYS A 69 11.90 4.50 8.93
CA LYS A 69 11.19 5.73 8.65
C LYS A 69 11.74 6.39 7.37
N PHE A 70 11.00 7.36 6.85
CA PHE A 70 11.41 8.07 5.64
C PHE A 70 10.73 9.43 5.55
N ASN A 71 11.10 10.20 4.53
CA ASN A 71 10.53 11.52 4.33
C ASN A 71 9.35 11.47 3.37
N SER A 72 9.51 10.75 2.26
CA SER A 72 8.46 10.61 1.26
C SER A 72 7.85 9.21 1.31
N LEU A 73 6.62 9.10 0.83
CA LEU A 73 5.92 7.82 0.81
C LEU A 73 6.63 6.84 -0.12
N ASN A 74 7.04 7.30 -1.28
CA ASN A 74 7.74 6.46 -2.25
C ASN A 74 8.88 5.72 -1.59
N GLU A 75 9.66 6.43 -0.78
CA GLU A 75 10.79 5.83 -0.09
C GLU A 75 10.35 4.66 0.79
N LEU A 76 9.24 4.85 1.48
CA LEU A 76 8.70 3.79 2.36
C LEU A 76 8.31 2.56 1.55
N VAL A 77 7.46 2.76 0.55
CA VAL A 77 7.02 1.67 -0.30
C VAL A 77 8.19 0.82 -0.79
N ASP A 78 9.26 1.50 -1.19
CA ASP A 78 10.46 0.82 -1.67
C ASP A 78 11.00 -0.13 -0.61
N TYR A 79 11.36 0.42 0.54
CA TYR A 79 11.90 -0.38 1.64
C TYR A 79 11.03 -1.60 1.90
N HIS A 80 9.73 -1.45 1.69
CA HIS A 80 8.78 -2.54 1.90
C HIS A 80 8.88 -3.57 0.78
N ARG A 81 9.26 -3.11 -0.40
CA ARG A 81 9.38 -3.99 -1.56
C ARG A 81 10.64 -4.85 -1.45
N SER A 82 11.66 -4.32 -0.78
CA SER A 82 12.92 -5.04 -0.62
C SER A 82 12.93 -5.79 0.71
N THR A 83 12.00 -5.45 1.60
CA THR A 83 11.91 -6.08 2.90
C THR A 83 10.58 -6.78 3.08
N SER A 84 10.56 -7.84 3.88
CA SER A 84 9.34 -8.60 4.13
C SER A 84 8.17 -7.66 4.41
N VAL A 85 6.96 -8.22 4.40
CA VAL A 85 5.76 -7.43 4.65
C VAL A 85 4.89 -8.09 5.72
N SER A 86 4.51 -9.34 5.49
CA SER A 86 3.67 -10.07 6.43
C SER A 86 4.53 -10.78 7.48
N ARG A 87 4.08 -10.74 8.72
CA ARG A 87 4.80 -11.37 9.82
C ARG A 87 4.41 -12.83 9.97
N ASN A 88 4.03 -13.44 8.85
CA ASN A 88 3.62 -14.84 8.85
C ASN A 88 4.44 -15.65 7.84
N GLN A 89 4.53 -15.13 6.63
CA GLN A 89 5.28 -15.79 5.57
C GLN A 89 6.36 -14.88 4.99
N GLN A 90 6.93 -15.28 3.87
CA GLN A 90 7.98 -14.50 3.22
C GLN A 90 7.48 -13.89 1.91
N ILE A 91 6.90 -12.69 2.00
CA ILE A 91 6.38 -12.01 0.83
C ILE A 91 6.85 -10.56 0.78
N PHE A 92 6.97 -10.02 -0.43
CA PHE A 92 7.42 -8.65 -0.62
C PHE A 92 6.29 -7.78 -1.18
N LEU A 93 6.50 -6.47 -1.16
CA LEU A 93 5.50 -5.53 -1.67
C LEU A 93 5.58 -5.42 -3.19
N ARG A 94 4.56 -5.95 -3.87
CA ARG A 94 4.51 -5.91 -5.33
C ARG A 94 3.81 -4.64 -5.82
N ASP A 95 4.41 -3.99 -6.81
CA ASP A 95 3.83 -2.77 -7.37
C ASP A 95 2.53 -3.07 -8.11
N ILE A 96 1.42 -2.61 -7.55
CA ILE A 96 0.11 -2.83 -8.17
C ILE A 96 0.10 -2.37 -9.62
N GLU A 97 -0.61 -3.11 -10.47
CA GLU A 97 -0.71 -2.77 -11.89
C GLU A 97 -1.75 -1.69 -12.11
N GLN A 98 -1.30 -0.43 -12.10
CA GLN A 98 -2.20 0.70 -12.30
C GLN A 98 -3.26 0.36 -13.35
N VAL A 99 -4.44 0.97 -13.20
CA VAL A 99 -5.55 0.73 -14.12
C VAL A 99 -5.03 0.52 -15.55
N PRO A 100 -5.43 -0.60 -16.16
CA PRO A 100 -5.02 -0.94 -17.52
C PRO A 100 -5.66 -0.03 -18.57
N GLN A 101 -5.02 0.09 -19.73
CA GLN A 101 -5.53 0.92 -20.80
C GLN A 101 -5.16 0.35 -22.16
N GLN A 102 -6.00 -0.55 -22.67
CA GLN A 102 -5.76 -1.17 -23.96
C GLN A 102 -4.27 -1.42 -24.18
N PRO A 103 -3.75 -2.49 -23.56
CA PRO A 103 -2.33 -2.86 -23.67
C PRO A 103 -1.97 -3.37 -25.06
N THR A 104 -0.69 -3.33 -25.38
CA THR A 104 -0.20 -3.79 -26.68
C THR A 104 1.17 -4.44 -26.56
N TRP A 5 0.94 5.15 -6.55
CA TRP A 5 0.39 4.10 -5.70
C TRP A 5 -0.53 4.68 -4.64
N PHE A 6 -0.59 6.01 -4.58
CA PHE A 6 -1.44 6.69 -3.61
C PHE A 6 -2.82 7.00 -4.21
N PHE A 7 -3.86 6.88 -3.40
CA PHE A 7 -5.21 7.15 -3.85
C PHE A 7 -5.92 8.13 -2.93
N GLY A 8 -6.63 9.09 -3.50
CA GLY A 8 -7.34 10.08 -2.71
C GLY A 8 -8.26 9.44 -1.69
N LYS A 9 -9.55 9.45 -1.97
CA LYS A 9 -10.53 8.87 -1.06
C LYS A 9 -11.19 7.64 -1.67
N ILE A 10 -10.77 6.47 -1.23
CA ILE A 10 -11.31 5.21 -1.73
C ILE A 10 -11.51 4.20 -0.60
N PRO A 11 -12.68 3.54 -0.61
CA PRO A 11 -13.02 2.53 0.42
C PRO A 11 -12.19 1.27 0.27
N ARG A 12 -11.88 0.65 1.41
CA ARG A 12 -11.08 -0.58 1.41
C ARG A 12 -11.52 -1.51 0.28
N ALA A 13 -12.82 -1.55 0.02
CA ALA A 13 -13.37 -2.40 -1.03
C ALA A 13 -12.76 -2.04 -2.39
N LYS A 14 -12.88 -0.77 -2.79
CA LYS A 14 -12.35 -0.32 -4.06
C LYS A 14 -10.90 -0.76 -4.23
N ALA A 15 -10.10 -0.57 -3.19
CA ALA A 15 -8.69 -0.96 -3.22
C ALA A 15 -8.54 -2.43 -3.58
N GLU A 16 -9.21 -3.30 -2.84
CA GLU A 16 -9.15 -4.73 -3.08
C GLU A 16 -9.39 -5.04 -4.56
N GLU A 17 -10.26 -4.25 -5.19
CA GLU A 17 -10.57 -4.45 -6.59
C GLU A 17 -9.44 -3.95 -7.48
N MET A 18 -8.83 -2.84 -7.10
CA MET A 18 -7.74 -2.27 -7.86
C MET A 18 -6.52 -3.18 -7.83
N LEU A 19 -6.34 -3.88 -6.71
CA LEU A 19 -5.21 -4.80 -6.56
C LEU A 19 -5.49 -6.13 -7.24
N SER A 20 -6.70 -6.64 -7.05
CA SER A 20 -7.10 -7.91 -7.65
C SER A 20 -7.04 -7.83 -9.17
N LYS A 21 -7.52 -6.73 -9.73
CA LYS A 21 -7.52 -6.54 -11.18
C LYS A 21 -6.11 -6.68 -11.75
N GLN A 22 -5.11 -6.45 -10.89
CA GLN A 22 -3.72 -6.55 -11.31
C GLN A 22 -3.37 -7.99 -11.68
N ARG A 23 -2.21 -8.17 -12.32
CA ARG A 23 -1.76 -9.49 -12.73
C ARG A 23 -0.68 -10.01 -11.79
N HIS A 24 0.15 -9.10 -11.29
CA HIS A 24 1.23 -9.48 -10.38
C HIS A 24 0.66 -9.99 -9.06
N ASP A 25 1.55 -10.23 -8.11
CA ASP A 25 1.14 -10.73 -6.79
C ASP A 25 1.80 -9.92 -5.68
N GLY A 26 0.99 -9.17 -4.94
CA GLY A 26 1.51 -8.37 -3.85
C GLY A 26 1.41 -6.88 -4.13
N ALA A 27 0.46 -6.50 -4.99
CA ALA A 27 0.26 -5.10 -5.34
C ALA A 27 -0.05 -4.26 -4.10
N PHE A 28 0.58 -3.10 -4.01
CA PHE A 28 0.37 -2.21 -2.88
C PHE A 28 -0.36 -0.95 -3.31
N LEU A 29 -1.14 -0.38 -2.40
CA LEU A 29 -1.90 0.83 -2.68
C LEU A 29 -2.25 1.58 -1.39
N ILE A 30 -1.69 2.78 -1.24
CA ILE A 30 -1.93 3.59 -0.06
C ILE A 30 -3.13 4.51 -0.27
N ARG A 31 -4.15 4.35 0.58
CA ARG A 31 -5.36 5.15 0.49
C ARG A 31 -5.46 6.11 1.68
N GLU A 32 -6.13 7.23 1.47
CA GLU A 32 -6.30 8.23 2.53
C GLU A 32 -7.72 8.21 3.07
N SER A 33 -7.84 8.12 4.39
CA SER A 33 -9.15 8.08 5.04
C SER A 33 -9.91 9.38 4.79
N GLU A 34 -11.21 9.25 4.53
CA GLU A 34 -12.05 10.41 4.27
C GLU A 34 -12.51 11.06 5.58
N SER A 35 -12.79 10.22 6.58
CA SER A 35 -13.24 10.72 7.87
C SER A 35 -12.05 11.06 8.76
N ALA A 36 -10.85 10.66 8.33
CA ALA A 36 -9.63 10.92 9.08
C ALA A 36 -8.58 11.57 8.20
N PRO A 37 -8.51 12.91 8.22
CA PRO A 37 -7.55 13.68 7.43
C PRO A 37 -6.12 13.51 7.94
N GLY A 38 -5.20 13.31 7.00
CA GLY A 38 -3.80 13.14 7.38
C GLY A 38 -3.49 11.72 7.80
N ASP A 39 -4.36 10.79 7.43
CA ASP A 39 -4.17 9.38 7.79
C ASP A 39 -3.84 8.55 6.55
N PHE A 40 -2.70 7.87 6.59
CA PHE A 40 -2.26 7.04 5.47
C PHE A 40 -2.36 5.56 5.82
N SER A 41 -2.86 4.76 4.88
CA SER A 41 -3.02 3.34 5.08
C SER A 41 -2.64 2.56 3.83
N LEU A 42 -1.77 1.56 4.00
CA LEU A 42 -1.32 0.74 2.87
C LEU A 42 -2.20 -0.49 2.72
N SER A 43 -2.54 -0.82 1.47
CA SER A 43 -3.38 -1.98 1.19
C SER A 43 -2.70 -2.91 0.19
N VAL A 44 -2.30 -4.08 0.66
CA VAL A 44 -1.64 -5.07 -0.19
C VAL A 44 -2.54 -6.26 -0.45
N LYS A 45 -2.45 -6.80 -1.66
CA LYS A 45 -3.26 -7.96 -2.05
C LYS A 45 -2.48 -9.25 -1.86
N PHE A 46 -3.10 -10.22 -1.18
CA PHE A 46 -2.47 -11.51 -0.94
C PHE A 46 -3.36 -12.66 -1.41
N GLY A 47 -3.16 -13.08 -2.66
CA GLY A 47 -3.96 -14.16 -3.21
C GLY A 47 -5.44 -13.85 -3.21
N ASN A 48 -6.18 -14.51 -2.32
CA ASN A 48 -7.62 -14.31 -2.22
C ASN A 48 -7.97 -13.50 -0.97
N ASP A 49 -6.95 -12.89 -0.37
CA ASP A 49 -7.15 -12.08 0.83
C ASP A 49 -6.34 -10.80 0.77
N VAL A 50 -7.01 -9.66 0.94
CA VAL A 50 -6.36 -8.36 0.89
C VAL A 50 -6.06 -7.86 2.31
N GLN A 51 -4.79 -7.62 2.59
CA GLN A 51 -4.38 -7.12 3.90
C GLN A 51 -4.08 -5.63 3.85
N HIS A 52 -3.82 -5.05 5.01
CA HIS A 52 -3.53 -3.62 5.12
C HIS A 52 -2.61 -3.33 6.29
N PHE A 53 -2.00 -2.15 6.28
CA PHE A 53 -1.09 -1.75 7.35
C PHE A 53 -1.27 -0.28 7.72
N LYS A 54 -1.66 -0.02 8.96
CA LYS A 54 -1.87 1.34 9.42
C LYS A 54 -0.55 2.08 9.55
N VAL A 55 -0.27 2.97 8.60
CA VAL A 55 0.96 3.74 8.61
C VAL A 55 1.00 4.70 9.80
N LEU A 56 2.06 4.61 10.60
CA LEU A 56 2.22 5.47 11.76
C LEU A 56 2.94 6.76 11.40
N ARG A 57 2.44 7.88 11.92
CA ARG A 57 3.05 9.17 11.66
C ARG A 57 3.19 9.99 12.94
N ASP A 58 4.24 10.78 13.02
CA ASP A 58 4.50 11.61 14.20
C ASP A 58 3.94 13.01 14.01
N GLY A 59 4.18 13.89 14.97
CA GLY A 59 3.69 15.25 14.89
C GLY A 59 4.66 16.17 14.19
N ALA A 60 5.31 15.67 13.15
CA ALA A 60 6.28 16.46 12.40
C ALA A 60 6.06 16.30 10.90
N GLY A 61 5.85 15.07 10.46
CA GLY A 61 5.63 14.80 9.05
C GLY A 61 6.39 13.59 8.56
N LYS A 62 6.60 12.62 9.46
CA LYS A 62 7.31 11.40 9.11
C LYS A 62 6.41 10.18 9.26
N TYR A 63 6.69 9.14 8.48
CA TYR A 63 5.91 7.91 8.53
C TYR A 63 6.80 6.69 8.77
N PHE A 64 6.24 5.68 9.42
CA PHE A 64 6.99 4.47 9.72
C PHE A 64 6.08 3.39 10.28
N LEU A 65 6.66 2.24 10.63
CA LEU A 65 5.88 1.13 11.18
C LEU A 65 6.45 0.70 12.53
N TRP A 66 7.29 -0.33 12.51
CA TRP A 66 7.89 -0.84 13.74
C TRP A 66 9.38 -1.12 13.54
N VAL A 67 9.87 -0.84 12.33
CA VAL A 67 11.27 -1.06 12.02
C VAL A 67 11.83 0.09 11.17
N VAL A 68 11.43 0.14 9.91
CA VAL A 68 11.89 1.18 9.00
C VAL A 68 11.09 2.47 9.20
N LYS A 69 11.73 3.60 8.89
CA LYS A 69 11.07 4.90 9.02
C LYS A 69 11.74 5.94 8.13
N PHE A 70 10.95 6.89 7.64
CA PHE A 70 11.47 7.94 6.78
C PHE A 70 10.61 9.20 6.89
N ASN A 71 11.00 10.24 6.15
CA ASN A 71 10.27 11.50 6.16
C ASN A 71 9.10 11.46 5.17
N SER A 72 9.40 11.11 3.93
CA SER A 72 8.38 11.04 2.89
C SER A 72 7.78 9.63 2.81
N LEU A 73 6.71 9.49 2.03
CA LEU A 73 6.05 8.21 1.86
C LEU A 73 6.75 7.36 0.81
N ASN A 74 7.12 7.98 -0.29
CA ASN A 74 7.80 7.28 -1.38
C ASN A 74 8.97 6.47 -0.84
N GLU A 75 9.71 7.06 0.10
CA GLU A 75 10.86 6.39 0.69
C GLU A 75 10.44 5.12 1.43
N LEU A 76 9.24 5.15 2.01
CA LEU A 76 8.72 4.00 2.74
C LEU A 76 8.38 2.86 1.80
N VAL A 77 7.44 3.10 0.89
CA VAL A 77 7.02 2.09 -0.07
C VAL A 77 8.23 1.48 -0.77
N ASP A 78 9.30 2.27 -0.90
CA ASP A 78 10.52 1.80 -1.55
C ASP A 78 11.19 0.70 -0.72
N TYR A 79 11.51 1.02 0.52
CA TYR A 79 12.17 0.07 1.41
C TYR A 79 11.24 -1.10 1.72
N HIS A 80 9.94 -0.83 1.74
CA HIS A 80 8.95 -1.86 2.03
C HIS A 80 8.79 -2.81 0.84
N ARG A 81 8.84 -2.26 -0.37
CA ARG A 81 8.71 -3.06 -1.58
C ARG A 81 9.99 -3.83 -1.86
N SER A 82 11.09 -3.39 -1.26
CA SER A 82 12.38 -4.03 -1.45
C SER A 82 12.70 -4.99 -0.31
N THR A 83 11.95 -4.86 0.78
CA THR A 83 12.15 -5.70 1.95
C THR A 83 10.84 -6.39 2.36
N SER A 84 10.97 -7.56 2.98
CA SER A 84 9.81 -8.32 3.41
C SER A 84 8.73 -7.40 3.99
N VAL A 85 7.50 -7.88 4.02
CA VAL A 85 6.38 -7.10 4.55
C VAL A 85 5.45 -7.97 5.39
N SER A 86 5.17 -9.17 4.89
CA SER A 86 4.28 -10.10 5.59
C SER A 86 5.05 -10.91 6.63
N ARG A 87 4.49 -11.01 7.82
CA ARG A 87 5.12 -11.76 8.90
C ARG A 87 4.79 -13.24 8.81
N ASN A 88 4.42 -13.69 7.62
CA ASN A 88 4.06 -15.09 7.40
C ASN A 88 4.93 -15.71 6.31
N GLN A 89 4.96 -15.05 5.15
CA GLN A 89 5.75 -15.55 4.02
C GLN A 89 6.70 -14.47 3.52
N GLN A 90 7.32 -14.71 2.37
CA GLN A 90 8.26 -13.76 1.78
C GLN A 90 7.70 -13.19 0.49
N ILE A 91 7.09 -12.01 0.59
CA ILE A 91 6.52 -11.34 -0.57
C ILE A 91 6.88 -9.86 -0.60
N PHE A 92 6.97 -9.30 -1.81
CA PHE A 92 7.31 -7.89 -1.96
C PHE A 92 6.12 -7.10 -2.53
N LEU A 93 6.21 -5.78 -2.45
CA LEU A 93 5.15 -4.91 -2.94
C LEU A 93 5.26 -4.72 -4.45
N ARG A 94 4.33 -5.31 -5.20
CA ARG A 94 4.33 -5.20 -6.65
C ARG A 94 3.81 -3.84 -7.09
N ASP A 95 4.51 -3.21 -8.03
CA ASP A 95 4.13 -1.90 -8.54
C ASP A 95 2.71 -1.95 -9.13
N ILE A 96 1.76 -1.40 -8.39
CA ILE A 96 0.37 -1.37 -8.83
C ILE A 96 0.22 -0.59 -10.12
N GLU A 97 -0.69 -1.02 -10.99
CA GLU A 97 -0.94 -0.34 -12.25
C GLU A 97 -2.21 0.48 -12.20
N GLN A 98 -2.05 1.80 -12.15
CA GLN A 98 -3.19 2.71 -12.08
C GLN A 98 -4.20 2.39 -13.19
N VAL A 99 -5.35 3.06 -13.14
CA VAL A 99 -6.40 2.84 -14.13
C VAL A 99 -5.80 2.63 -15.52
N PRO A 100 -6.25 1.58 -16.21
CA PRO A 100 -5.79 1.25 -17.56
C PRO A 100 -6.25 2.26 -18.60
N GLN A 101 -5.44 2.47 -19.63
CA GLN A 101 -5.76 3.41 -20.69
C GLN A 101 -4.90 3.16 -21.92
N GLN A 102 -5.27 2.16 -22.71
CA GLN A 102 -4.52 1.82 -23.91
C GLN A 102 -5.26 0.77 -24.73
N PRO A 103 -5.63 1.13 -25.97
CA PRO A 103 -6.34 0.22 -26.88
C PRO A 103 -5.47 -0.91 -27.37
N THR A 104 -6.08 -1.89 -28.05
CA THR A 104 -5.36 -3.04 -28.57
C THR A 104 -3.97 -2.63 -29.06
N TRP A 5 0.78 2.53 -7.78
CA TRP A 5 0.14 1.69 -6.77
C TRP A 5 -0.78 2.52 -5.87
N PHE A 6 -0.82 3.82 -6.12
CA PHE A 6 -1.65 4.72 -5.33
C PHE A 6 -3.03 4.88 -5.96
N PHE A 7 -4.06 4.93 -5.12
CA PHE A 7 -5.43 5.08 -5.58
C PHE A 7 -6.15 6.18 -4.83
N GLY A 8 -6.89 7.01 -5.56
CA GLY A 8 -7.63 8.10 -4.94
C GLY A 8 -8.74 7.61 -4.03
N LYS A 9 -9.81 8.38 -3.94
CA LYS A 9 -10.95 8.01 -3.09
C LYS A 9 -11.46 6.62 -3.45
N ILE A 10 -10.96 5.62 -2.75
CA ILE A 10 -11.37 4.24 -2.98
C ILE A 10 -11.62 3.51 -1.67
N PRO A 11 -12.78 2.84 -1.58
CA PRO A 11 -13.16 2.08 -0.38
C PRO A 11 -12.32 0.83 -0.19
N ARG A 12 -12.20 0.38 1.05
CA ARG A 12 -11.42 -0.82 1.36
C ARG A 12 -11.74 -1.93 0.37
N ALA A 13 -13.01 -2.03 -0.02
CA ALA A 13 -13.44 -3.06 -0.95
C ALA A 13 -12.74 -2.90 -2.31
N LYS A 14 -12.84 -1.71 -2.87
CA LYS A 14 -12.22 -1.43 -4.17
C LYS A 14 -10.77 -1.92 -4.19
N ALA A 15 -10.04 -1.63 -3.13
CA ALA A 15 -8.64 -2.04 -3.02
C ALA A 15 -8.50 -3.55 -3.15
N GLU A 16 -9.31 -4.28 -2.39
CA GLU A 16 -9.28 -5.74 -2.41
C GLU A 16 -9.41 -6.26 -3.84
N GLU A 17 -10.19 -5.55 -4.65
CA GLU A 17 -10.40 -5.94 -6.04
C GLU A 17 -9.16 -5.67 -6.88
N MET A 18 -8.45 -4.59 -6.55
CA MET A 18 -7.24 -4.21 -7.27
C MET A 18 -6.12 -5.20 -6.99
N LEU A 19 -6.13 -5.78 -5.79
CA LEU A 19 -5.10 -6.75 -5.40
C LEU A 19 -5.48 -8.16 -5.84
N SER A 20 -6.76 -8.48 -5.69
CA SER A 20 -7.25 -9.81 -6.06
C SER A 20 -7.05 -10.06 -7.55
N LYS A 21 -7.46 -9.11 -8.38
CA LYS A 21 -7.32 -9.22 -9.82
C LYS A 21 -5.89 -9.62 -10.20
N GLN A 22 -4.93 -9.19 -9.39
CA GLN A 22 -3.53 -9.49 -9.63
C GLN A 22 -3.30 -11.00 -9.64
N ARG A 23 -2.09 -11.41 -10.01
CA ARG A 23 -1.73 -12.82 -10.06
C ARG A 23 -0.61 -13.15 -9.08
N HIS A 24 0.23 -12.14 -8.81
CA HIS A 24 1.35 -12.32 -7.88
C HIS A 24 0.85 -12.44 -6.44
N ASP A 25 1.78 -12.58 -5.50
CA ASP A 25 1.44 -12.70 -4.09
C ASP A 25 2.12 -11.61 -3.28
N GLY A 26 1.33 -10.70 -2.74
CA GLY A 26 1.87 -9.62 -1.94
C GLY A 26 1.58 -8.25 -2.55
N ALA A 27 0.57 -8.18 -3.39
CA ALA A 27 0.19 -6.93 -4.04
C ALA A 27 -0.21 -5.89 -3.01
N PHE A 28 0.34 -4.68 -3.14
CA PHE A 28 0.03 -3.60 -2.21
C PHE A 28 -0.59 -2.42 -2.96
N LEU A 29 -1.44 -1.67 -2.25
CA LEU A 29 -2.11 -0.51 -2.84
C LEU A 29 -2.41 0.54 -1.77
N ILE A 30 -1.81 1.72 -1.92
CA ILE A 30 -2.01 2.81 -0.98
C ILE A 30 -3.16 3.70 -1.41
N ARG A 31 -4.08 3.98 -0.49
CA ARG A 31 -5.23 4.83 -0.79
C ARG A 31 -5.26 6.04 0.15
N GLU A 32 -5.84 7.13 -0.34
CA GLU A 32 -5.93 8.36 0.45
C GLU A 32 -7.37 8.63 0.86
N SER A 33 -7.53 9.30 2.00
CA SER A 33 -8.86 9.62 2.51
C SER A 33 -9.59 10.60 1.59
N GLU A 34 -10.83 10.91 1.93
CA GLU A 34 -11.64 11.83 1.12
C GLU A 34 -11.63 13.23 1.73
N SER A 35 -11.65 13.29 3.06
CA SER A 35 -11.64 14.56 3.76
C SER A 35 -10.40 14.70 4.64
N ALA A 36 -9.57 13.66 4.64
CA ALA A 36 -8.35 13.66 5.43
C ALA A 36 -7.12 13.77 4.53
N PRO A 37 -6.74 15.01 4.20
CA PRO A 37 -5.59 15.29 3.34
C PRO A 37 -4.27 14.97 4.04
N GLY A 38 -3.51 14.03 3.48
CA GLY A 38 -2.23 13.65 4.06
C GLY A 38 -2.25 12.25 4.65
N ASP A 39 -3.45 11.70 4.82
CA ASP A 39 -3.60 10.36 5.38
C ASP A 39 -3.35 9.30 4.30
N PHE A 40 -2.54 8.30 4.64
CA PHE A 40 -2.21 7.23 3.72
C PHE A 40 -2.46 5.86 4.36
N SER A 41 -2.94 4.92 3.56
CA SER A 41 -3.22 3.58 4.05
C SER A 41 -2.84 2.53 3.01
N LEU A 42 -1.92 1.64 3.38
CA LEU A 42 -1.46 0.58 2.49
C LEU A 42 -2.32 -0.67 2.63
N SER A 43 -2.74 -1.22 1.49
CA SER A 43 -3.57 -2.42 1.48
C SER A 43 -2.87 -3.56 0.76
N VAL A 44 -2.49 -4.58 1.52
CA VAL A 44 -1.81 -5.75 0.95
C VAL A 44 -2.72 -6.98 0.98
N LYS A 45 -2.49 -7.89 0.04
CA LYS A 45 -3.27 -9.11 -0.04
C LYS A 45 -2.49 -10.31 0.48
N PHE A 46 -3.11 -11.10 1.36
CA PHE A 46 -2.46 -12.27 1.93
C PHE A 46 -3.35 -13.50 1.79
N GLY A 47 -3.17 -14.23 0.69
CA GLY A 47 -3.96 -15.42 0.46
C GLY A 47 -5.42 -15.11 0.18
N ASN A 48 -6.30 -15.52 1.10
CA ASN A 48 -7.72 -15.28 0.95
C ASN A 48 -8.19 -14.21 1.92
N ASP A 49 -7.28 -13.33 2.32
CA ASP A 49 -7.60 -12.26 3.24
C ASP A 49 -6.79 -11.00 2.92
N VAL A 50 -7.48 -9.90 2.64
CA VAL A 50 -6.82 -8.64 2.32
C VAL A 50 -6.57 -7.81 3.57
N GLN A 51 -5.31 -7.70 3.96
CA GLN A 51 -4.93 -6.93 5.14
C GLN A 51 -4.53 -5.51 4.76
N HIS A 52 -4.29 -4.69 5.78
CA HIS A 52 -3.90 -3.30 5.56
C HIS A 52 -3.02 -2.79 6.70
N PHE A 53 -2.43 -1.61 6.51
CA PHE A 53 -1.57 -1.03 7.52
C PHE A 53 -1.71 0.49 7.54
N LYS A 54 -2.07 1.03 8.72
CA LYS A 54 -2.25 2.46 8.88
C LYS A 54 -0.91 3.18 8.88
N VAL A 55 -0.62 3.91 7.81
CA VAL A 55 0.63 4.65 7.70
C VAL A 55 0.68 5.81 8.70
N LEU A 56 1.78 5.91 9.43
CA LEU A 56 1.95 6.97 10.42
C LEU A 56 2.80 8.11 9.86
N ARG A 57 2.45 9.33 10.23
CA ARG A 57 3.18 10.51 9.75
C ARG A 57 3.35 11.52 10.88
N ASP A 58 4.55 12.06 11.01
CA ASP A 58 4.84 13.06 12.03
C ASP A 58 5.91 14.04 11.57
N GLY A 59 6.16 15.06 12.37
CA GLY A 59 7.16 16.06 12.03
C GLY A 59 6.66 17.05 11.01
N ALA A 60 6.43 16.58 9.78
CA ALA A 60 5.94 17.44 8.71
C ALA A 60 5.34 16.62 7.58
N GLY A 61 6.11 15.68 7.07
CA GLY A 61 5.65 14.83 5.98
C GLY A 61 6.43 13.54 5.87
N LYS A 62 6.88 13.02 7.01
CA LYS A 62 7.65 11.78 7.04
C LYS A 62 6.76 10.60 7.42
N TYR A 63 6.79 9.56 6.61
CA TYR A 63 5.99 8.36 6.86
C TYR A 63 6.81 7.30 7.58
N PHE A 64 6.13 6.49 8.39
CA PHE A 64 6.80 5.43 9.13
C PHE A 64 5.79 4.42 9.67
N LEU A 65 6.22 3.17 9.82
CA LEU A 65 5.36 2.11 10.33
C LEU A 65 6.03 1.34 11.45
N TRP A 66 6.90 0.40 11.08
CA TRP A 66 7.61 -0.41 12.05
C TRP A 66 9.00 0.17 12.34
N VAL A 67 9.02 1.35 12.95
CA VAL A 67 10.28 2.01 13.27
C VAL A 67 10.87 2.72 12.05
N VAL A 68 10.82 2.04 10.91
CA VAL A 68 11.35 2.60 9.67
C VAL A 68 10.57 3.83 9.26
N LYS A 69 11.29 4.87 8.84
CA LYS A 69 10.67 6.12 8.41
C LYS A 69 11.37 6.69 7.17
N PHE A 70 10.64 7.49 6.41
CA PHE A 70 11.19 8.09 5.20
C PHE A 70 10.52 9.43 4.91
N ASN A 71 10.99 10.11 3.87
CA ASN A 71 10.45 11.40 3.48
C ASN A 71 9.32 11.23 2.47
N SER A 72 9.49 10.30 1.54
CA SER A 72 8.49 10.03 0.52
C SER A 72 7.82 8.68 0.74
N LEU A 73 6.79 8.41 -0.04
CA LEU A 73 6.05 7.15 0.07
C LEU A 73 6.81 6.02 -0.63
N ASN A 74 7.10 6.23 -1.91
CA ASN A 74 7.82 5.23 -2.70
C ASN A 74 8.98 4.63 -1.90
N GLU A 75 9.62 5.47 -1.09
CA GLU A 75 10.75 5.02 -0.28
C GLU A 75 10.29 3.97 0.74
N LEU A 76 9.17 4.24 1.39
CA LEU A 76 8.63 3.32 2.39
C LEU A 76 8.20 2.00 1.75
N VAL A 77 7.68 2.10 0.53
CA VAL A 77 7.22 0.92 -0.20
C VAL A 77 8.39 0.00 -0.52
N ASP A 78 9.45 0.57 -1.09
CA ASP A 78 10.64 -0.20 -1.44
C ASP A 78 11.18 -0.96 -0.24
N TYR A 79 11.48 -0.23 0.82
CA TYR A 79 12.01 -0.83 2.04
C TYR A 79 11.18 -2.04 2.46
N HIS A 80 9.86 -1.86 2.49
CA HIS A 80 8.95 -2.94 2.87
C HIS A 80 8.97 -4.06 1.84
N ARG A 81 9.33 -3.70 0.60
CA ARG A 81 9.39 -4.68 -0.48
C ARG A 81 10.58 -5.62 -0.32
N SER A 82 11.61 -5.14 0.39
CA SER A 82 12.81 -5.93 0.61
C SER A 82 12.76 -6.62 1.97
N THR A 83 11.96 -6.07 2.88
CA THR A 83 11.82 -6.65 4.21
C THR A 83 10.45 -7.29 4.38
N SER A 84 10.37 -8.27 5.29
CA SER A 84 9.12 -8.97 5.55
C SER A 84 7.95 -7.99 5.59
N VAL A 85 6.74 -8.51 5.39
CA VAL A 85 5.54 -7.70 5.42
C VAL A 85 4.52 -8.23 6.41
N SER A 86 4.30 -9.54 6.38
CA SER A 86 3.34 -10.19 7.27
C SER A 86 4.04 -10.73 8.51
N ARG A 87 3.36 -10.65 9.65
CA ARG A 87 3.92 -11.13 10.91
C ARG A 87 3.56 -12.60 11.14
N ASN A 88 3.37 -13.33 10.05
CA ASN A 88 3.02 -14.75 10.13
C ASN A 88 3.98 -15.60 9.31
N GLN A 89 4.20 -15.18 8.06
CA GLN A 89 5.11 -15.90 7.17
C GLN A 89 6.15 -14.97 6.56
N GLN A 90 6.91 -15.48 5.61
CA GLN A 90 7.94 -14.69 4.95
C GLN A 90 7.50 -14.28 3.54
N ILE A 91 7.03 -13.05 3.41
CA ILE A 91 6.57 -12.53 2.13
C ILE A 91 7.12 -11.13 1.87
N PHE A 92 7.15 -10.74 0.60
CA PHE A 92 7.64 -9.42 0.22
C PHE A 92 6.53 -8.58 -0.42
N LEU A 93 6.70 -7.27 -0.38
CA LEU A 93 5.71 -6.35 -0.95
C LEU A 93 5.87 -6.27 -2.46
N ARG A 94 4.88 -6.80 -3.18
CA ARG A 94 4.90 -6.80 -4.63
C ARG A 94 4.25 -5.53 -5.18
N ASP A 95 4.84 -4.97 -6.24
CA ASP A 95 4.31 -3.75 -6.85
C ASP A 95 3.08 -4.07 -7.69
N ILE A 96 1.94 -3.51 -7.30
CA ILE A 96 0.69 -3.73 -8.01
C ILE A 96 0.75 -3.13 -9.42
N GLU A 97 0.01 -3.72 -10.35
CA GLU A 97 -0.03 -3.24 -11.72
C GLU A 97 -1.02 -2.09 -11.87
N GLN A 98 -0.58 -0.89 -11.50
CA GLN A 98 -1.44 0.29 -11.60
C GLN A 98 -2.03 0.42 -12.99
N VAL A 99 -3.30 0.84 -13.06
CA VAL A 99 -3.98 1.01 -14.33
C VAL A 99 -3.01 1.46 -15.42
N PRO A 100 -2.99 0.71 -16.54
CA PRO A 100 -2.12 1.01 -17.68
C PRO A 100 -2.54 2.28 -18.41
N GLN A 101 -1.66 2.77 -19.28
CA GLN A 101 -1.94 3.99 -20.04
C GLN A 101 -1.00 4.11 -21.23
N GLN A 102 -1.31 3.40 -22.31
CA GLN A 102 -0.50 3.43 -23.51
C GLN A 102 -0.04 4.85 -23.83
N PRO A 103 1.27 5.00 -24.07
CA PRO A 103 1.88 6.31 -24.38
C PRO A 103 1.46 6.82 -25.75
N THR A 104 1.88 8.05 -26.07
CA THR A 104 1.54 8.66 -27.35
C THR A 104 2.30 9.97 -27.55
N TRP A 5 0.11 2.38 -8.22
CA TRP A 5 -0.44 1.59 -7.13
C TRP A 5 -1.18 2.47 -6.13
N PHE A 6 -1.46 3.71 -6.54
CA PHE A 6 -2.16 4.66 -5.68
C PHE A 6 -3.63 4.75 -6.06
N PHE A 7 -4.49 4.83 -5.04
CA PHE A 7 -5.93 4.91 -5.27
C PHE A 7 -6.54 6.08 -4.49
N GLY A 8 -7.35 6.87 -5.18
CA GLY A 8 -7.98 8.02 -4.54
C GLY A 8 -8.82 7.62 -3.34
N LYS A 9 -10.11 7.40 -3.57
CA LYS A 9 -11.02 7.02 -2.49
C LYS A 9 -11.72 5.71 -2.82
N ILE A 10 -11.37 4.65 -2.10
CA ILE A 10 -11.97 3.34 -2.31
C ILE A 10 -12.29 2.67 -0.98
N PRO A 11 -13.50 2.08 -0.90
CA PRO A 11 -13.96 1.39 0.31
C PRO A 11 -13.19 0.09 0.56
N ARG A 12 -12.97 -0.23 1.83
CA ARG A 12 -12.25 -1.44 2.20
C ARG A 12 -12.55 -2.57 1.21
N ALA A 13 -13.82 -2.76 0.90
CA ALA A 13 -14.23 -3.80 -0.04
C ALA A 13 -13.47 -3.70 -1.35
N LYS A 14 -13.54 -2.53 -1.98
CA LYS A 14 -12.85 -2.29 -3.24
C LYS A 14 -11.41 -2.76 -3.17
N ALA A 15 -10.68 -2.28 -2.16
CA ALA A 15 -9.29 -2.65 -1.98
C ALA A 15 -9.12 -4.17 -1.96
N GLU A 16 -9.86 -4.82 -1.07
CA GLU A 16 -9.79 -6.28 -0.95
C GLU A 16 -9.97 -6.94 -2.30
N GLU A 17 -10.78 -6.33 -3.16
CA GLU A 17 -11.04 -6.86 -4.49
C GLU A 17 -9.87 -6.62 -5.42
N MET A 18 -9.30 -5.41 -5.35
CA MET A 18 -8.16 -5.06 -6.18
C MET A 18 -6.99 -6.02 -5.95
N LEU A 19 -6.81 -6.43 -4.70
CA LEU A 19 -5.73 -7.34 -4.34
C LEU A 19 -6.13 -8.79 -4.61
N SER A 20 -7.38 -9.11 -4.30
CA SER A 20 -7.88 -10.47 -4.51
C SER A 20 -7.82 -10.85 -5.99
N LYS A 21 -8.37 -9.98 -6.84
CA LYS A 21 -8.38 -10.22 -8.28
C LYS A 21 -7.00 -10.63 -8.77
N GLN A 22 -5.96 -10.09 -8.13
CA GLN A 22 -4.58 -10.40 -8.51
C GLN A 22 -4.34 -11.90 -8.49
N ARG A 23 -3.21 -12.32 -9.06
CA ARG A 23 -2.86 -13.73 -9.09
C ARG A 23 -1.65 -14.02 -8.22
N HIS A 24 -0.79 -13.01 -8.05
CA HIS A 24 0.40 -13.15 -7.23
C HIS A 24 0.06 -13.13 -5.75
N ASP A 25 1.08 -12.98 -4.91
CA ASP A 25 0.88 -12.94 -3.46
C ASP A 25 1.60 -11.76 -2.85
N GLY A 26 0.83 -10.83 -2.29
CA GLY A 26 1.41 -9.64 -1.67
C GLY A 26 1.00 -8.37 -2.38
N ALA A 27 -0.15 -8.40 -3.04
CA ALA A 27 -0.65 -7.23 -3.75
C ALA A 27 -0.84 -6.05 -2.82
N PHE A 28 -0.05 -5.00 -3.02
CA PHE A 28 -0.12 -3.80 -2.20
C PHE A 28 -0.83 -2.67 -2.93
N LEU A 29 -1.69 -1.95 -2.21
CA LEU A 29 -2.44 -0.85 -2.80
C LEU A 29 -2.69 0.25 -1.77
N ILE A 30 -2.11 1.41 -1.99
CA ILE A 30 -2.27 2.54 -1.08
C ILE A 30 -3.47 3.41 -1.48
N ARG A 31 -4.46 3.50 -0.58
CA ARG A 31 -5.65 4.29 -0.84
C ARG A 31 -5.71 5.50 0.07
N GLU A 32 -6.53 6.48 -0.30
CA GLU A 32 -6.67 7.70 0.49
C GLU A 32 -7.99 7.69 1.25
N SER A 33 -7.96 8.22 2.48
CA SER A 33 -9.15 8.28 3.32
C SER A 33 -10.09 9.39 2.85
N GLU A 34 -11.38 9.19 3.07
CA GLU A 34 -12.39 10.17 2.68
C GLU A 34 -12.60 11.21 3.77
N SER A 35 -12.58 10.75 5.02
CA SER A 35 -12.78 11.65 6.16
C SER A 35 -11.44 12.24 6.61
N ALA A 36 -10.36 11.75 6.03
CA ALA A 36 -9.01 12.22 6.37
C ALA A 36 -8.19 12.48 5.12
N PRO A 37 -8.40 13.66 4.50
CA PRO A 37 -7.68 14.05 3.29
C PRO A 37 -6.20 14.34 3.55
N GLY A 38 -5.33 13.78 2.71
CA GLY A 38 -3.91 13.99 2.87
C GLY A 38 -3.21 12.81 3.51
N ASP A 39 -4.01 11.88 4.04
CA ASP A 39 -3.46 10.69 4.69
C ASP A 39 -3.21 9.59 3.67
N PHE A 40 -2.56 8.51 4.11
CA PHE A 40 -2.26 7.39 3.24
C PHE A 40 -2.35 6.07 4.00
N SER A 41 -2.91 5.06 3.35
CA SER A 41 -3.07 3.75 3.97
C SER A 41 -2.74 2.64 2.97
N LEU A 42 -1.78 1.78 3.34
CA LEU A 42 -1.37 0.68 2.48
C LEU A 42 -2.22 -0.55 2.73
N SER A 43 -2.70 -1.17 1.65
CA SER A 43 -3.53 -2.36 1.76
C SER A 43 -2.88 -3.54 1.05
N VAL A 44 -2.43 -4.51 1.83
CA VAL A 44 -1.78 -5.70 1.28
C VAL A 44 -2.65 -6.94 1.48
N LYS A 45 -2.62 -7.85 0.50
CA LYS A 45 -3.39 -9.08 0.57
C LYS A 45 -2.53 -10.24 1.06
N PHE A 46 -3.08 -11.05 1.96
CA PHE A 46 -2.37 -12.19 2.50
C PHE A 46 -3.27 -13.43 2.55
N GLY A 47 -3.19 -14.24 1.49
CA GLY A 47 -4.00 -15.44 1.43
C GLY A 47 -5.48 -15.14 1.42
N ASN A 48 -6.13 -15.29 2.58
CA ASN A 48 -7.55 -15.03 2.70
C ASN A 48 -7.83 -13.93 3.72
N ASP A 49 -6.85 -13.05 3.92
CA ASP A 49 -6.98 -11.97 4.87
C ASP A 49 -6.30 -10.70 4.35
N VAL A 50 -7.10 -9.67 4.09
CA VAL A 50 -6.58 -8.41 3.59
C VAL A 50 -6.14 -7.49 4.73
N GLN A 51 -4.83 -7.30 4.86
CA GLN A 51 -4.29 -6.45 5.91
C GLN A 51 -3.88 -5.09 5.37
N HIS A 52 -3.50 -4.19 6.25
CA HIS A 52 -3.09 -2.84 5.87
C HIS A 52 -2.16 -2.22 6.91
N PHE A 53 -1.49 -1.14 6.52
CA PHE A 53 -0.58 -0.46 7.43
C PHE A 53 -0.85 1.04 7.45
N LYS A 54 -0.88 1.61 8.66
CA LYS A 54 -1.13 3.04 8.82
C LYS A 54 0.13 3.85 8.54
N VAL A 55 0.07 4.71 7.53
CA VAL A 55 1.21 5.54 7.17
C VAL A 55 1.12 6.91 7.84
N LEU A 56 2.20 7.33 8.48
CA LEU A 56 2.25 8.62 9.15
C LEU A 56 3.04 9.64 8.35
N ARG A 57 2.71 10.91 8.52
CA ARG A 57 3.39 11.98 7.79
C ARG A 57 3.60 13.19 8.69
N ASP A 58 4.73 13.87 8.52
CA ASP A 58 5.04 15.05 9.31
C ASP A 58 4.50 16.31 8.65
N GLY A 59 4.75 17.46 9.28
CA GLY A 59 4.28 18.72 8.74
C GLY A 59 5.26 19.32 7.75
N ALA A 60 6.06 18.47 7.11
CA ALA A 60 7.04 18.92 6.14
C ALA A 60 6.95 18.12 4.85
N GLY A 61 6.77 16.80 4.99
CA GLY A 61 6.67 15.93 3.84
C GLY A 61 7.53 14.69 3.97
N LYS A 62 7.59 14.15 5.18
CA LYS A 62 8.38 12.94 5.44
C LYS A 62 7.49 11.78 5.84
N TYR A 63 7.61 10.67 5.12
CA TYR A 63 6.81 9.49 5.40
C TYR A 63 7.52 8.57 6.39
N PHE A 64 6.74 7.86 7.19
CA PHE A 64 7.28 6.95 8.19
C PHE A 64 6.20 6.06 8.78
N LEU A 65 6.53 4.80 9.03
CA LEU A 65 5.58 3.85 9.60
C LEU A 65 5.94 3.51 11.04
N TRP A 66 7.03 2.77 11.21
CA TRP A 66 7.47 2.39 12.54
C TRP A 66 8.76 1.56 12.47
N VAL A 67 8.92 0.82 11.36
CA VAL A 67 10.09 -0.01 11.16
C VAL A 67 11.01 0.58 10.09
N VAL A 68 10.49 1.56 9.36
CA VAL A 68 11.26 2.21 8.30
C VAL A 68 10.75 3.62 8.04
N LYS A 69 11.65 4.49 7.59
CA LYS A 69 11.29 5.87 7.29
C LYS A 69 11.87 6.31 5.95
N PHE A 70 11.18 7.23 5.29
CA PHE A 70 11.62 7.73 3.99
C PHE A 70 11.11 9.15 3.76
N ASN A 71 11.53 9.74 2.65
CA ASN A 71 11.11 11.10 2.31
C ASN A 71 9.88 11.09 1.41
N SER A 72 9.80 10.07 0.55
CA SER A 72 8.67 9.94 -0.36
C SER A 72 8.01 8.57 -0.21
N LEU A 73 6.86 8.40 -0.86
CA LEU A 73 6.13 7.14 -0.80
C LEU A 73 6.83 6.07 -1.63
N ASN A 74 6.91 6.29 -2.94
CA ASN A 74 7.55 5.34 -3.84
C ASN A 74 8.77 4.71 -3.19
N GLU A 75 9.47 5.50 -2.36
CA GLU A 75 10.66 5.02 -1.67
C GLU A 75 10.30 3.95 -0.64
N LEU A 76 9.26 4.22 0.13
CA LEU A 76 8.80 3.29 1.16
C LEU A 76 8.35 1.97 0.54
N VAL A 77 7.47 2.06 -0.46
CA VAL A 77 6.96 0.88 -1.14
C VAL A 77 8.10 0.01 -1.65
N ASP A 78 9.14 0.65 -2.20
CA ASP A 78 10.28 -0.07 -2.73
C ASP A 78 10.99 -0.85 -1.62
N TYR A 79 11.56 -0.14 -0.66
CA TYR A 79 12.26 -0.76 0.44
C TYR A 79 11.48 -1.96 0.98
N HIS A 80 10.19 -1.74 1.25
CA HIS A 80 9.33 -2.79 1.77
C HIS A 80 9.14 -3.90 0.73
N ARG A 81 9.26 -3.54 -0.54
CA ARG A 81 9.10 -4.49 -1.63
C ARG A 81 10.29 -5.44 -1.71
N SER A 82 11.42 -5.00 -1.17
CA SER A 82 12.64 -5.81 -1.18
C SER A 82 12.89 -6.42 0.19
N THR A 83 12.22 -5.88 1.21
CA THR A 83 12.39 -6.37 2.57
C THR A 83 11.02 -6.73 3.18
N SER A 84 11.00 -7.83 3.93
CA SER A 84 9.77 -8.29 4.56
C SER A 84 8.99 -7.12 5.16
N VAL A 85 7.70 -7.34 5.40
CA VAL A 85 6.84 -6.30 5.97
C VAL A 85 5.86 -6.88 6.97
N SER A 86 5.38 -8.09 6.68
CA SER A 86 4.42 -8.77 7.55
C SER A 86 5.14 -9.51 8.67
N ARG A 87 4.64 -9.35 9.90
CA ARG A 87 5.23 -10.01 11.05
C ARG A 87 4.62 -11.39 11.28
N ASN A 88 4.21 -12.03 10.19
CA ASN A 88 3.60 -13.35 10.26
C ASN A 88 4.35 -14.35 9.38
N GLN A 89 4.47 -14.02 8.10
CA GLN A 89 5.17 -14.89 7.15
C GLN A 89 6.29 -14.14 6.46
N GLN A 90 6.80 -14.72 5.37
CA GLN A 90 7.87 -14.10 4.60
C GLN A 90 7.44 -13.81 3.17
N ILE A 91 6.77 -12.69 2.97
CA ILE A 91 6.30 -12.29 1.65
C ILE A 91 6.73 -10.88 1.31
N PHE A 92 6.78 -10.58 0.02
CA PHE A 92 7.18 -9.26 -0.45
C PHE A 92 6.02 -8.53 -1.11
N LEU A 93 6.10 -7.21 -1.17
CA LEU A 93 5.05 -6.40 -1.78
C LEU A 93 5.07 -6.54 -3.30
N ARG A 94 4.06 -7.22 -3.84
CA ARG A 94 3.96 -7.42 -5.27
C ARG A 94 3.32 -6.21 -5.96
N ASP A 95 3.85 -5.83 -7.12
CA ASP A 95 3.33 -4.70 -7.86
C ASP A 95 1.91 -4.97 -8.35
N ILE A 96 0.94 -4.35 -7.69
CA ILE A 96 -0.46 -4.53 -8.06
C ILE A 96 -0.70 -4.12 -9.51
N GLU A 97 -1.63 -4.81 -10.17
CA GLU A 97 -1.96 -4.52 -11.55
C GLU A 97 -3.03 -3.43 -11.64
N GLN A 98 -2.62 -2.19 -11.45
CA GLN A 98 -3.54 -1.06 -11.50
C GLN A 98 -4.21 -0.97 -12.87
N VAL A 99 -5.40 -0.35 -12.91
CA VAL A 99 -6.14 -0.21 -14.16
C VAL A 99 -5.21 0.16 -15.31
N PRO A 100 -5.42 -0.49 -16.46
CA PRO A 100 -4.61 -0.26 -17.66
C PRO A 100 -4.88 1.12 -18.28
N GLN A 101 -3.89 1.63 -19.01
CA GLN A 101 -4.02 2.93 -19.65
C GLN A 101 -3.35 2.93 -21.02
N GLN A 102 -4.09 2.49 -22.03
CA GLN A 102 -3.57 2.43 -23.38
C GLN A 102 -4.58 2.98 -24.39
N PRO A 103 -4.24 4.13 -25.01
CA PRO A 103 -5.11 4.78 -25.98
C PRO A 103 -5.21 3.99 -27.28
N THR A 104 -6.29 4.23 -28.02
CA THR A 104 -6.51 3.54 -29.29
C THR A 104 -6.54 4.52 -30.46
N TRP A 5 0.22 3.77 -6.97
CA TRP A 5 -0.37 2.82 -6.04
C TRP A 5 -1.18 3.54 -4.96
N PHE A 6 -1.14 4.86 -4.98
CA PHE A 6 -1.87 5.66 -4.02
C PHE A 6 -3.28 5.99 -4.52
N PHE A 7 -4.24 6.02 -3.60
CA PHE A 7 -5.62 6.32 -3.96
C PHE A 7 -6.22 7.34 -3.00
N GLY A 8 -6.92 8.32 -3.57
CA GLY A 8 -7.53 9.36 -2.75
C GLY A 8 -8.30 8.79 -1.57
N LYS A 9 -9.61 8.67 -1.73
CA LYS A 9 -10.47 8.13 -0.67
C LYS A 9 -11.26 6.93 -1.17
N ILE A 10 -10.89 5.75 -0.70
CA ILE A 10 -11.57 4.52 -1.09
C ILE A 10 -11.73 3.57 0.10
N PRO A 11 -12.91 2.92 0.17
CA PRO A 11 -13.21 1.98 1.25
C PRO A 11 -12.39 0.70 1.16
N ARG A 12 -12.03 0.15 2.32
CA ARG A 12 -11.24 -1.07 2.37
C ARG A 12 -11.67 -2.05 1.28
N ALA A 13 -12.97 -2.09 1.01
CA ALA A 13 -13.52 -2.97 -0.01
C ALA A 13 -12.93 -2.66 -1.38
N LYS A 14 -13.11 -1.42 -1.82
CA LYS A 14 -12.61 -0.99 -3.12
C LYS A 14 -11.15 -1.43 -3.30
N ALA A 15 -10.35 -1.27 -2.25
CA ALA A 15 -8.95 -1.64 -2.29
C ALA A 15 -8.79 -3.13 -2.59
N GLU A 16 -9.49 -3.96 -1.83
CA GLU A 16 -9.42 -5.40 -2.02
C GLU A 16 -9.65 -5.78 -3.48
N GLU A 17 -10.51 -5.01 -4.14
CA GLU A 17 -10.83 -5.27 -5.54
C GLU A 17 -9.66 -4.89 -6.45
N MET A 18 -9.11 -3.70 -6.22
CA MET A 18 -7.98 -3.22 -7.01
C MET A 18 -6.84 -4.24 -7.01
N LEU A 19 -6.72 -4.98 -5.92
CA LEU A 19 -5.67 -5.99 -5.80
C LEU A 19 -6.15 -7.33 -6.34
N SER A 20 -7.37 -7.72 -5.97
CA SER A 20 -7.93 -8.99 -6.42
C SER A 20 -7.95 -9.06 -7.94
N LYS A 21 -8.53 -8.04 -8.57
CA LYS A 21 -8.61 -7.99 -10.02
C LYS A 21 -7.25 -8.26 -10.66
N GLN A 22 -6.20 -8.05 -9.89
CA GLN A 22 -4.84 -8.27 -10.37
C GLN A 22 -4.58 -9.76 -10.59
N ARG A 23 -3.34 -10.08 -10.99
CA ARG A 23 -2.97 -11.46 -11.24
C ARG A 23 -1.73 -11.84 -10.43
N HIS A 24 -0.81 -10.89 -10.28
CA HIS A 24 0.42 -11.12 -9.53
C HIS A 24 0.12 -11.41 -8.06
N ASP A 25 1.17 -11.60 -7.28
CA ASP A 25 1.02 -11.88 -5.86
C ASP A 25 1.78 -10.86 -5.01
N GLY A 26 1.05 -10.07 -4.25
CA GLY A 26 1.67 -9.05 -3.41
C GLY A 26 1.27 -7.64 -3.80
N ALA A 27 0.17 -7.53 -4.53
CA ALA A 27 -0.33 -6.23 -4.97
C ALA A 27 -0.61 -5.32 -3.78
N PHE A 28 0.15 -4.22 -3.69
CA PHE A 28 -0.02 -3.27 -2.59
C PHE A 28 -0.74 -2.01 -3.08
N LEU A 29 -1.49 -1.39 -2.17
CA LEU A 29 -2.23 -0.18 -2.51
C LEU A 29 -2.50 0.65 -1.26
N ILE A 30 -2.07 1.91 -1.28
CA ILE A 30 -2.28 2.80 -0.14
C ILE A 30 -3.45 3.75 -0.39
N ARG A 31 -4.28 3.94 0.62
CA ARG A 31 -5.44 4.81 0.52
C ARG A 31 -5.36 5.93 1.55
N GLU A 32 -6.04 7.04 1.25
CA GLU A 32 -6.05 8.19 2.16
C GLU A 32 -7.48 8.57 2.53
N SER A 33 -7.64 9.15 3.71
CA SER A 33 -8.96 9.57 4.19
C SER A 33 -9.47 10.78 3.40
N GLU A 34 -10.70 11.19 3.68
CA GLU A 34 -11.30 12.34 3.01
C GLU A 34 -11.30 13.55 3.92
N SER A 35 -11.71 13.35 5.17
CA SER A 35 -11.77 14.44 6.14
C SER A 35 -10.55 14.41 7.06
N ALA A 36 -9.77 13.35 6.95
CA ALA A 36 -8.57 13.21 7.78
C ALA A 36 -7.30 13.32 6.94
N PRO A 37 -6.77 14.54 6.84
CA PRO A 37 -5.55 14.81 6.07
C PRO A 37 -4.31 14.21 6.71
N GLY A 38 -3.48 13.56 5.89
CA GLY A 38 -2.27 12.95 6.41
C GLY A 38 -2.45 11.47 6.71
N ASP A 39 -3.70 11.03 6.81
CA ASP A 39 -4.00 9.63 7.08
C ASP A 39 -3.65 8.75 5.89
N PHE A 40 -2.83 7.73 6.14
CA PHE A 40 -2.41 6.82 5.08
C PHE A 40 -2.40 5.37 5.59
N SER A 41 -2.82 4.45 4.74
CA SER A 41 -2.86 3.04 5.09
C SER A 41 -2.57 2.16 3.88
N LEU A 42 -1.66 1.20 4.06
CA LEU A 42 -1.29 0.29 2.98
C LEU A 42 -2.21 -0.93 2.95
N SER A 43 -2.33 -1.54 1.78
CA SER A 43 -3.18 -2.71 1.63
C SER A 43 -2.54 -3.73 0.68
N VAL A 44 -2.05 -4.83 1.25
CA VAL A 44 -1.42 -5.88 0.47
C VAL A 44 -2.31 -7.10 0.35
N LYS A 45 -2.25 -7.78 -0.79
CA LYS A 45 -3.05 -8.97 -1.03
C LYS A 45 -2.26 -10.23 -0.67
N PHE A 46 -2.82 -11.02 0.24
CA PHE A 46 -2.17 -12.26 0.66
C PHE A 46 -3.10 -13.46 0.46
N GLY A 47 -2.93 -14.15 -0.67
CA GLY A 47 -3.74 -15.30 -0.97
C GLY A 47 -5.21 -14.94 -1.15
N ASN A 48 -6.07 -15.66 -0.44
CA ASN A 48 -7.52 -15.41 -0.53
C ASN A 48 -7.96 -14.41 0.54
N ASP A 49 -7.02 -13.58 1.00
CA ASP A 49 -7.32 -12.59 2.02
C ASP A 49 -6.52 -11.31 1.77
N VAL A 50 -7.13 -10.17 2.06
CA VAL A 50 -6.47 -8.88 1.87
C VAL A 50 -6.12 -8.23 3.20
N GLN A 51 -4.83 -8.02 3.44
CA GLN A 51 -4.37 -7.41 4.67
C GLN A 51 -3.98 -5.95 4.45
N HIS A 52 -3.67 -5.26 5.54
CA HIS A 52 -3.29 -3.85 5.47
C HIS A 52 -2.38 -3.47 6.64
N PHE A 53 -1.81 -2.28 6.57
CA PHE A 53 -0.92 -1.80 7.62
C PHE A 53 -1.14 -0.31 7.88
N LYS A 54 -1.55 0.02 9.11
CA LYS A 54 -1.79 1.40 9.49
C LYS A 54 -0.49 2.18 9.58
N VAL A 55 -0.30 3.12 8.65
CA VAL A 55 0.91 3.94 8.63
C VAL A 55 0.86 5.01 9.71
N LEU A 56 2.00 5.26 10.34
CA LEU A 56 2.09 6.26 11.39
C LEU A 56 2.67 7.57 10.86
N ARG A 57 2.30 8.68 11.49
CA ARG A 57 2.78 9.99 11.07
C ARG A 57 3.37 10.75 12.25
N ASP A 58 4.41 11.54 11.98
CA ASP A 58 5.06 12.33 13.02
C ASP A 58 4.51 13.75 13.05
N GLY A 59 4.94 14.52 14.05
CA GLY A 59 4.48 15.89 14.17
C GLY A 59 5.26 16.85 13.29
N ALA A 60 5.77 16.34 12.17
CA ALA A 60 6.54 17.16 11.25
C ALA A 60 6.17 16.84 9.80
N GLY A 61 5.95 15.56 9.52
CA GLY A 61 5.59 15.14 8.18
C GLY A 61 6.37 13.91 7.74
N LYS A 62 6.64 13.02 8.68
CA LYS A 62 7.37 11.79 8.38
C LYS A 62 6.45 10.57 8.54
N TYR A 63 6.73 9.53 7.76
CA TYR A 63 5.95 8.30 7.81
C TYR A 63 6.78 7.14 8.32
N PHE A 64 6.16 6.30 9.15
CA PHE A 64 6.85 5.14 9.71
C PHE A 64 5.85 4.02 10.02
N LEU A 65 6.38 2.86 10.41
CA LEU A 65 5.54 1.71 10.74
C LEU A 65 6.03 1.03 12.01
N TRP A 66 6.99 0.11 11.84
CA TRP A 66 7.55 -0.61 12.98
C TRP A 66 8.69 0.17 13.61
N VAL A 67 9.85 0.16 12.94
CA VAL A 67 11.03 0.85 13.44
C VAL A 67 11.70 1.65 12.33
N VAL A 68 11.07 1.67 11.16
CA VAL A 68 11.60 2.40 10.01
C VAL A 68 10.79 3.65 9.73
N LYS A 69 11.49 4.73 9.37
CA LYS A 69 10.83 6.00 9.07
C LYS A 69 11.40 6.62 7.80
N PHE A 70 10.65 7.54 7.21
CA PHE A 70 11.08 8.21 5.99
C PHE A 70 10.38 9.56 5.83
N ASN A 71 10.65 10.22 4.72
CA ASN A 71 10.05 11.53 4.44
C ASN A 71 8.74 11.38 3.67
N SER A 72 8.78 10.60 2.59
CA SER A 72 7.60 10.38 1.76
C SER A 72 7.13 8.93 1.88
N LEU A 73 6.04 8.62 1.19
CA LEU A 73 5.49 7.27 1.20
C LEU A 73 6.25 6.36 0.24
N ASN A 74 6.72 6.93 -0.86
CA ASN A 74 7.47 6.17 -1.86
C ASN A 74 8.67 5.48 -1.23
N GLU A 75 9.35 6.20 -0.34
CA GLU A 75 10.54 5.65 0.33
C GLU A 75 10.17 4.43 1.17
N LEU A 76 8.97 4.44 1.72
CA LEU A 76 8.49 3.33 2.54
C LEU A 76 8.24 2.09 1.69
N VAL A 77 7.29 2.19 0.77
CA VAL A 77 6.95 1.08 -0.11
C VAL A 77 8.21 0.45 -0.70
N ASP A 78 9.24 1.26 -0.91
CA ASP A 78 10.50 0.79 -1.47
C ASP A 78 11.23 -0.11 -0.48
N TYR A 79 11.55 0.44 0.70
CA TYR A 79 12.23 -0.31 1.73
C TYR A 79 11.61 -1.68 1.94
N HIS A 80 10.28 -1.73 1.87
CA HIS A 80 9.55 -2.99 2.04
C HIS A 80 9.56 -3.79 0.75
N ARG A 81 9.74 -3.11 -0.37
CA ARG A 81 9.76 -3.77 -1.67
C ARG A 81 11.02 -4.62 -1.82
N SER A 82 12.10 -4.19 -1.19
CA SER A 82 13.36 -4.92 -1.26
C SER A 82 13.53 -5.83 -0.05
N THR A 83 12.93 -5.44 1.06
CA THR A 83 13.01 -6.23 2.29
C THR A 83 11.63 -6.70 2.74
N SER A 84 11.56 -7.91 3.28
CA SER A 84 10.31 -8.47 3.75
C SER A 84 9.46 -7.42 4.46
N VAL A 85 8.17 -7.68 4.57
CA VAL A 85 7.26 -6.74 5.23
C VAL A 85 6.23 -7.50 6.08
N SER A 86 5.81 -8.67 5.60
CA SER A 86 4.84 -9.48 6.33
C SER A 86 5.52 -10.34 7.37
N ARG A 87 4.94 -10.39 8.57
CA ARG A 87 5.49 -11.18 9.66
C ARG A 87 4.91 -12.59 9.65
N ASN A 88 4.63 -13.10 8.46
CA ASN A 88 4.08 -14.44 8.31
C ASN A 88 4.86 -15.25 7.29
N GLN A 89 4.98 -14.70 6.08
CA GLN A 89 5.71 -15.37 5.00
C GLN A 89 6.76 -14.45 4.39
N GLN A 90 7.45 -14.94 3.38
CA GLN A 90 8.49 -14.15 2.71
C GLN A 90 7.97 -13.59 1.39
N ILE A 91 7.29 -12.44 1.46
CA ILE A 91 6.74 -11.81 0.27
C ILE A 91 7.12 -10.33 0.22
N PHE A 92 7.15 -9.77 -0.98
CA PHE A 92 7.50 -8.37 -1.16
C PHE A 92 6.30 -7.58 -1.70
N LEU A 93 6.52 -6.29 -1.96
CA LEU A 93 5.45 -5.43 -2.47
C LEU A 93 5.44 -5.44 -3.99
N ARG A 94 4.41 -6.06 -4.56
CA ARG A 94 4.26 -6.15 -6.01
C ARG A 94 3.67 -4.87 -6.57
N ASP A 95 4.30 -4.32 -7.61
CA ASP A 95 3.84 -3.09 -8.23
C ASP A 95 2.42 -3.27 -8.78
N ILE A 96 1.45 -2.66 -8.10
CA ILE A 96 0.06 -2.76 -8.52
C ILE A 96 -0.18 -1.99 -9.82
N GLU A 97 -1.15 -2.45 -10.61
CA GLU A 97 -1.47 -1.80 -11.88
C GLU A 97 -2.64 -0.83 -11.70
N GLN A 98 -2.33 0.47 -11.70
CA GLN A 98 -3.36 1.49 -11.54
C GLN A 98 -4.27 1.54 -12.77
N VAL A 99 -5.51 1.98 -12.56
CA VAL A 99 -6.48 2.07 -13.64
C VAL A 99 -5.80 2.44 -14.95
N PRO A 100 -6.05 1.62 -16.00
CA PRO A 100 -5.48 1.85 -17.32
C PRO A 100 -6.06 3.07 -18.02
N GLN A 101 -5.29 3.65 -18.92
CA GLN A 101 -5.73 4.84 -19.65
C GLN A 101 -4.85 5.09 -20.87
N GLN A 102 -5.15 4.41 -21.97
CA GLN A 102 -4.39 4.55 -23.19
C GLN A 102 -5.25 5.11 -24.32
N PRO A 103 -4.84 6.26 -24.87
CA PRO A 103 -5.57 6.93 -25.96
C PRO A 103 -5.48 6.15 -27.28
N THR A 104 -6.46 6.36 -28.14
CA THR A 104 -6.51 5.68 -29.42
C THR A 104 -5.21 5.88 -30.20
N TRP A 5 0.01 2.82 -7.92
CA TRP A 5 -0.44 1.95 -6.84
C TRP A 5 -1.17 2.75 -5.77
N PHE A 6 -1.53 3.99 -6.11
CA PHE A 6 -2.24 4.85 -5.17
C PHE A 6 -3.68 5.07 -5.61
N PHE A 7 -4.58 5.19 -4.63
CA PHE A 7 -5.99 5.39 -4.93
C PHE A 7 -6.54 6.58 -4.13
N GLY A 8 -7.35 7.40 -4.79
CA GLY A 8 -7.92 8.56 -4.14
C GLY A 8 -9.28 8.27 -3.54
N LYS A 9 -9.42 8.52 -2.25
CA LYS A 9 -10.68 8.28 -1.55
C LYS A 9 -11.31 6.97 -2.00
N ILE A 10 -11.03 5.90 -1.26
CA ILE A 10 -11.58 4.59 -1.58
C ILE A 10 -11.77 3.74 -0.32
N PRO A 11 -12.93 3.09 -0.22
CA PRO A 11 -13.26 2.24 0.92
C PRO A 11 -12.42 0.96 0.95
N ARG A 12 -12.09 0.50 2.16
CA ARG A 12 -11.29 -0.70 2.33
C ARG A 12 -11.78 -1.81 1.41
N ALA A 13 -13.08 -1.82 1.14
CA ALA A 13 -13.68 -2.83 0.26
C ALA A 13 -13.12 -2.74 -1.15
N LYS A 14 -13.16 -1.54 -1.72
CA LYS A 14 -12.66 -1.33 -3.07
C LYS A 14 -11.21 -1.78 -3.19
N ALA A 15 -10.37 -1.36 -2.24
CA ALA A 15 -8.96 -1.74 -2.24
C ALA A 15 -8.80 -3.25 -2.36
N GLU A 16 -9.41 -3.99 -1.43
CA GLU A 16 -9.32 -5.44 -1.44
C GLU A 16 -9.70 -6.00 -2.80
N GLU A 17 -10.69 -5.38 -3.44
CA GLU A 17 -11.15 -5.83 -4.75
C GLU A 17 -10.08 -5.55 -5.81
N MET A 18 -9.46 -4.38 -5.73
CA MET A 18 -8.43 -3.99 -6.68
C MET A 18 -7.26 -4.96 -6.64
N LEU A 19 -6.95 -5.47 -5.46
CA LEU A 19 -5.86 -6.41 -5.28
C LEU A 19 -6.28 -7.82 -5.68
N SER A 20 -7.35 -8.31 -5.07
CA SER A 20 -7.86 -9.65 -5.38
C SER A 20 -7.87 -9.90 -6.88
N LYS A 21 -8.48 -8.99 -7.62
CA LYS A 21 -8.57 -9.11 -9.08
C LYS A 21 -7.21 -9.49 -9.66
N GLN A 22 -6.14 -9.02 -9.03
CA GLN A 22 -4.79 -9.30 -9.49
C GLN A 22 -4.53 -10.81 -9.52
N ARG A 23 -3.42 -11.20 -10.12
CA ARG A 23 -3.05 -12.60 -10.22
C ARG A 23 -1.90 -12.94 -9.28
N HIS A 24 -1.02 -11.97 -9.07
CA HIS A 24 0.13 -12.16 -8.19
C HIS A 24 -0.30 -12.22 -6.73
N ASP A 25 0.67 -12.28 -5.82
CA ASP A 25 0.39 -12.35 -4.40
C ASP A 25 1.19 -11.31 -3.63
N GLY A 26 0.50 -10.44 -2.90
CA GLY A 26 1.16 -9.40 -2.15
C GLY A 26 0.94 -8.03 -2.73
N ALA A 27 -0.12 -7.87 -3.51
CA ALA A 27 -0.43 -6.60 -4.14
C ALA A 27 -0.66 -5.51 -3.09
N PHE A 28 0.04 -4.40 -3.24
CA PHE A 28 -0.08 -3.29 -2.30
C PHE A 28 -0.84 -2.13 -2.93
N LEU A 29 -1.56 -1.39 -2.10
CA LEU A 29 -2.34 -0.25 -2.58
C LEU A 29 -2.55 0.77 -1.46
N ILE A 30 -2.00 1.97 -1.65
CA ILE A 30 -2.14 3.02 -0.66
C ILE A 30 -3.34 3.92 -0.95
N ARG A 31 -4.23 4.04 0.02
CA ARG A 31 -5.43 4.85 -0.14
C ARG A 31 -5.42 6.03 0.83
N GLU A 32 -6.00 7.14 0.40
CA GLU A 32 -6.05 8.35 1.23
C GLU A 32 -7.36 8.42 2.00
N SER A 33 -7.26 8.71 3.30
CA SER A 33 -8.45 8.81 4.14
C SER A 33 -9.40 9.89 3.64
N GLU A 34 -10.69 9.63 3.73
CA GLU A 34 -11.70 10.59 3.29
C GLU A 34 -11.86 11.72 4.30
N SER A 35 -12.24 11.36 5.52
CA SER A 35 -12.44 12.34 6.58
C SER A 35 -11.11 12.71 7.23
N ALA A 36 -10.02 12.27 6.63
CA ALA A 36 -8.68 12.55 7.14
C ALA A 36 -7.70 12.82 6.02
N PRO A 37 -7.70 14.06 5.51
CA PRO A 37 -6.81 14.48 4.43
C PRO A 37 -5.34 14.54 4.86
N GLY A 38 -4.53 13.69 4.27
CA GLY A 38 -3.11 13.66 4.60
C GLY A 38 -2.68 12.33 5.19
N ASP A 39 -3.65 11.52 5.58
CA ASP A 39 -3.36 10.21 6.16
C ASP A 39 -3.33 9.13 5.08
N PHE A 40 -2.22 8.40 5.04
CA PHE A 40 -2.06 7.33 4.04
C PHE A 40 -2.22 5.96 4.69
N SER A 41 -2.75 5.02 3.93
CA SER A 41 -2.96 3.66 4.43
C SER A 41 -2.65 2.63 3.34
N LEU A 42 -1.68 1.76 3.63
CA LEU A 42 -1.28 0.72 2.68
C LEU A 42 -2.11 -0.54 2.88
N SER A 43 -2.54 -1.14 1.78
CA SER A 43 -3.35 -2.36 1.83
C SER A 43 -2.70 -3.47 1.00
N VAL A 44 -2.18 -4.49 1.70
CA VAL A 44 -1.54 -5.61 1.03
C VAL A 44 -2.42 -6.85 1.08
N LYS A 45 -2.50 -7.57 -0.04
CA LYS A 45 -3.29 -8.78 -0.12
C LYS A 45 -2.50 -9.99 0.34
N PHE A 46 -3.08 -10.75 1.27
CA PHE A 46 -2.43 -11.94 1.80
C PHE A 46 -3.38 -13.14 1.79
N GLY A 47 -3.16 -14.06 0.85
CA GLY A 47 -4.01 -15.22 0.75
C GLY A 47 -5.48 -14.87 0.67
N ASN A 48 -6.24 -15.30 1.68
CA ASN A 48 -7.67 -15.03 1.72
C ASN A 48 -7.98 -13.89 2.70
N ASP A 49 -6.97 -13.11 3.03
CA ASP A 49 -7.13 -11.99 3.94
C ASP A 49 -6.27 -10.80 3.53
N VAL A 50 -6.89 -9.63 3.38
CA VAL A 50 -6.19 -8.43 2.98
C VAL A 50 -5.79 -7.60 4.20
N GLN A 51 -4.49 -7.49 4.46
CA GLN A 51 -3.99 -6.73 5.59
C GLN A 51 -3.75 -5.27 5.20
N HIS A 52 -3.42 -4.45 6.19
CA HIS A 52 -3.16 -3.04 5.93
C HIS A 52 -2.23 -2.46 7.00
N PHE A 53 -1.67 -1.29 6.72
CA PHE A 53 -0.76 -0.63 7.66
C PHE A 53 -1.03 0.86 7.73
N LYS A 54 -1.25 1.37 8.94
CA LYS A 54 -1.52 2.78 9.14
C LYS A 54 -0.24 3.60 9.05
N VAL A 55 -0.20 4.49 8.06
CA VAL A 55 0.98 5.34 7.86
C VAL A 55 0.84 6.66 8.63
N LEU A 56 1.93 7.08 9.25
CA LEU A 56 1.93 8.32 10.01
C LEU A 56 2.92 9.33 9.43
N ARG A 57 2.58 10.60 9.51
CA ARG A 57 3.44 11.66 8.99
C ARG A 57 3.50 12.83 9.96
N ASP A 58 4.63 13.54 9.96
CA ASP A 58 4.82 14.68 10.84
C ASP A 58 5.83 15.66 10.24
N GLY A 59 5.93 16.84 10.86
CA GLY A 59 6.87 17.84 10.37
C GLY A 59 6.36 18.56 9.13
N ALA A 60 6.33 17.84 8.02
CA ALA A 60 5.87 18.40 6.75
C ALA A 60 5.56 17.30 5.74
N GLY A 61 6.57 16.51 5.41
CA GLY A 61 6.38 15.44 4.45
C GLY A 61 7.22 14.21 4.78
N LYS A 62 7.32 13.91 6.07
CA LYS A 62 8.10 12.76 6.52
C LYS A 62 7.17 11.60 6.93
N TYR A 63 7.27 10.49 6.20
CA TYR A 63 6.44 9.33 6.48
C TYR A 63 7.21 8.31 7.33
N PHE A 64 6.46 7.46 8.02
CA PHE A 64 7.07 6.43 8.87
C PHE A 64 6.03 5.38 9.27
N LEU A 65 6.51 4.19 9.59
CA LEU A 65 5.64 3.09 9.99
C LEU A 65 6.34 2.17 10.99
N TRP A 66 7.24 1.34 10.48
CA TRP A 66 7.98 0.41 11.33
C TRP A 66 9.35 0.97 11.69
N VAL A 67 9.44 1.56 12.89
CA VAL A 67 10.69 2.13 13.36
C VAL A 67 11.54 2.63 12.20
N VAL A 68 10.90 3.26 11.23
CA VAL A 68 11.60 3.78 10.06
C VAL A 68 10.83 4.95 9.44
N LYS A 69 11.57 5.85 8.79
CA LYS A 69 10.97 7.01 8.16
C LYS A 69 11.48 7.17 6.73
N PHE A 70 10.86 8.09 5.98
CA PHE A 70 11.26 8.35 4.60
C PHE A 70 10.83 9.75 4.18
N ASN A 71 11.26 10.15 2.98
CA ASN A 71 10.93 11.47 2.45
C ASN A 71 9.73 11.40 1.51
N SER A 72 9.61 10.29 0.79
CA SER A 72 8.51 10.10 -0.14
C SER A 72 7.87 8.72 0.05
N LEU A 73 6.72 8.52 -0.58
CA LEU A 73 6.00 7.25 -0.49
C LEU A 73 6.63 6.21 -1.41
N ASN A 74 6.93 6.61 -2.64
CA ASN A 74 7.53 5.70 -3.61
C ASN A 74 8.73 4.99 -3.02
N GLU A 75 9.49 5.70 -2.18
CA GLU A 75 10.67 5.13 -1.55
C GLU A 75 10.28 4.04 -0.55
N LEU A 76 9.06 4.13 -0.02
CA LEU A 76 8.57 3.17 0.94
C LEU A 76 8.12 1.88 0.24
N VAL A 77 7.19 2.02 -0.71
CA VAL A 77 6.68 0.88 -1.45
C VAL A 77 7.81 0.10 -2.10
N ASP A 78 8.84 0.81 -2.55
CA ASP A 78 9.98 0.18 -3.19
C ASP A 78 10.81 -0.60 -2.18
N TYR A 79 11.42 0.11 -1.24
CA TYR A 79 12.25 -0.51 -0.21
C TYR A 79 11.51 -1.69 0.44
N HIS A 80 10.19 -1.58 0.51
CA HIS A 80 9.37 -2.62 1.11
C HIS A 80 9.19 -3.79 0.14
N ARG A 81 9.24 -3.49 -1.16
CA ARG A 81 9.09 -4.51 -2.19
C ARG A 81 10.33 -5.39 -2.28
N SER A 82 11.47 -4.85 -1.84
CA SER A 82 12.73 -5.58 -1.87
C SER A 82 12.99 -6.27 -0.54
N THR A 83 12.43 -5.71 0.53
CA THR A 83 12.61 -6.27 1.87
C THR A 83 11.30 -6.84 2.40
N SER A 84 11.41 -7.82 3.29
CA SER A 84 10.25 -8.46 3.87
C SER A 84 9.21 -7.42 4.30
N VAL A 85 7.96 -7.86 4.45
CA VAL A 85 6.88 -6.97 4.84
C VAL A 85 5.94 -7.66 5.82
N SER A 86 5.73 -8.96 5.62
CA SER A 86 4.85 -9.73 6.48
C SER A 86 5.59 -10.24 7.71
N ARG A 87 4.85 -10.47 8.79
CA ARG A 87 5.45 -10.96 10.03
C ARG A 87 5.25 -12.47 10.18
N ASN A 88 4.76 -13.10 9.11
CA ASN A 88 4.52 -14.53 9.12
C ASN A 88 5.40 -15.24 8.09
N GLN A 89 5.57 -14.61 6.93
CA GLN A 89 6.38 -15.18 5.86
C GLN A 89 7.31 -14.13 5.27
N GLN A 90 8.02 -14.50 4.21
CA GLN A 90 8.95 -13.59 3.55
C GLN A 90 8.39 -13.12 2.22
N ILE A 91 7.22 -12.49 2.24
CA ILE A 91 6.59 -12.00 1.03
C ILE A 91 6.94 -10.55 0.77
N PHE A 92 6.80 -10.12 -0.47
CA PHE A 92 7.11 -8.74 -0.85
C PHE A 92 5.88 -8.05 -1.44
N LEU A 93 5.99 -6.74 -1.64
CA LEU A 93 4.89 -5.96 -2.20
C LEU A 93 4.87 -6.06 -3.72
N ARG A 94 3.88 -6.78 -4.24
CA ARG A 94 3.74 -6.95 -5.68
C ARG A 94 3.13 -5.71 -6.33
N ASP A 95 3.68 -5.31 -7.47
CA ASP A 95 3.19 -4.15 -8.19
C ASP A 95 1.75 -4.33 -8.62
N ILE A 96 0.85 -3.51 -8.07
CA ILE A 96 -0.57 -3.60 -8.40
C ILE A 96 -0.84 -3.07 -9.80
N GLU A 97 -1.58 -3.83 -10.59
CA GLU A 97 -1.90 -3.44 -11.96
C GLU A 97 -3.06 -2.45 -11.97
N GLN A 98 -2.74 -1.16 -11.98
CA GLN A 98 -3.75 -0.11 -12.00
C GLN A 98 -4.77 -0.35 -13.11
N VAL A 99 -5.83 0.45 -13.12
CA VAL A 99 -6.87 0.33 -14.13
C VAL A 99 -6.28 -0.04 -15.49
N PRO A 100 -6.73 -1.17 -16.04
CA PRO A 100 -6.27 -1.66 -17.34
C PRO A 100 -6.74 -0.77 -18.50
N GLN A 101 -6.00 -0.81 -19.61
CA GLN A 101 -6.35 -0.02 -20.78
C GLN A 101 -6.06 -0.79 -22.06
N GLN A 102 -6.96 -1.70 -22.42
CA GLN A 102 -6.80 -2.50 -23.62
C GLN A 102 -6.66 -1.61 -24.85
N PRO A 103 -5.57 -1.80 -25.61
CA PRO A 103 -5.30 -1.04 -26.83
C PRO A 103 -6.26 -1.37 -27.96
N THR A 104 -6.31 -0.51 -28.97
CA THR A 104 -7.18 -0.73 -30.11
C THR A 104 -6.92 0.30 -31.20
N TRP A 5 0.38 3.70 -7.43
CA TRP A 5 -0.22 2.67 -6.58
C TRP A 5 -1.05 3.29 -5.47
N PHE A 6 -1.41 4.55 -5.64
CA PHE A 6 -2.21 5.27 -4.65
C PHE A 6 -3.65 5.45 -5.14
N PHE A 7 -4.59 5.46 -4.21
CA PHE A 7 -6.00 5.63 -4.55
C PHE A 7 -6.65 6.66 -3.64
N GLY A 8 -7.52 7.48 -4.21
CA GLY A 8 -8.21 8.50 -3.43
C GLY A 8 -9.61 8.09 -3.03
N LYS A 9 -9.91 8.18 -1.74
CA LYS A 9 -11.21 7.81 -1.23
C LYS A 9 -11.69 6.49 -1.84
N ILE A 10 -11.34 5.40 -1.18
CA ILE A 10 -11.73 4.07 -1.66
C ILE A 10 -12.14 3.16 -0.50
N PRO A 11 -13.36 2.62 -0.58
CA PRO A 11 -13.89 1.73 0.46
C PRO A 11 -13.18 0.38 0.49
N ARG A 12 -13.01 -0.17 1.68
CA ARG A 12 -12.34 -1.45 1.85
C ARG A 12 -12.62 -2.37 0.66
N ALA A 13 -13.89 -2.45 0.27
CA ALA A 13 -14.29 -3.29 -0.84
C ALA A 13 -13.48 -2.95 -2.10
N LYS A 14 -13.47 -1.68 -2.46
CA LYS A 14 -12.74 -1.24 -3.65
C LYS A 14 -11.30 -1.75 -3.62
N ALA A 15 -10.60 -1.48 -2.51
CA ALA A 15 -9.22 -1.91 -2.36
C ALA A 15 -9.10 -3.43 -2.51
N GLU A 16 -9.91 -4.16 -1.76
CA GLU A 16 -9.90 -5.62 -1.82
C GLU A 16 -10.10 -6.11 -3.24
N GLU A 17 -10.86 -5.36 -4.02
CA GLU A 17 -11.14 -5.72 -5.41
C GLU A 17 -9.93 -5.45 -6.29
N MET A 18 -9.34 -4.27 -6.13
CA MET A 18 -8.17 -3.89 -6.92
C MET A 18 -7.05 -4.91 -6.76
N LEU A 19 -6.92 -5.46 -5.55
CA LEU A 19 -5.89 -6.46 -5.27
C LEU A 19 -6.33 -7.84 -5.72
N SER A 20 -7.53 -8.24 -5.29
CA SER A 20 -8.07 -9.55 -5.64
C SER A 20 -8.04 -9.76 -7.16
N LYS A 21 -8.33 -8.70 -7.90
CA LYS A 21 -8.34 -8.76 -9.35
C LYS A 21 -6.95 -9.09 -9.89
N GLN A 22 -5.92 -8.70 -9.15
CA GLN A 22 -4.54 -8.95 -9.54
C GLN A 22 -4.28 -10.45 -9.66
N ARG A 23 -3.14 -10.80 -10.25
CA ARG A 23 -2.77 -12.21 -10.42
C ARG A 23 -1.55 -12.55 -9.58
N HIS A 24 -0.67 -11.58 -9.39
CA HIS A 24 0.55 -11.78 -8.60
C HIS A 24 0.20 -12.03 -7.14
N ASP A 25 1.22 -12.09 -6.30
CA ASP A 25 1.03 -12.32 -4.86
C ASP A 25 1.74 -11.26 -4.03
N GLY A 26 0.96 -10.40 -3.38
CA GLY A 26 1.54 -9.36 -2.56
C GLY A 26 1.19 -7.97 -3.06
N ALA A 27 0.09 -7.88 -3.80
CA ALA A 27 -0.36 -6.60 -4.34
C ALA A 27 -0.61 -5.59 -3.23
N PHE A 28 -0.01 -4.42 -3.34
CA PHE A 28 -0.16 -3.37 -2.35
C PHE A 28 -0.91 -2.18 -2.93
N LEU A 29 -1.67 -1.50 -2.08
CA LEU A 29 -2.45 -0.33 -2.51
C LEU A 29 -2.70 0.61 -1.34
N ILE A 30 -2.23 1.84 -1.46
CA ILE A 30 -2.41 2.84 -0.41
C ILE A 30 -3.59 3.76 -0.74
N ARG A 31 -4.50 3.91 0.23
CA ARG A 31 -5.67 4.75 0.05
C ARG A 31 -5.66 5.91 1.05
N GLU A 32 -6.47 6.93 0.78
CA GLU A 32 -6.55 8.09 1.65
C GLU A 32 -7.86 8.10 2.42
N SER A 33 -7.78 8.33 3.72
CA SER A 33 -8.96 8.36 4.57
C SER A 33 -9.91 9.48 4.13
N GLU A 34 -11.19 9.13 3.97
CA GLU A 34 -12.19 10.10 3.56
C GLU A 34 -12.48 11.10 4.67
N SER A 35 -12.53 10.60 5.91
CA SER A 35 -12.79 11.44 7.06
C SER A 35 -11.51 12.03 7.62
N ALA A 36 -10.37 11.53 7.13
CA ALA A 36 -9.07 12.01 7.58
C ALA A 36 -8.16 12.33 6.39
N PRO A 37 -8.18 13.60 5.97
CA PRO A 37 -7.37 14.07 4.84
C PRO A 37 -5.87 14.09 5.17
N GLY A 38 -5.08 13.41 4.34
CA GLY A 38 -3.65 13.37 4.56
C GLY A 38 -3.20 12.04 5.14
N ASP A 39 -4.10 11.34 5.80
CA ASP A 39 -3.79 10.05 6.41
C ASP A 39 -3.62 8.98 5.33
N PHE A 40 -2.46 8.34 5.32
CA PHE A 40 -2.16 7.30 4.34
C PHE A 40 -2.29 5.92 4.97
N SER A 41 -2.83 4.97 4.20
CA SER A 41 -3.01 3.60 4.69
C SER A 41 -2.74 2.59 3.59
N LEU A 42 -1.76 1.72 3.81
CA LEU A 42 -1.41 0.70 2.83
C LEU A 42 -2.26 -0.56 3.01
N SER A 43 -2.49 -1.27 1.92
CA SER A 43 -3.30 -2.49 1.96
C SER A 43 -2.69 -3.56 1.05
N VAL A 44 -2.07 -4.57 1.67
CA VAL A 44 -1.45 -5.66 0.93
C VAL A 44 -2.36 -6.88 0.89
N LYS A 45 -2.26 -7.65 -0.19
CA LYS A 45 -3.07 -8.84 -0.35
C LYS A 45 -2.33 -10.08 0.15
N PHE A 46 -3.02 -10.90 0.94
CA PHE A 46 -2.43 -12.11 1.49
C PHE A 46 -3.37 -13.30 1.32
N GLY A 47 -3.20 -14.05 0.24
CA GLY A 47 -4.03 -15.21 -0.01
C GLY A 47 -5.51 -14.84 -0.06
N ASN A 48 -6.24 -15.19 0.99
CA ASN A 48 -7.67 -14.89 1.05
C ASN A 48 -7.97 -13.87 2.14
N ASP A 49 -6.99 -13.04 2.45
CA ASP A 49 -7.14 -12.01 3.47
C ASP A 49 -6.36 -10.74 3.10
N VAL A 50 -7.08 -9.63 2.99
CA VAL A 50 -6.46 -8.36 2.63
C VAL A 50 -6.06 -7.59 3.88
N GLN A 51 -4.76 -7.53 4.14
CA GLN A 51 -4.25 -6.82 5.30
C GLN A 51 -3.85 -5.39 4.94
N HIS A 52 -3.49 -4.60 5.94
CA HIS A 52 -3.09 -3.21 5.73
C HIS A 52 -2.19 -2.72 6.85
N PHE A 53 -1.53 -1.59 6.62
CA PHE A 53 -0.64 -1.02 7.63
C PHE A 53 -0.91 0.48 7.81
N LYS A 54 -1.08 0.89 9.06
CA LYS A 54 -1.35 2.28 9.37
C LYS A 54 -0.07 3.11 9.27
N VAL A 55 -0.04 4.01 8.29
CA VAL A 55 1.12 4.88 8.10
C VAL A 55 1.07 6.09 9.02
N LEU A 56 2.18 6.34 9.70
CA LEU A 56 2.26 7.46 10.63
C LEU A 56 3.27 8.50 10.12
N ARG A 57 3.00 9.77 10.40
CA ARG A 57 3.87 10.85 9.98
C ARG A 57 3.87 11.98 11.00
N ASP A 58 4.91 12.81 10.98
CA ASP A 58 5.02 13.93 11.90
C ASP A 58 4.55 15.23 11.25
N GLY A 59 4.69 16.33 11.97
CA GLY A 59 4.27 17.62 11.44
C GLY A 59 5.34 18.27 10.58
N ALA A 60 6.08 17.44 9.85
CA ALA A 60 7.14 17.93 8.97
C ALA A 60 7.02 17.34 7.58
N GLY A 61 6.80 16.03 7.51
CA GLY A 61 6.67 15.37 6.23
C GLY A 61 7.46 14.07 6.17
N LYS A 62 7.59 13.41 7.32
CA LYS A 62 8.31 12.15 7.39
C LYS A 62 7.37 11.00 7.71
N TYR A 63 7.53 9.89 7.00
CA TYR A 63 6.69 8.72 7.21
C TYR A 63 7.42 7.66 8.03
N PHE A 64 6.67 6.76 8.64
CA PHE A 64 7.24 5.69 9.45
C PHE A 64 6.18 4.67 9.85
N LEU A 65 6.60 3.44 10.06
CA LEU A 65 5.69 2.37 10.44
C LEU A 65 6.40 1.33 11.31
N TRP A 66 7.15 0.44 10.65
CA TRP A 66 7.88 -0.60 11.35
C TRP A 66 9.27 -0.12 11.75
N VAL A 67 9.37 0.46 12.94
CA VAL A 67 10.65 0.96 13.45
C VAL A 67 11.50 1.51 12.32
N VAL A 68 10.85 2.08 11.32
CA VAL A 68 11.54 2.66 10.17
C VAL A 68 10.95 4.00 9.77
N LYS A 69 11.78 4.89 9.26
CA LYS A 69 11.33 6.21 8.84
C LYS A 69 11.75 6.49 7.40
N PHE A 70 11.11 7.48 6.78
CA PHE A 70 11.42 7.85 5.41
C PHE A 70 11.02 9.30 5.13
N ASN A 71 11.27 9.74 3.91
CA ASN A 71 10.94 11.11 3.51
C ASN A 71 9.57 11.16 2.84
N SER A 72 9.23 10.10 2.11
CA SER A 72 7.95 10.04 1.41
C SER A 72 7.39 8.61 1.43
N LEU A 73 6.27 8.42 0.76
CA LEU A 73 5.63 7.11 0.70
C LEU A 73 6.40 6.17 -0.24
N ASN A 74 6.77 6.69 -1.40
CA ASN A 74 7.50 5.90 -2.37
C ASN A 74 8.67 5.16 -1.72
N GLU A 75 9.46 5.89 -0.94
CA GLU A 75 10.60 5.30 -0.25
C GLU A 75 10.16 4.20 0.70
N LEU A 76 8.90 4.26 1.12
CA LEU A 76 8.36 3.26 2.03
C LEU A 76 7.99 1.98 1.29
N VAL A 77 7.10 2.11 0.30
CA VAL A 77 6.67 0.97 -0.49
C VAL A 77 7.86 0.21 -1.06
N ASP A 78 8.95 0.94 -1.30
CA ASP A 78 10.16 0.34 -1.86
C ASP A 78 10.88 -0.49 -0.80
N TYR A 79 11.28 0.16 0.29
CA TYR A 79 11.98 -0.53 1.37
C TYR A 79 11.35 -1.89 1.65
N HIS A 80 10.02 -1.94 1.63
CA HIS A 80 9.30 -3.18 1.89
C HIS A 80 9.40 -4.12 0.70
N ARG A 81 9.36 -3.56 -0.50
CA ARG A 81 9.44 -4.35 -1.72
C ARG A 81 10.72 -5.18 -1.74
N SER A 82 11.73 -4.73 -1.01
CA SER A 82 13.00 -5.43 -0.95
C SER A 82 13.08 -6.31 0.30
N THR A 83 12.46 -5.85 1.38
CA THR A 83 12.45 -6.60 2.63
C THR A 83 11.04 -6.73 3.18
N SER A 84 10.70 -7.93 3.65
CA SER A 84 9.37 -8.18 4.21
C SER A 84 9.17 -7.43 5.51
N VAL A 85 7.92 -7.22 5.89
CA VAL A 85 7.59 -6.51 7.12
C VAL A 85 6.55 -7.27 7.93
N SER A 86 6.03 -8.35 7.36
CA SER A 86 5.02 -9.16 8.03
C SER A 86 5.68 -10.20 8.94
N ARG A 87 4.98 -10.58 10.00
CA ARG A 87 5.48 -11.56 10.95
C ARG A 87 5.04 -12.97 10.58
N ASN A 88 4.23 -13.06 9.53
CA ASN A 88 3.72 -14.35 9.06
C ASN A 88 4.65 -14.96 8.01
N GLN A 89 4.95 -14.18 6.97
CA GLN A 89 5.82 -14.64 5.91
C GLN A 89 6.75 -13.52 5.44
N GLN A 90 7.64 -13.83 4.51
CA GLN A 90 8.58 -12.86 3.98
C GLN A 90 8.18 -12.42 2.57
N ILE A 91 6.93 -12.00 2.42
CA ILE A 91 6.43 -11.55 1.13
C ILE A 91 6.90 -10.13 0.82
N PHE A 92 6.87 -9.78 -0.47
CA PHE A 92 7.29 -8.45 -0.90
C PHE A 92 6.14 -7.71 -1.55
N LEU A 93 6.18 -6.38 -1.48
CA LEU A 93 5.13 -5.54 -2.07
C LEU A 93 5.18 -5.60 -3.59
N ARG A 94 4.18 -6.23 -4.19
CA ARG A 94 4.12 -6.36 -5.64
C ARG A 94 3.43 -5.15 -6.26
N ASP A 95 4.06 -4.59 -7.29
CA ASP A 95 3.50 -3.43 -7.97
C ASP A 95 2.11 -3.72 -8.52
N ILE A 96 1.10 -3.06 -7.96
CA ILE A 96 -0.27 -3.26 -8.39
C ILE A 96 -0.49 -2.71 -9.80
N GLU A 97 -1.38 -3.36 -10.54
CA GLU A 97 -1.68 -2.93 -11.90
C GLU A 97 -2.51 -1.66 -11.91
N GLN A 98 -1.84 -0.51 -11.88
CA GLN A 98 -2.50 0.78 -11.87
C GLN A 98 -3.58 0.84 -12.94
N VAL A 99 -4.52 1.77 -12.80
CA VAL A 99 -5.60 1.92 -13.75
C VAL A 99 -5.13 1.60 -15.17
N PRO A 100 -5.99 0.90 -15.93
CA PRO A 100 -5.69 0.51 -17.31
C PRO A 100 -5.68 1.70 -18.26
N GLN A 101 -4.81 1.64 -19.27
CA GLN A 101 -4.70 2.72 -20.25
C GLN A 101 -4.11 2.21 -21.55
N GLN A 102 -4.95 2.07 -22.57
CA GLN A 102 -4.51 1.59 -23.87
C GLN A 102 -3.08 2.04 -24.16
N PRO A 103 -2.12 1.15 -23.87
CA PRO A 103 -0.69 1.42 -24.09
C PRO A 103 -0.33 1.47 -25.57
N THR A 104 0.91 1.83 -25.86
CA THR A 104 1.38 1.93 -27.23
C THR A 104 0.38 2.67 -28.10
N TRP A 5 -2.81 1.94 -6.85
CA TRP A 5 -1.84 2.76 -6.14
C TRP A 5 -2.47 3.45 -4.94
N PHE A 6 -3.31 4.43 -5.20
CA PHE A 6 -4.00 5.16 -4.14
C PHE A 6 -5.51 5.18 -4.36
N PHE A 7 -6.26 5.28 -3.26
CA PHE A 7 -7.71 5.31 -3.34
C PHE A 7 -8.28 6.40 -2.44
N GLY A 8 -9.22 7.16 -2.97
CA GLY A 8 -9.84 8.23 -2.20
C GLY A 8 -10.48 7.73 -0.93
N LYS A 9 -11.80 7.83 -0.85
CA LYS A 9 -12.54 7.38 0.33
C LYS A 9 -13.18 6.02 0.08
N ILE A 10 -12.50 4.96 0.51
CA ILE A 10 -13.02 3.61 0.34
C ILE A 10 -12.82 2.79 1.61
N PRO A 11 -13.84 1.98 1.95
CA PRO A 11 -13.80 1.12 3.15
C PRO A 11 -12.81 -0.02 3.00
N ARG A 12 -12.23 -0.44 4.12
CA ARG A 12 -11.26 -1.53 4.12
C ARG A 12 -11.77 -2.70 3.28
N ALA A 13 -13.09 -2.86 3.23
CA ALA A 13 -13.69 -3.94 2.45
C ALA A 13 -13.44 -3.75 0.96
N LYS A 14 -13.78 -2.57 0.45
CA LYS A 14 -13.58 -2.27 -0.97
C LYS A 14 -12.14 -2.56 -1.39
N ALA A 15 -11.19 -2.10 -0.58
CA ALA A 15 -9.78 -2.31 -0.88
C ALA A 15 -9.48 -3.78 -1.12
N GLU A 16 -9.84 -4.63 -0.16
CA GLU A 16 -9.61 -6.06 -0.28
C GLU A 16 -10.17 -6.59 -1.59
N GLU A 17 -11.28 -6.01 -2.03
CA GLU A 17 -11.92 -6.44 -3.27
C GLU A 17 -11.09 -6.02 -4.48
N MET A 18 -10.52 -4.82 -4.41
CA MET A 18 -9.70 -4.31 -5.50
C MET A 18 -8.49 -5.21 -5.75
N LEU A 19 -7.95 -5.77 -4.67
CA LEU A 19 -6.79 -6.65 -4.77
C LEU A 19 -7.22 -8.07 -5.11
N SER A 20 -8.20 -8.58 -4.37
CA SER A 20 -8.70 -9.93 -4.59
C SER A 20 -9.05 -10.15 -6.06
N LYS A 21 -9.65 -9.13 -6.68
CA LYS A 21 -10.03 -9.21 -8.08
C LYS A 21 -8.81 -9.37 -8.98
N GLN A 22 -7.65 -8.94 -8.48
CA GLN A 22 -6.40 -9.04 -9.23
C GLN A 22 -6.04 -10.50 -9.48
N ARG A 23 -4.94 -10.72 -10.21
CA ARG A 23 -4.49 -12.06 -10.52
C ARG A 23 -3.12 -12.33 -9.89
N HIS A 24 -2.27 -11.31 -9.88
CA HIS A 24 -0.94 -11.44 -9.32
C HIS A 24 -1.00 -11.61 -7.80
N ASP A 25 0.15 -11.54 -7.15
CA ASP A 25 0.22 -11.69 -5.69
C ASP A 25 1.07 -10.58 -5.08
N GLY A 26 0.43 -9.73 -4.29
CA GLY A 26 1.15 -8.64 -3.65
C GLY A 26 0.60 -7.28 -4.04
N ALA A 27 -0.65 -7.26 -4.48
CA ALA A 27 -1.30 -6.01 -4.89
C ALA A 27 -1.33 -5.01 -3.73
N PHE A 28 -0.77 -3.82 -3.97
CA PHE A 28 -0.73 -2.78 -2.95
C PHE A 28 -1.76 -1.69 -3.25
N LEU A 29 -2.37 -1.16 -2.20
CA LEU A 29 -3.37 -0.11 -2.35
C LEU A 29 -3.48 0.72 -1.07
N ILE A 30 -3.11 1.99 -1.17
CA ILE A 30 -3.16 2.90 -0.04
C ILE A 30 -4.46 3.69 -0.03
N ARG A 31 -5.22 3.56 1.04
CA ARG A 31 -6.49 4.27 1.18
C ARG A 31 -6.37 5.40 2.21
N GLU A 32 -7.14 6.46 1.99
CA GLU A 32 -7.13 7.61 2.89
C GLU A 32 -8.38 7.62 3.78
N SER A 33 -8.20 7.98 5.04
CA SER A 33 -9.31 8.03 5.99
C SER A 33 -10.45 8.90 5.45
N GLU A 34 -11.66 8.60 5.88
CA GLU A 34 -12.83 9.35 5.44
C GLU A 34 -12.91 10.70 6.15
N SER A 35 -12.95 10.66 7.49
CA SER A 35 -13.03 11.88 8.27
C SER A 35 -11.69 12.18 8.94
N ALA A 36 -10.62 11.63 8.39
CA ALA A 36 -9.28 11.83 8.93
C ALA A 36 -8.30 12.21 7.82
N PRO A 37 -8.33 13.50 7.42
CA PRO A 37 -7.45 14.02 6.38
C PRO A 37 -5.99 14.08 6.82
N GLY A 38 -5.17 13.18 6.28
CA GLY A 38 -3.76 13.16 6.63
C GLY A 38 -3.28 11.77 7.02
N ASP A 39 -4.23 10.88 7.30
CA ASP A 39 -3.90 9.51 7.67
C ASP A 39 -3.80 8.61 6.45
N PHE A 40 -2.72 7.85 6.35
CA PHE A 40 -2.50 6.95 5.22
C PHE A 40 -2.44 5.50 5.69
N SER A 41 -3.12 4.62 4.96
CA SER A 41 -3.14 3.20 5.30
C SER A 41 -2.94 2.34 4.06
N LEU A 42 -1.89 1.52 4.09
CA LEU A 42 -1.59 0.64 2.96
C LEU A 42 -2.28 -0.70 3.11
N SER A 43 -2.61 -1.33 1.99
CA SER A 43 -3.29 -2.62 2.01
C SER A 43 -2.69 -3.55 0.95
N VAL A 44 -1.93 -4.55 1.41
CA VAL A 44 -1.30 -5.51 0.51
C VAL A 44 -1.93 -6.89 0.68
N LYS A 45 -2.29 -7.51 -0.45
CA LYS A 45 -2.89 -8.84 -0.43
C LYS A 45 -1.82 -9.92 -0.28
N PHE A 46 -2.09 -10.89 0.58
CA PHE A 46 -1.16 -11.99 0.81
C PHE A 46 -1.87 -13.34 0.77
N GLY A 47 -1.74 -14.02 -0.36
CA GLY A 47 -2.38 -15.31 -0.52
C GLY A 47 -3.89 -15.22 -0.57
N ASN A 48 -4.55 -15.65 0.51
CA ASN A 48 -6.00 -15.61 0.58
C ASN A 48 -6.46 -14.68 1.70
N ASP A 49 -5.56 -13.84 2.17
CA ASP A 49 -5.87 -12.90 3.25
C ASP A 49 -5.25 -11.52 2.96
N VAL A 50 -6.09 -10.49 3.00
CA VAL A 50 -5.63 -9.13 2.74
C VAL A 50 -5.03 -8.51 4.00
N GLN A 51 -3.85 -7.91 3.87
CA GLN A 51 -3.17 -7.28 4.99
C GLN A 51 -3.05 -5.77 4.78
N HIS A 52 -2.58 -5.08 5.81
CA HIS A 52 -2.40 -3.63 5.73
C HIS A 52 -1.37 -3.15 6.75
N PHE A 53 -0.82 -1.97 6.51
CA PHE A 53 0.19 -1.39 7.40
C PHE A 53 -0.18 0.04 7.78
N LYS A 54 -0.12 0.33 9.08
CA LYS A 54 -0.45 1.67 9.58
C LYS A 54 0.73 2.62 9.36
N VAL A 55 0.54 3.60 8.48
CA VAL A 55 1.57 4.58 8.19
C VAL A 55 1.52 5.74 9.17
N LEU A 56 2.68 6.13 9.68
CA LEU A 56 2.76 7.23 10.63
C LEU A 56 3.44 8.45 10.00
N ARG A 57 3.03 9.64 10.43
CA ARG A 57 3.60 10.87 9.89
C ARG A 57 4.03 11.80 11.03
N ASP A 58 5.25 12.31 10.95
CA ASP A 58 5.78 13.20 11.96
C ASP A 58 6.67 14.28 11.33
N GLY A 59 7.10 15.24 12.14
CA GLY A 59 7.95 16.30 11.65
C GLY A 59 7.18 17.33 10.84
N ALA A 60 6.66 16.90 9.70
CA ALA A 60 5.90 17.79 8.82
C ALA A 60 5.15 17.00 7.75
N GLY A 61 5.86 16.10 7.09
CA GLY A 61 5.26 15.29 6.05
C GLY A 61 6.05 14.03 5.75
N LYS A 62 6.83 13.59 6.72
CA LYS A 62 7.64 12.38 6.56
C LYS A 62 6.87 11.14 7.02
N TYR A 63 6.84 10.12 6.18
CA TYR A 63 6.14 8.88 6.50
C TYR A 63 7.13 7.80 6.92
N PHE A 64 6.78 7.09 7.99
CA PHE A 64 7.63 6.03 8.52
C PHE A 64 6.79 4.87 9.05
N LEU A 65 7.45 3.76 9.36
CA LEU A 65 6.76 2.58 9.89
C LEU A 65 7.53 1.98 11.05
N TRP A 66 8.41 1.04 10.75
CA TRP A 66 9.22 0.38 11.77
C TRP A 66 10.45 1.20 12.12
N VAL A 67 11.40 1.26 11.19
CA VAL A 67 12.62 2.02 11.40
C VAL A 67 13.00 2.81 10.15
N VAL A 68 12.15 2.74 9.12
CA VAL A 68 12.38 3.44 7.87
C VAL A 68 11.46 4.65 7.74
N LYS A 69 11.98 5.73 7.18
CA LYS A 69 11.20 6.96 6.99
C LYS A 69 11.53 7.60 5.65
N PHE A 70 10.62 8.44 5.16
CA PHE A 70 10.80 9.13 3.89
C PHE A 70 10.03 10.44 3.87
N ASN A 71 10.09 11.13 2.72
CA ASN A 71 9.39 12.41 2.57
C ASN A 71 8.04 12.21 1.90
N SER A 72 8.02 11.39 0.85
CA SER A 72 6.78 11.11 0.12
C SER A 72 6.38 9.64 0.28
N LEU A 73 5.13 9.35 -0.06
CA LEU A 73 4.62 7.99 0.03
C LEU A 73 5.22 7.10 -1.05
N ASN A 74 5.52 7.69 -2.20
CA ASN A 74 6.11 6.95 -3.32
C ASN A 74 7.35 6.20 -2.87
N GLU A 75 8.14 6.83 -2.00
CA GLU A 75 9.37 6.22 -1.51
C GLU A 75 9.07 4.91 -0.78
N LEU A 76 7.83 4.78 -0.29
CA LEU A 76 7.41 3.58 0.42
C LEU A 76 6.94 2.51 -0.54
N VAL A 77 5.99 2.86 -1.40
CA VAL A 77 5.45 1.93 -2.38
C VAL A 77 6.57 1.21 -3.12
N ASP A 78 7.62 1.94 -3.46
CA ASP A 78 8.76 1.37 -4.17
C ASP A 78 9.65 0.59 -3.22
N TYR A 79 10.08 1.26 -2.15
CA TYR A 79 10.95 0.63 -1.16
C TYR A 79 10.53 -0.82 -0.90
N HIS A 80 9.22 -1.05 -0.83
CA HIS A 80 8.69 -2.38 -0.59
C HIS A 80 8.63 -3.18 -1.89
N ARG A 81 8.30 -2.50 -2.99
CA ARG A 81 8.20 -3.15 -4.29
C ARG A 81 9.48 -3.92 -4.61
N SER A 82 10.58 -3.55 -3.95
CA SER A 82 11.86 -4.20 -4.16
C SER A 82 12.31 -4.94 -2.90
N THR A 83 11.80 -4.51 -1.76
CA THR A 83 12.15 -5.12 -0.49
C THR A 83 10.98 -5.94 0.07
N SER A 84 11.30 -7.10 0.64
CA SER A 84 10.28 -7.97 1.21
C SER A 84 9.21 -7.16 1.92
N VAL A 85 8.04 -7.77 2.12
CA VAL A 85 6.93 -7.11 2.78
C VAL A 85 6.32 -8.01 3.85
N SER A 86 6.20 -9.30 3.54
CA SER A 86 5.62 -10.27 4.46
C SER A 86 6.69 -10.80 5.42
N ARG A 87 6.33 -10.92 6.69
CA ARG A 87 7.25 -11.42 7.71
C ARG A 87 7.23 -12.94 7.75
N ASN A 88 6.31 -13.54 7.00
CA ASN A 88 6.18 -14.99 6.97
C ASN A 88 6.92 -15.56 5.76
N GLN A 89 6.74 -14.93 4.61
CA GLN A 89 7.38 -15.38 3.38
C GLN A 89 8.05 -14.22 2.66
N GLN A 90 8.69 -14.51 1.53
CA GLN A 90 9.39 -13.49 0.75
C GLN A 90 8.53 -13.03 -0.41
N ILE A 91 7.87 -11.88 -0.24
CA ILE A 91 7.01 -11.33 -1.29
C ILE A 91 7.38 -9.88 -1.60
N PHE A 92 7.10 -9.45 -2.82
CA PHE A 92 7.40 -8.08 -3.24
C PHE A 92 6.12 -7.31 -3.52
N LEU A 93 6.14 -6.01 -3.22
CA LEU A 93 4.98 -5.17 -3.45
C LEU A 93 4.69 -5.01 -4.94
N ARG A 94 3.60 -5.63 -5.40
CA ARG A 94 3.22 -5.57 -6.80
C ARG A 94 2.34 -4.36 -7.07
N ASP A 95 2.56 -3.71 -8.20
CA ASP A 95 1.78 -2.53 -8.58
C ASP A 95 0.36 -2.93 -8.98
N ILE A 96 -0.60 -2.53 -8.15
CA ILE A 96 -2.00 -2.84 -8.42
C ILE A 96 -2.45 -2.28 -9.75
N GLU A 97 -3.31 -3.01 -10.44
CA GLU A 97 -3.82 -2.59 -11.74
C GLU A 97 -4.93 -1.57 -11.58
N GLN A 98 -4.56 -0.32 -11.33
CA GLN A 98 -5.53 0.75 -11.15
C GLN A 98 -6.18 1.13 -12.48
N VAL A 99 -7.38 1.71 -12.40
CA VAL A 99 -8.10 2.12 -13.60
C VAL A 99 -7.17 2.77 -14.62
N PRO A 100 -7.20 2.25 -15.86
CA PRO A 100 -6.37 2.76 -16.95
C PRO A 100 -6.80 4.14 -17.41
N GLN A 101 -5.84 4.92 -17.93
CA GLN A 101 -6.13 6.27 -18.40
C GLN A 101 -4.90 6.90 -19.02
N GLN A 102 -4.65 6.60 -20.30
CA GLN A 102 -3.49 7.14 -21.00
C GLN A 102 -3.80 7.32 -22.48
N PRO A 103 -3.34 8.45 -23.05
CA PRO A 103 -3.54 8.77 -24.47
C PRO A 103 -2.74 7.85 -25.38
N THR A 104 -3.12 7.83 -26.67
CA THR A 104 -2.43 7.00 -27.64
C THR A 104 -1.21 7.72 -28.22
N TRP A 5 -1.40 1.33 -7.31
CA TRP A 5 -0.51 2.20 -6.55
C TRP A 5 -1.27 3.00 -5.51
N PHE A 6 -2.05 3.98 -5.96
CA PHE A 6 -2.83 4.82 -5.06
C PHE A 6 -4.29 4.86 -5.48
N PHE A 7 -5.19 5.09 -4.52
CA PHE A 7 -6.61 5.15 -4.81
C PHE A 7 -7.27 6.28 -4.00
N GLY A 8 -8.24 6.93 -4.63
CA GLY A 8 -8.94 8.02 -3.96
C GLY A 8 -10.21 7.56 -3.27
N LYS A 9 -10.23 7.69 -1.94
CA LYS A 9 -11.40 7.29 -1.15
C LYS A 9 -11.90 5.92 -1.61
N ILE A 10 -11.49 4.87 -0.91
CA ILE A 10 -11.92 3.52 -1.24
C ILE A 10 -12.03 2.66 0.02
N PRO A 11 -13.17 1.96 0.15
CA PRO A 11 -13.42 1.09 1.30
C PRO A 11 -12.55 -0.16 1.29
N ARG A 12 -12.15 -0.61 2.48
CA ARG A 12 -11.30 -1.79 2.60
C ARG A 12 -11.78 -2.91 1.67
N ALA A 13 -13.09 -2.97 1.45
CA ALA A 13 -13.66 -3.98 0.57
C ALA A 13 -13.18 -3.81 -0.85
N LYS A 14 -13.30 -2.59 -1.38
CA LYS A 14 -12.87 -2.29 -2.74
C LYS A 14 -11.41 -2.69 -2.95
N ALA A 15 -10.54 -2.24 -2.05
CA ALA A 15 -9.12 -2.55 -2.13
C ALA A 15 -8.90 -4.05 -2.27
N GLU A 16 -9.52 -4.82 -1.38
CA GLU A 16 -9.38 -6.28 -1.41
C GLU A 16 -9.72 -6.83 -2.79
N GLU A 17 -10.70 -6.22 -3.44
CA GLU A 17 -11.13 -6.65 -4.77
C GLU A 17 -10.09 -6.25 -5.83
N MET A 18 -9.59 -5.03 -5.73
CA MET A 18 -8.61 -4.53 -6.67
C MET A 18 -7.36 -5.39 -6.65
N LEU A 19 -7.03 -5.93 -5.48
CA LEU A 19 -5.86 -6.78 -5.34
C LEU A 19 -6.17 -8.22 -5.73
N SER A 20 -7.24 -8.77 -5.15
CA SER A 20 -7.64 -10.14 -5.44
C SER A 20 -7.72 -10.38 -6.95
N LYS A 21 -8.26 -9.40 -7.67
CA LYS A 21 -8.40 -9.51 -9.11
C LYS A 21 -7.04 -9.69 -9.78
N GLN A 22 -6.00 -9.11 -9.16
CA GLN A 22 -4.65 -9.21 -9.69
C GLN A 22 -4.23 -10.67 -9.86
N ARG A 23 -3.09 -10.88 -10.50
CA ARG A 23 -2.58 -12.23 -10.73
C ARG A 23 -1.39 -12.52 -9.83
N HIS A 24 -0.56 -11.50 -9.61
CA HIS A 24 0.63 -11.64 -8.77
C HIS A 24 0.23 -11.83 -7.30
N ASP A 25 1.23 -11.98 -6.44
CA ASP A 25 0.99 -12.15 -5.01
C ASP A 25 1.73 -11.11 -4.20
N GLY A 26 0.98 -10.20 -3.57
CA GLY A 26 1.58 -9.16 -2.77
C GLY A 26 1.30 -7.77 -3.32
N ALA A 27 0.21 -7.65 -4.07
CA ALA A 27 -0.18 -6.37 -4.66
C ALA A 27 -0.38 -5.31 -3.57
N PHE A 28 0.20 -4.13 -3.78
CA PHE A 28 0.09 -3.04 -2.83
C PHE A 28 -0.89 -1.98 -3.32
N LEU A 29 -1.60 -1.35 -2.40
CA LEU A 29 -2.57 -0.33 -2.73
C LEU A 29 -2.76 0.65 -1.58
N ILE A 30 -2.39 1.91 -1.81
CA ILE A 30 -2.51 2.94 -0.79
C ILE A 30 -3.76 3.78 -1.01
N ARG A 31 -4.61 3.85 0.00
CA ARG A 31 -5.86 4.63 -0.08
C ARG A 31 -5.81 5.82 0.87
N GLU A 32 -6.47 6.91 0.48
CA GLU A 32 -6.51 8.12 1.29
C GLU A 32 -7.87 8.28 1.95
N SER A 33 -7.89 9.00 3.07
CA SER A 33 -9.14 9.23 3.80
C SER A 33 -10.04 10.19 3.04
N GLU A 34 -11.33 10.15 3.35
CA GLU A 34 -12.30 11.02 2.69
C GLU A 34 -12.10 12.47 3.12
N SER A 35 -12.31 12.74 4.41
CA SER A 35 -12.16 14.08 4.94
C SER A 35 -10.93 14.18 5.83
N ALA A 36 -9.85 13.53 5.41
CA ALA A 36 -8.61 13.54 6.18
C ALA A 36 -7.40 13.64 5.25
N PRO A 37 -7.06 14.88 4.87
CA PRO A 37 -5.92 15.15 3.98
C PRO A 37 -4.58 14.88 4.65
N GLY A 38 -3.91 13.80 4.25
CA GLY A 38 -2.63 13.46 4.82
C GLY A 38 -2.59 12.03 5.32
N ASP A 39 -3.75 11.49 5.65
CA ASP A 39 -3.85 10.12 6.16
C ASP A 39 -3.63 9.11 5.03
N PHE A 40 -2.61 8.28 5.18
CA PHE A 40 -2.29 7.28 4.18
C PHE A 40 -2.36 5.87 4.77
N SER A 41 -2.95 4.94 4.03
CA SER A 41 -3.09 3.57 4.49
C SER A 41 -2.75 2.59 3.37
N LEU A 42 -1.74 1.76 3.61
CA LEU A 42 -1.31 0.77 2.63
C LEU A 42 -2.09 -0.53 2.77
N SER A 43 -2.29 -1.23 1.67
CA SER A 43 -3.03 -2.49 1.67
C SER A 43 -2.35 -3.51 0.76
N VAL A 44 -1.69 -4.49 1.39
CA VAL A 44 -1.00 -5.54 0.64
C VAL A 44 -1.75 -6.86 0.73
N LYS A 45 -1.82 -7.57 -0.39
CA LYS A 45 -2.51 -8.86 -0.44
C LYS A 45 -1.57 -9.99 -0.03
N PHE A 46 -2.10 -10.96 0.71
CA PHE A 46 -1.32 -12.10 1.17
C PHE A 46 -2.10 -13.39 1.00
N GLY A 47 -1.78 -14.14 -0.05
CA GLY A 47 -2.46 -15.39 -0.30
C GLY A 47 -3.97 -15.24 -0.36
N ASN A 48 -4.64 -15.55 0.74
CA ASN A 48 -6.09 -15.45 0.81
C ASN A 48 -6.52 -14.48 1.92
N ASP A 49 -5.66 -13.52 2.22
CA ASP A 49 -5.94 -12.54 3.26
C ASP A 49 -5.33 -11.18 2.92
N VAL A 50 -6.18 -10.16 2.84
CA VAL A 50 -5.72 -8.82 2.52
C VAL A 50 -5.39 -8.04 3.79
N GLN A 51 -4.11 -7.71 3.96
CA GLN A 51 -3.66 -6.97 5.12
C GLN A 51 -3.39 -5.50 4.77
N HIS A 52 -3.10 -4.70 5.78
CA HIS A 52 -2.82 -3.29 5.58
C HIS A 52 -1.83 -2.77 6.61
N PHE A 53 -1.28 -1.58 6.35
CA PHE A 53 -0.32 -0.98 7.28
C PHE A 53 -0.59 0.52 7.44
N LYS A 54 -0.87 0.93 8.68
CA LYS A 54 -1.15 2.32 8.97
C LYS A 54 0.11 3.17 8.83
N VAL A 55 0.20 3.93 7.75
CA VAL A 55 1.36 4.78 7.50
C VAL A 55 1.45 5.89 8.55
N LEU A 56 2.56 5.90 9.28
CA LEU A 56 2.78 6.90 10.32
C LEU A 56 3.35 8.19 9.73
N ARG A 57 2.59 9.27 9.83
CA ARG A 57 3.02 10.57 9.31
C ARG A 57 3.11 11.61 10.42
N ASP A 58 4.08 12.50 10.31
CA ASP A 58 4.28 13.55 11.31
C ASP A 58 3.73 14.88 10.81
N GLY A 59 3.85 15.92 11.64
CA GLY A 59 3.37 17.23 11.26
C GLY A 59 4.37 18.00 10.41
N ALA A 60 5.10 17.28 9.57
CA ALA A 60 6.10 17.91 8.70
C ALA A 60 6.00 17.38 7.28
N GLY A 61 5.87 16.06 7.15
CA GLY A 61 5.76 15.45 5.83
C GLY A 61 6.64 14.23 5.69
N LYS A 62 6.80 13.49 6.77
CA LYS A 62 7.62 12.28 6.77
C LYS A 62 6.77 11.05 7.06
N TYR A 63 7.22 9.89 6.57
CA TYR A 63 6.51 8.64 6.78
C TYR A 63 7.44 7.58 7.37
N PHE A 64 6.85 6.63 8.09
CA PHE A 64 7.61 5.55 8.70
C PHE A 64 6.69 4.47 9.25
N LEU A 65 7.29 3.34 9.65
CA LEU A 65 6.51 2.23 10.19
C LEU A 65 7.00 1.86 11.59
N TRP A 66 8.27 1.52 11.70
CA TRP A 66 8.85 1.16 13.00
C TRP A 66 10.37 1.18 12.93
N VAL A 67 10.92 0.84 11.77
CA VAL A 67 12.37 0.82 11.58
C VAL A 67 12.75 1.39 10.22
N VAL A 68 11.96 2.35 9.75
CA VAL A 68 12.22 2.98 8.46
C VAL A 68 11.48 4.30 8.33
N LYS A 69 12.15 5.31 7.77
CA LYS A 69 11.56 6.62 7.59
C LYS A 69 11.92 7.20 6.22
N PHE A 70 11.03 8.02 5.67
CA PHE A 70 11.25 8.63 4.37
C PHE A 70 10.51 9.96 4.27
N ASN A 71 10.65 10.62 3.12
CA ASN A 71 9.99 11.90 2.89
C ASN A 71 8.67 11.71 2.15
N SER A 72 8.67 10.77 1.20
CA SER A 72 7.46 10.49 0.42
C SER A 72 7.05 9.04 0.56
N LEU A 73 5.79 8.76 0.25
CA LEU A 73 5.26 7.40 0.34
C LEU A 73 5.94 6.48 -0.67
N ASN A 74 6.25 7.02 -1.84
CA ASN A 74 6.90 6.26 -2.90
C ASN A 74 8.11 5.51 -2.35
N GLU A 75 8.90 6.19 -1.52
CA GLU A 75 10.10 5.59 -0.94
C GLU A 75 9.74 4.30 -0.21
N LEU A 76 8.52 4.21 0.27
CA LEU A 76 8.06 3.03 0.99
C LEU A 76 7.61 1.94 0.02
N VAL A 77 6.85 2.34 -0.99
CA VAL A 77 6.35 1.41 -2.00
C VAL A 77 7.51 0.70 -2.71
N ASP A 78 8.57 1.45 -2.98
CA ASP A 78 9.74 0.89 -3.66
C ASP A 78 10.57 0.06 -2.69
N TYR A 79 11.11 0.70 -1.66
CA TYR A 79 11.93 0.02 -0.68
C TYR A 79 11.33 -1.34 -0.32
N HIS A 80 10.02 -1.38 -0.19
CA HIS A 80 9.33 -2.62 0.15
C HIS A 80 9.19 -3.53 -1.07
N ARG A 81 9.08 -2.90 -2.24
CA ARG A 81 8.95 -3.65 -3.49
C ARG A 81 10.12 -4.60 -3.68
N SER A 82 11.28 -4.23 -3.15
CA SER A 82 12.47 -5.05 -3.27
C SER A 82 12.76 -5.79 -1.96
N THR A 83 12.42 -5.15 -0.84
CA THR A 83 12.64 -5.74 0.47
C THR A 83 11.33 -6.25 1.07
N SER A 84 11.39 -7.43 1.67
CA SER A 84 10.20 -8.03 2.28
C SER A 84 9.36 -6.97 2.97
N VAL A 85 8.08 -7.29 3.17
CA VAL A 85 7.16 -6.36 3.84
C VAL A 85 6.38 -7.06 4.94
N SER A 86 6.55 -8.37 5.04
CA SER A 86 5.85 -9.16 6.06
C SER A 86 6.83 -9.66 7.12
N ARG A 87 6.36 -9.75 8.35
CA ARG A 87 7.20 -10.21 9.45
C ARG A 87 6.96 -11.70 9.73
N ASN A 88 6.57 -12.43 8.68
CA ASN A 88 6.30 -13.85 8.81
C ASN A 88 6.98 -14.64 7.69
N GLN A 89 6.76 -14.18 6.46
CA GLN A 89 7.34 -14.83 5.29
C GLN A 89 8.13 -13.84 4.44
N GLN A 90 8.68 -14.33 3.33
CA GLN A 90 9.46 -13.48 2.43
C GLN A 90 8.65 -13.11 1.20
N ILE A 91 7.98 -11.97 1.23
CA ILE A 91 7.18 -11.51 0.12
C ILE A 91 7.42 -10.03 -0.17
N PHE A 92 7.35 -9.66 -1.45
CA PHE A 92 7.57 -8.28 -1.87
C PHE A 92 6.27 -7.66 -2.39
N LEU A 93 6.27 -6.34 -2.51
CA LEU A 93 5.10 -5.62 -3.01
C LEU A 93 5.00 -5.72 -4.53
N ARG A 94 4.04 -6.49 -5.00
CA ARG A 94 3.83 -6.66 -6.43
C ARG A 94 3.13 -5.45 -7.04
N ASP A 95 3.58 -5.04 -8.21
CA ASP A 95 3.00 -3.89 -8.90
C ASP A 95 1.52 -4.13 -9.21
N ILE A 96 0.64 -3.41 -8.54
CA ILE A 96 -0.79 -3.54 -8.74
C ILE A 96 -1.22 -2.90 -10.06
N GLU A 97 -2.26 -3.46 -10.67
CA GLU A 97 -2.76 -2.95 -11.93
C GLU A 97 -3.88 -1.92 -11.70
N GLN A 98 -3.55 -0.64 -11.81
CA GLN A 98 -4.51 0.42 -11.60
C GLN A 98 -5.47 0.53 -12.79
N VAL A 99 -6.62 1.14 -12.56
CA VAL A 99 -7.63 1.31 -13.60
C VAL A 99 -6.97 1.66 -14.94
N PRO A 100 -7.45 1.01 -16.02
CA PRO A 100 -6.92 1.24 -17.36
C PRO A 100 -7.28 2.62 -17.91
N GLN A 101 -6.51 3.10 -18.88
CA GLN A 101 -6.75 4.41 -19.47
C GLN A 101 -7.22 4.26 -20.91
N GLN A 102 -8.49 4.59 -21.16
CA GLN A 102 -9.07 4.49 -22.50
C GLN A 102 -8.03 4.89 -23.56
N PRO A 103 -7.70 3.94 -24.44
CA PRO A 103 -6.73 4.17 -25.52
C PRO A 103 -7.26 5.12 -26.58
N THR A 104 -6.35 5.88 -27.20
CA THR A 104 -6.73 6.82 -28.24
C THR A 104 -5.52 7.61 -28.74
N TRP A 5 -0.63 0.92 -7.77
CA TRP A 5 0.25 1.49 -6.76
C TRP A 5 -0.54 2.33 -5.76
N PHE A 6 -1.10 3.43 -6.23
CA PHE A 6 -1.90 4.31 -5.38
C PHE A 6 -3.28 4.55 -5.97
N PHE A 7 -4.25 4.82 -5.11
CA PHE A 7 -5.62 5.07 -5.54
C PHE A 7 -6.18 6.33 -4.88
N GLY A 8 -6.99 7.08 -5.63
CA GLY A 8 -7.57 8.29 -5.10
C GLY A 8 -8.90 8.04 -4.42
N LYS A 9 -8.88 7.97 -3.09
CA LYS A 9 -10.09 7.73 -2.31
C LYS A 9 -10.84 6.50 -2.83
N ILE A 10 -10.73 5.40 -2.09
CA ILE A 10 -11.39 4.16 -2.46
C ILE A 10 -11.83 3.37 -1.24
N PRO A 11 -13.05 2.84 -1.28
CA PRO A 11 -13.62 2.04 -0.18
C PRO A 11 -12.92 0.70 -0.02
N ARG A 12 -12.63 0.33 1.23
CA ARG A 12 -11.98 -0.93 1.52
C ARG A 12 -12.38 -2.01 0.52
N ALA A 13 -13.67 -2.04 0.18
CA ALA A 13 -14.19 -3.01 -0.77
C ALA A 13 -13.42 -2.95 -2.09
N LYS A 14 -13.28 -1.74 -2.62
CA LYS A 14 -12.56 -1.55 -3.89
C LYS A 14 -11.13 -2.03 -3.77
N ALA A 15 -10.44 -1.63 -2.70
CA ALA A 15 -9.06 -2.03 -2.48
C ALA A 15 -8.91 -3.54 -2.54
N GLU A 16 -9.67 -4.24 -1.71
CA GLU A 16 -9.62 -5.70 -1.67
C GLU A 16 -9.80 -6.29 -3.06
N GLU A 17 -10.64 -5.63 -3.87
CA GLU A 17 -10.91 -6.09 -5.23
C GLU A 17 -9.71 -5.86 -6.13
N MET A 18 -9.10 -4.68 -5.99
CA MET A 18 -7.93 -4.33 -6.80
C MET A 18 -6.79 -5.32 -6.57
N LEU A 19 -6.74 -5.89 -5.37
CA LEU A 19 -5.70 -6.85 -5.02
C LEU A 19 -6.09 -8.26 -5.45
N SER A 20 -7.25 -8.71 -4.99
CA SER A 20 -7.75 -10.04 -5.32
C SER A 20 -7.74 -10.26 -6.83
N LYS A 21 -8.16 -9.23 -7.57
CA LYS A 21 -8.21 -9.31 -9.03
C LYS A 21 -6.84 -9.68 -9.59
N GLN A 22 -5.80 -9.50 -8.80
CA GLN A 22 -4.44 -9.83 -9.21
C GLN A 22 -4.21 -11.33 -9.21
N ARG A 23 -3.08 -11.75 -9.76
CA ARG A 23 -2.74 -13.18 -9.81
C ARG A 23 -1.59 -13.49 -8.87
N HIS A 24 -0.73 -12.50 -8.63
CA HIS A 24 0.41 -12.69 -7.74
C HIS A 24 -0.04 -12.79 -6.29
N ASP A 25 0.92 -12.73 -5.37
CA ASP A 25 0.61 -12.81 -3.94
C ASP A 25 1.36 -11.72 -3.17
N GLY A 26 0.61 -10.82 -2.56
CA GLY A 26 1.21 -9.74 -1.79
C GLY A 26 1.00 -8.39 -2.44
N ALA A 27 -0.02 -8.27 -3.26
CA ALA A 27 -0.33 -7.02 -3.95
C ALA A 27 -0.58 -5.89 -2.94
N PHE A 28 0.11 -4.77 -3.14
CA PHE A 28 -0.04 -3.62 -2.26
C PHE A 28 -0.78 -2.49 -2.96
N LEU A 29 -1.58 -1.75 -2.20
CA LEU A 29 -2.34 -0.63 -2.74
C LEU A 29 -2.56 0.45 -1.69
N ILE A 30 -1.96 1.61 -1.91
CA ILE A 30 -2.09 2.73 -0.99
C ILE A 30 -3.29 3.60 -1.35
N ARG A 31 -4.19 3.77 -0.38
CA ARG A 31 -5.38 4.58 -0.60
C ARG A 31 -5.32 5.87 0.24
N GLU A 32 -5.80 6.97 -0.33
CA GLU A 32 -5.80 8.25 0.36
C GLU A 32 -7.19 8.58 0.88
N SER A 33 -7.25 9.43 1.91
CA SER A 33 -8.51 9.82 2.51
C SER A 33 -9.06 11.08 1.83
N GLU A 34 -10.36 11.33 2.01
CA GLU A 34 -11.01 12.49 1.43
C GLU A 34 -11.17 13.60 2.46
N SER A 35 -11.71 13.24 3.62
CA SER A 35 -11.94 14.20 4.70
C SER A 35 -10.66 14.40 5.52
N ALA A 36 -9.58 13.75 5.09
CA ALA A 36 -8.31 13.85 5.77
C ALA A 36 -7.15 13.88 4.78
N PRO A 37 -6.79 15.10 4.34
CA PRO A 37 -5.68 15.29 3.39
C PRO A 37 -4.33 15.01 4.00
N GLY A 38 -3.69 13.93 3.55
CA GLY A 38 -2.38 13.56 4.07
C GLY A 38 -2.37 12.18 4.68
N ASP A 39 -3.56 11.64 4.95
CA ASP A 39 -3.68 10.31 5.54
C ASP A 39 -3.48 9.23 4.48
N PHE A 40 -2.49 8.36 4.70
CA PHE A 40 -2.20 7.27 3.77
C PHE A 40 -2.41 5.92 4.43
N SER A 41 -2.91 4.96 3.66
CA SER A 41 -3.15 3.62 4.17
C SER A 41 -2.81 2.57 3.12
N LEU A 42 -1.91 1.65 3.46
CA LEU A 42 -1.52 0.59 2.55
C LEU A 42 -2.33 -0.68 2.79
N SER A 43 -2.79 -1.29 1.70
CA SER A 43 -3.57 -2.51 1.79
C SER A 43 -2.91 -3.65 1.02
N VAL A 44 -2.42 -4.64 1.76
CA VAL A 44 -1.76 -5.79 1.16
C VAL A 44 -2.61 -7.04 1.29
N LYS A 45 -2.66 -7.84 0.22
CA LYS A 45 -3.43 -9.08 0.22
C LYS A 45 -2.59 -10.24 0.72
N PHE A 46 -3.21 -11.10 1.52
CA PHE A 46 -2.52 -12.27 2.08
C PHE A 46 -3.42 -13.50 2.03
N GLY A 47 -3.32 -14.26 0.95
CA GLY A 47 -4.12 -15.46 0.80
C GLY A 47 -5.59 -15.16 0.67
N ASN A 48 -6.32 -15.27 1.78
CA ASN A 48 -7.76 -15.02 1.79
C ASN A 48 -8.10 -13.90 2.77
N ASP A 49 -7.11 -13.08 3.10
CA ASP A 49 -7.30 -11.98 4.03
C ASP A 49 -6.51 -10.75 3.59
N VAL A 50 -7.22 -9.64 3.38
CA VAL A 50 -6.58 -8.40 2.96
C VAL A 50 -6.21 -7.53 4.16
N GLN A 51 -4.92 -7.55 4.51
CA GLN A 51 -4.43 -6.76 5.64
C GLN A 51 -4.12 -5.34 5.21
N HIS A 52 -3.79 -4.50 6.19
CA HIS A 52 -3.46 -3.10 5.92
C HIS A 52 -2.45 -2.57 6.92
N PHE A 53 -1.91 -1.39 6.65
CA PHE A 53 -0.92 -0.78 7.52
C PHE A 53 -1.14 0.74 7.62
N LYS A 54 -1.29 1.23 8.85
CA LYS A 54 -1.51 2.65 9.08
C LYS A 54 -0.21 3.42 8.95
N VAL A 55 -0.15 4.29 7.94
CA VAL A 55 1.05 5.11 7.70
C VAL A 55 1.12 6.28 8.66
N LEU A 56 2.29 6.51 9.24
CA LEU A 56 2.48 7.60 10.17
C LEU A 56 3.27 8.74 9.53
N ARG A 57 2.84 9.97 9.79
CA ARG A 57 3.50 11.15 9.24
C ARG A 57 3.70 12.21 10.30
N ASP A 58 4.93 12.64 10.49
CA ASP A 58 5.26 13.67 11.48
C ASP A 58 6.20 14.72 10.90
N GLY A 59 6.48 15.75 11.68
CA GLY A 59 7.36 16.80 11.22
C GLY A 59 6.70 17.72 10.21
N ALA A 60 6.30 17.16 9.08
CA ALA A 60 5.65 17.93 8.02
C ALA A 60 5.24 17.03 6.86
N GLY A 61 6.18 16.21 6.40
CA GLY A 61 5.90 15.31 5.29
C GLY A 61 6.74 14.06 5.34
N LYS A 62 7.29 13.76 6.51
CA LYS A 62 8.12 12.57 6.70
C LYS A 62 7.26 11.37 7.06
N TYR A 63 7.37 10.30 6.27
CA TYR A 63 6.60 9.09 6.51
C TYR A 63 7.42 8.07 7.30
N PHE A 64 6.73 7.19 8.01
CA PHE A 64 7.40 6.16 8.82
C PHE A 64 6.38 5.17 9.36
N LEU A 65 6.86 3.96 9.68
CA LEU A 65 6.00 2.91 10.21
C LEU A 65 6.52 2.42 11.56
N TRP A 66 7.31 1.35 11.53
CA TRP A 66 7.86 0.78 12.74
C TRP A 66 9.02 1.61 13.26
N VAL A 67 10.15 1.56 12.56
CA VAL A 67 11.33 2.32 12.95
C VAL A 67 11.92 3.05 11.76
N VAL A 68 11.81 2.45 10.57
CA VAL A 68 12.33 3.05 9.36
C VAL A 68 11.46 4.21 8.90
N LYS A 69 12.08 5.23 8.32
CA LYS A 69 11.36 6.39 7.83
C LYS A 69 11.91 6.86 6.48
N PHE A 70 11.17 7.74 5.82
CA PHE A 70 11.59 8.25 4.52
C PHE A 70 10.95 9.60 4.24
N ASN A 71 11.20 10.14 3.05
CA ASN A 71 10.65 11.43 2.66
C ASN A 71 9.32 11.26 1.93
N SER A 72 9.33 10.49 0.85
CA SER A 72 8.14 10.24 0.06
C SER A 72 7.57 8.85 0.36
N LEU A 73 6.44 8.53 -0.26
CA LEU A 73 5.79 7.24 -0.07
C LEU A 73 6.45 6.17 -0.95
N ASN A 74 7.02 6.60 -2.06
CA ASN A 74 7.69 5.68 -2.98
C ASN A 74 8.86 4.97 -2.29
N GLU A 75 9.42 5.62 -1.28
CA GLU A 75 10.55 5.06 -0.54
C GLU A 75 10.09 3.92 0.35
N LEU A 76 8.83 3.95 0.75
CA LEU A 76 8.27 2.90 1.61
C LEU A 76 7.89 1.67 0.80
N VAL A 77 7.21 1.89 -0.33
CA VAL A 77 6.79 0.81 -1.20
C VAL A 77 7.98 -0.02 -1.66
N ASP A 78 9.02 0.68 -2.11
CA ASP A 78 10.24 0.01 -2.59
C ASP A 78 10.95 -0.69 -1.45
N TYR A 79 11.32 0.06 -0.42
CA TYR A 79 12.01 -0.49 0.74
C TYR A 79 11.27 -1.71 1.28
N HIS A 80 10.03 -1.49 1.70
CA HIS A 80 9.22 -2.58 2.25
C HIS A 80 9.08 -3.71 1.24
N ARG A 81 9.19 -3.38 -0.04
CA ARG A 81 9.07 -4.37 -1.10
C ARG A 81 10.33 -5.23 -1.19
N SER A 82 11.43 -4.71 -0.65
CA SER A 82 12.71 -5.43 -0.67
C SER A 82 12.93 -6.16 0.65
N THR A 83 12.23 -5.73 1.69
CA THR A 83 12.36 -6.34 3.01
C THR A 83 11.02 -6.91 3.48
N SER A 84 11.08 -7.92 4.33
CA SER A 84 9.88 -8.56 4.86
C SER A 84 8.81 -7.52 5.17
N VAL A 85 7.56 -7.96 5.26
CA VAL A 85 6.45 -7.07 5.57
C VAL A 85 5.48 -7.71 6.55
N SER A 86 5.18 -8.99 6.32
CA SER A 86 4.26 -9.71 7.20
C SER A 86 5.00 -10.29 8.40
N ARG A 87 4.37 -10.20 9.57
CA ARG A 87 4.96 -10.71 10.80
C ARG A 87 4.61 -12.17 11.00
N ASN A 88 4.46 -12.90 9.91
CA ASN A 88 4.11 -14.32 9.96
C ASN A 88 5.04 -15.14 9.08
N GLN A 89 5.14 -14.74 7.81
CA GLN A 89 5.99 -15.44 6.85
C GLN A 89 6.94 -14.47 6.15
N GLN A 90 7.54 -14.92 5.06
CA GLN A 90 8.47 -14.09 4.29
C GLN A 90 7.88 -13.72 2.94
N ILE A 91 7.18 -12.59 2.89
CA ILE A 91 6.55 -12.13 1.65
C ILE A 91 6.90 -10.66 1.39
N PHE A 92 6.80 -10.26 0.12
CA PHE A 92 7.09 -8.89 -0.27
C PHE A 92 5.89 -8.24 -0.94
N LEU A 93 5.96 -6.93 -1.14
CA LEU A 93 4.87 -6.19 -1.77
C LEU A 93 4.94 -6.32 -3.29
N ARG A 94 4.00 -7.06 -3.86
CA ARG A 94 3.96 -7.26 -5.31
C ARG A 94 3.39 -6.03 -6.00
N ASP A 95 4.10 -5.54 -7.01
CA ASP A 95 3.67 -4.37 -7.76
C ASP A 95 2.28 -4.59 -8.36
N ILE A 96 1.27 -3.98 -7.74
CA ILE A 96 -0.10 -4.11 -8.22
C ILE A 96 -0.25 -3.58 -9.64
N GLU A 97 -1.21 -4.13 -10.37
CA GLU A 97 -1.45 -3.72 -11.75
C GLU A 97 -2.38 -2.51 -11.80
N GLN A 98 -1.80 -1.32 -11.71
CA GLN A 98 -2.59 -0.09 -11.73
C GLN A 98 -3.50 -0.05 -12.95
N VAL A 99 -4.59 0.69 -12.84
CA VAL A 99 -5.55 0.81 -13.93
C VAL A 99 -4.84 0.79 -15.28
N PRO A 100 -5.26 -0.14 -16.15
CA PRO A 100 -4.68 -0.30 -17.49
C PRO A 100 -5.05 0.86 -18.41
N GLN A 101 -4.18 1.14 -19.38
CA GLN A 101 -4.41 2.22 -20.33
C GLN A 101 -3.61 2.01 -21.61
N GLN A 102 -4.14 1.17 -22.50
CA GLN A 102 -3.46 0.89 -23.76
C GLN A 102 -4.31 -0.04 -24.63
N PRO A 103 -4.51 0.36 -25.90
CA PRO A 103 -5.30 -0.42 -26.85
C PRO A 103 -4.60 -1.72 -27.26
N THR A 104 -5.33 -2.59 -27.94
CA THR A 104 -4.79 -3.86 -28.39
C THR A 104 -4.16 -3.73 -29.77
N TRP A 5 2.34 4.43 -6.75
CA TRP A 5 1.63 3.41 -6.00
C TRP A 5 0.63 4.04 -5.02
N PHE A 6 0.57 5.36 -5.03
CA PHE A 6 -0.35 6.08 -4.15
C PHE A 6 -1.66 6.39 -4.86
N PHE A 7 -2.74 6.47 -4.10
CA PHE A 7 -4.06 6.75 -4.66
C PHE A 7 -4.76 7.85 -3.86
N GLY A 8 -5.53 8.68 -4.55
CA GLY A 8 -6.25 9.75 -3.89
C GLY A 8 -7.69 9.38 -3.58
N LYS A 9 -8.03 9.40 -2.29
CA LYS A 9 -9.39 9.07 -1.86
C LYS A 9 -9.97 7.96 -2.72
N ILE A 10 -9.79 6.72 -2.29
CA ILE A 10 -10.31 5.57 -3.03
C ILE A 10 -10.94 4.55 -2.09
N PRO A 11 -12.12 4.05 -2.46
CA PRO A 11 -12.85 3.05 -1.66
C PRO A 11 -12.16 1.69 -1.65
N ARG A 12 -12.21 1.03 -0.51
CA ARG A 12 -11.58 -0.29 -0.36
C ARG A 12 -11.68 -1.08 -1.66
N ALA A 13 -12.87 -1.09 -2.26
CA ALA A 13 -13.10 -1.80 -3.51
C ALA A 13 -12.07 -1.41 -4.57
N LYS A 14 -11.93 -0.10 -4.78
CA LYS A 14 -10.99 0.42 -5.77
C LYS A 14 -9.59 -0.15 -5.53
N ALA A 15 -9.13 -0.07 -4.29
CA ALA A 15 -7.82 -0.58 -3.92
C ALA A 15 -7.68 -2.05 -4.29
N GLU A 16 -8.61 -2.87 -3.81
CA GLU A 16 -8.58 -4.30 -4.09
C GLU A 16 -8.51 -4.56 -5.60
N GLU A 17 -9.09 -3.65 -6.37
CA GLU A 17 -9.09 -3.78 -7.83
C GLU A 17 -7.73 -3.43 -8.41
N MET A 18 -7.15 -2.33 -7.94
CA MET A 18 -5.85 -1.89 -8.40
C MET A 18 -4.81 -2.99 -8.22
N LEU A 19 -4.96 -3.78 -7.16
CA LEU A 19 -4.03 -4.87 -6.88
C LEU A 19 -4.45 -6.14 -7.61
N SER A 20 -5.75 -6.41 -7.63
CA SER A 20 -6.28 -7.60 -8.28
C SER A 20 -5.88 -7.63 -9.75
N LYS A 21 -6.08 -6.50 -10.43
CA LYS A 21 -5.75 -6.39 -11.84
C LYS A 21 -4.27 -6.73 -12.08
N GLN A 22 -3.46 -6.54 -11.06
CA GLN A 22 -2.02 -6.83 -11.16
C GLN A 22 -1.79 -8.31 -11.48
N ARG A 23 -0.59 -8.64 -11.93
CA ARG A 23 -0.23 -10.01 -12.27
C ARG A 23 0.64 -10.62 -11.18
N HIS A 24 1.45 -9.79 -10.52
CA HIS A 24 2.33 -10.25 -9.46
C HIS A 24 1.55 -10.58 -8.19
N ASP A 25 2.27 -10.93 -7.14
CA ASP A 25 1.64 -11.27 -5.86
C ASP A 25 2.28 -10.49 -4.72
N GLY A 26 1.53 -9.53 -4.18
CA GLY A 26 2.03 -8.72 -3.09
C GLY A 26 2.02 -7.24 -3.41
N ALA A 27 1.20 -6.85 -4.37
CA ALA A 27 1.09 -5.45 -4.77
C ALA A 27 0.65 -4.58 -3.61
N PHE A 28 1.31 -3.44 -3.43
CA PHE A 28 0.98 -2.53 -2.34
C PHE A 28 0.41 -1.22 -2.89
N LEU A 29 -0.58 -0.68 -2.20
CA LEU A 29 -1.21 0.57 -2.62
C LEU A 29 -1.59 1.43 -1.40
N ILE A 30 -1.04 2.63 -1.35
CA ILE A 30 -1.32 3.55 -0.24
C ILE A 30 -2.39 4.57 -0.63
N ARG A 31 -3.50 4.55 0.09
CA ARG A 31 -4.61 5.46 -0.18
C ARG A 31 -4.69 6.54 0.90
N GLU A 32 -5.08 7.74 0.50
CA GLU A 32 -5.20 8.85 1.43
C GLU A 32 -6.66 9.07 1.84
N SER A 33 -6.86 9.52 3.07
CA SER A 33 -8.20 9.77 3.58
C SER A 33 -8.78 11.07 3.01
N GLU A 34 -10.08 11.28 3.22
CA GLU A 34 -10.74 12.46 2.72
C GLU A 34 -10.81 13.54 3.80
N SER A 35 -11.43 13.20 4.93
CA SER A 35 -11.57 14.14 6.05
C SER A 35 -10.48 13.91 7.08
N ALA A 36 -9.43 13.17 6.69
CA ALA A 36 -8.33 12.88 7.59
C ALA A 36 -6.99 13.25 6.95
N PRO A 37 -6.57 14.51 7.16
CA PRO A 37 -5.31 15.02 6.61
C PRO A 37 -4.09 14.38 7.29
N GLY A 38 -3.17 13.85 6.48
CA GLY A 38 -1.98 13.23 7.01
C GLY A 38 -2.19 11.77 7.35
N ASP A 39 -3.33 11.23 6.94
CA ASP A 39 -3.65 9.82 7.21
C ASP A 39 -3.34 8.96 5.98
N PHE A 40 -2.51 7.94 6.19
CA PHE A 40 -2.13 7.05 5.11
C PHE A 40 -2.50 5.60 5.44
N SER A 41 -2.91 4.84 4.43
CA SER A 41 -3.30 3.45 4.61
C SER A 41 -2.78 2.58 3.47
N LEU A 42 -2.02 1.56 3.82
CA LEU A 42 -1.46 0.65 2.82
C LEU A 42 -2.34 -0.58 2.65
N SER A 43 -2.51 -1.01 1.40
CA SER A 43 -3.34 -2.17 1.10
C SER A 43 -2.58 -3.16 0.21
N VAL A 44 -2.24 -4.31 0.79
CA VAL A 44 -1.52 -5.35 0.06
C VAL A 44 -2.42 -6.53 -0.26
N LYS A 45 -2.27 -7.08 -1.46
CA LYS A 45 -3.06 -8.22 -1.88
C LYS A 45 -2.40 -9.53 -1.48
N PHE A 46 -3.21 -10.46 -0.97
CA PHE A 46 -2.69 -11.76 -0.53
C PHE A 46 -3.62 -12.88 -1.00
N GLY A 47 -3.31 -13.44 -2.17
CA GLY A 47 -4.11 -14.53 -2.71
C GLY A 47 -5.53 -14.09 -3.04
N ASN A 48 -6.49 -14.52 -2.25
CA ASN A 48 -7.89 -14.17 -2.46
C ASN A 48 -8.39 -13.23 -1.38
N ASP A 49 -7.46 -12.49 -0.77
CA ASP A 49 -7.81 -11.55 0.29
C ASP A 49 -6.93 -10.31 0.22
N VAL A 50 -7.55 -9.14 0.35
CA VAL A 50 -6.81 -7.88 0.31
C VAL A 50 -6.59 -7.31 1.71
N GLN A 51 -5.39 -7.52 2.25
CA GLN A 51 -5.06 -7.03 3.58
C GLN A 51 -4.59 -5.58 3.53
N HIS A 52 -4.39 -4.99 4.70
CA HIS A 52 -3.94 -3.60 4.78
C HIS A 52 -3.19 -3.35 6.08
N PHE A 53 -2.54 -2.21 6.18
CA PHE A 53 -1.78 -1.84 7.38
C PHE A 53 -1.92 -0.36 7.69
N LYS A 54 -2.43 -0.06 8.87
CA LYS A 54 -2.62 1.33 9.29
C LYS A 54 -1.28 2.01 9.54
N VAL A 55 -0.99 3.04 8.75
CA VAL A 55 0.27 3.78 8.88
C VAL A 55 0.24 4.66 10.13
N LEU A 56 1.37 4.70 10.83
CA LEU A 56 1.48 5.50 12.05
C LEU A 56 2.31 6.76 11.78
N ARG A 57 1.84 7.89 12.28
CA ARG A 57 2.53 9.16 12.11
C ARG A 57 2.88 9.79 13.46
N ASP A 58 3.64 10.87 13.42
CA ASP A 58 4.04 11.57 14.64
C ASP A 58 3.44 12.97 14.69
N GLY A 59 3.69 13.67 15.79
CA GLY A 59 3.16 15.02 15.94
C GLY A 59 4.03 16.06 15.26
N ALA A 60 4.79 15.63 14.26
CA ALA A 60 5.67 16.53 13.52
C ALA A 60 5.44 16.41 12.02
N GLY A 61 5.20 15.20 11.55
CA GLY A 61 4.96 14.97 10.15
C GLY A 61 5.82 13.85 9.58
N LYS A 62 6.03 12.82 10.38
CA LYS A 62 6.83 11.68 9.97
C LYS A 62 5.98 10.41 9.90
N TYR A 63 6.47 9.42 9.15
CA TYR A 63 5.76 8.16 9.01
C TYR A 63 6.59 6.99 9.53
N PHE A 64 5.92 5.93 9.96
CA PHE A 64 6.59 4.75 10.48
C PHE A 64 5.62 3.59 10.63
N LEU A 65 6.15 2.38 10.71
CA LEU A 65 5.34 1.17 10.85
C LEU A 65 6.11 0.07 11.57
N TRP A 66 5.45 -0.58 12.52
CA TRP A 66 6.07 -1.67 13.27
C TRP A 66 7.27 -1.16 14.06
N VAL A 67 8.38 -0.94 13.37
CA VAL A 67 9.60 -0.45 14.01
C VAL A 67 10.31 0.57 13.13
N VAL A 68 10.48 0.22 11.86
CA VAL A 68 11.15 1.11 10.91
C VAL A 68 10.59 2.53 11.00
N LYS A 69 11.41 3.50 10.63
CA LYS A 69 11.00 4.91 10.67
C LYS A 69 11.58 5.67 9.48
N PHE A 70 10.79 6.57 8.92
CA PHE A 70 11.21 7.37 7.78
C PHE A 70 10.47 8.71 7.74
N ASN A 71 10.90 9.59 6.84
CA ASN A 71 10.27 10.89 6.69
C ASN A 71 9.19 10.87 5.61
N SER A 72 9.49 10.22 4.50
CA SER A 72 8.55 10.12 3.39
C SER A 72 7.94 8.73 3.31
N LEU A 73 7.01 8.54 2.39
CA LEU A 73 6.35 7.25 2.21
C LEU A 73 7.19 6.32 1.35
N ASN A 74 7.81 6.88 0.32
CA ASN A 74 8.65 6.10 -0.59
C ASN A 74 9.67 5.29 0.19
N GLU A 75 10.13 5.82 1.31
CA GLU A 75 11.11 5.14 2.15
C GLU A 75 10.48 3.93 2.84
N LEU A 76 9.22 4.07 3.24
CA LEU A 76 8.51 2.99 3.91
C LEU A 76 8.24 1.83 2.95
N VAL A 77 7.59 2.14 1.83
CA VAL A 77 7.27 1.13 0.83
C VAL A 77 8.52 0.35 0.42
N ASP A 78 9.63 1.06 0.30
CA ASP A 78 10.90 0.44 -0.09
C ASP A 78 11.37 -0.53 0.99
N TYR A 79 11.63 -0.01 2.19
CA TYR A 79 12.10 -0.83 3.30
C TYR A 79 11.28 -2.12 3.41
N HIS A 80 9.96 -1.99 3.28
CA HIS A 80 9.06 -3.13 3.35
C HIS A 80 9.12 -3.96 2.07
N ARG A 81 9.55 -3.33 0.98
CA ARG A 81 9.66 -4.00 -0.31
C ARG A 81 10.76 -5.06 -0.28
N SER A 82 11.79 -4.81 0.51
CA SER A 82 12.91 -5.74 0.63
C SER A 82 12.75 -6.64 1.85
N THR A 83 12.02 -6.14 2.86
CA THR A 83 11.80 -6.89 4.08
C THR A 83 10.35 -7.36 4.18
N SER A 84 10.16 -8.63 4.54
CA SER A 84 8.83 -9.20 4.66
C SER A 84 7.87 -8.20 5.32
N VAL A 85 6.58 -8.45 5.17
CA VAL A 85 5.56 -7.59 5.76
C VAL A 85 4.45 -8.39 6.41
N SER A 86 4.13 -9.54 5.81
CA SER A 86 3.08 -10.41 6.34
C SER A 86 3.63 -11.34 7.41
N ARG A 87 2.90 -11.47 8.51
CA ARG A 87 3.31 -12.32 9.62
C ARG A 87 2.73 -13.73 9.46
N ASN A 88 2.45 -14.11 8.22
CA ASN A 88 1.90 -15.44 7.95
C ASN A 88 2.70 -16.15 6.86
N GLN A 89 3.06 -15.40 5.82
CA GLN A 89 3.83 -15.96 4.72
C GLN A 89 5.04 -15.09 4.40
N GLN A 90 5.93 -15.61 3.55
CA GLN A 90 7.13 -14.87 3.17
C GLN A 90 6.94 -14.17 1.83
N ILE A 91 6.32 -13.00 1.85
CA ILE A 91 6.08 -12.23 0.63
C ILE A 91 6.58 -10.80 0.77
N PHE A 92 6.85 -10.16 -0.36
CA PHE A 92 7.33 -8.78 -0.35
C PHE A 92 6.34 -7.85 -1.05
N LEU A 93 6.59 -6.55 -0.97
CA LEU A 93 5.72 -5.57 -1.59
C LEU A 93 6.10 -5.37 -3.06
N ARG A 94 5.22 -5.82 -3.96
CA ARG A 94 5.45 -5.68 -5.39
C ARG A 94 5.05 -4.29 -5.87
N ASP A 95 5.88 -3.70 -6.73
CA ASP A 95 5.60 -2.38 -7.28
C ASP A 95 4.32 -2.38 -8.09
N ILE A 96 3.27 -1.79 -7.51
CA ILE A 96 1.98 -1.73 -8.19
C ILE A 96 2.07 -0.96 -9.50
N GLU A 97 1.25 -1.34 -10.48
CA GLU A 97 1.24 -0.69 -11.77
C GLU A 97 0.22 0.44 -11.81
N GLN A 98 0.70 1.67 -11.72
CA GLN A 98 -0.17 2.84 -11.74
C GLN A 98 -1.08 2.81 -12.95
N VAL A 99 -2.35 3.14 -12.75
CA VAL A 99 -3.32 3.15 -13.83
C VAL A 99 -2.71 3.71 -15.11
N PRO A 100 -2.84 2.94 -16.21
CA PRO A 100 -2.30 3.33 -17.52
C PRO A 100 -3.06 4.50 -18.12
N GLN A 101 -2.50 5.09 -19.18
CA GLN A 101 -3.13 6.22 -19.85
C GLN A 101 -3.08 6.04 -21.37
N GLN A 102 -4.04 5.31 -21.91
CA GLN A 102 -4.10 5.07 -23.35
C GLN A 102 -5.46 4.52 -23.74
N PRO A 103 -6.04 5.10 -24.80
CA PRO A 103 -7.35 4.69 -25.31
C PRO A 103 -7.32 3.32 -25.97
N THR A 104 -8.44 2.61 -25.91
CA THR A 104 -8.53 1.27 -26.49
C THR A 104 -9.34 1.30 -27.78
N TRP A 5 0.84 2.79 -7.35
CA TRP A 5 0.43 2.01 -6.19
C TRP A 5 -0.48 2.83 -5.27
N PHE A 6 -0.41 4.14 -5.40
CA PHE A 6 -1.23 5.04 -4.59
C PHE A 6 -2.56 5.34 -5.28
N PHE A 7 -3.61 5.49 -4.49
CA PHE A 7 -4.93 5.78 -5.03
C PHE A 7 -5.56 6.97 -4.31
N GLY A 8 -6.03 7.95 -5.08
CA GLY A 8 -6.64 9.13 -4.51
C GLY A 8 -7.57 8.79 -3.35
N LYS A 9 -8.86 8.63 -3.64
CA LYS A 9 -9.84 8.31 -2.63
C LYS A 9 -10.65 7.06 -3.02
N ILE A 10 -10.40 5.96 -2.32
CA ILE A 10 -11.09 4.72 -2.59
C ILE A 10 -11.31 3.91 -1.32
N PRO A 11 -12.51 3.32 -1.18
CA PRO A 11 -12.87 2.51 -0.01
C PRO A 11 -12.09 1.19 0.04
N ARG A 12 -11.74 0.78 1.25
CA ARG A 12 -10.99 -0.47 1.44
C ARG A 12 -11.50 -1.55 0.49
N ALA A 13 -12.81 -1.56 0.25
CA ALA A 13 -13.41 -2.54 -0.64
C ALA A 13 -12.82 -2.44 -2.04
N LYS A 14 -12.95 -1.27 -2.66
CA LYS A 14 -12.44 -1.05 -4.00
C LYS A 14 -11.00 -1.56 -4.12
N ALA A 15 -10.19 -1.29 -3.09
CA ALA A 15 -8.80 -1.73 -3.08
C ALA A 15 -8.70 -3.24 -3.21
N GLU A 16 -9.40 -3.95 -2.34
CA GLU A 16 -9.39 -5.41 -2.34
C GLU A 16 -9.64 -5.94 -3.75
N GLU A 17 -10.51 -5.26 -4.50
CA GLU A 17 -10.85 -5.66 -5.85
C GLU A 17 -9.66 -5.44 -6.80
N MET A 18 -8.99 -4.32 -6.63
CA MET A 18 -7.84 -3.98 -7.45
C MET A 18 -6.72 -5.00 -7.27
N LEU A 19 -6.61 -5.53 -6.05
CA LEU A 19 -5.57 -6.51 -5.74
C LEU A 19 -6.00 -7.91 -6.19
N SER A 20 -7.23 -8.29 -5.83
CA SER A 20 -7.75 -9.60 -6.20
C SER A 20 -7.67 -9.82 -7.70
N LYS A 21 -8.10 -8.81 -8.46
CA LYS A 21 -8.08 -8.91 -9.92
C LYS A 21 -6.69 -9.28 -10.43
N GLN A 22 -5.67 -9.00 -9.61
CA GLN A 22 -4.30 -9.32 -9.96
C GLN A 22 -4.07 -10.82 -10.01
N ARG A 23 -2.91 -11.23 -10.51
CA ARG A 23 -2.57 -12.65 -10.61
C ARG A 23 -1.46 -13.01 -9.63
N HIS A 24 -0.59 -12.03 -9.35
CA HIS A 24 0.53 -12.26 -8.43
C HIS A 24 0.04 -12.37 -7.00
N ASP A 25 0.97 -12.51 -6.07
CA ASP A 25 0.64 -12.62 -4.65
C ASP A 25 1.41 -11.60 -3.83
N GLY A 26 0.69 -10.68 -3.20
CA GLY A 26 1.31 -9.66 -2.38
C GLY A 26 1.13 -8.27 -2.94
N ALA A 27 0.05 -8.08 -3.71
CA ALA A 27 -0.23 -6.79 -4.31
C ALA A 27 -0.39 -5.71 -3.25
N PHE A 28 0.40 -4.65 -3.36
CA PHE A 28 0.35 -3.55 -2.40
C PHE A 28 -0.31 -2.32 -3.03
N LEU A 29 -1.20 -1.68 -2.27
CA LEU A 29 -1.89 -0.50 -2.74
C LEU A 29 -2.21 0.44 -1.59
N ILE A 30 -1.69 1.66 -1.67
CA ILE A 30 -1.92 2.66 -0.63
C ILE A 30 -3.04 3.62 -1.03
N ARG A 31 -4.09 3.65 -0.22
CA ARG A 31 -5.23 4.52 -0.49
C ARG A 31 -5.37 5.60 0.60
N GLU A 32 -5.74 6.80 0.18
CA GLU A 32 -5.89 7.91 1.11
C GLU A 32 -7.30 7.94 1.71
N SER A 33 -7.45 8.62 2.84
CA SER A 33 -8.74 8.71 3.50
C SER A 33 -9.70 9.62 2.73
N GLU A 34 -10.98 9.31 2.79
CA GLU A 34 -11.99 10.10 2.09
C GLU A 34 -12.05 11.52 2.66
N SER A 35 -12.50 11.65 3.90
CA SER A 35 -12.61 12.94 4.54
C SER A 35 -11.46 13.18 5.51
N ALA A 36 -10.29 12.64 5.16
CA ALA A 36 -9.11 12.78 5.99
C ALA A 36 -7.85 12.94 5.15
N PRO A 37 -7.53 14.19 4.80
CA PRO A 37 -6.34 14.51 3.99
C PRO A 37 -5.04 14.26 4.73
N GLY A 38 -4.18 13.43 4.16
CA GLY A 38 -2.90 13.14 4.80
C GLY A 38 -2.85 11.74 5.38
N ASP A 39 -4.03 11.17 5.64
CA ASP A 39 -4.12 9.83 6.21
C ASP A 39 -3.84 8.77 5.14
N PHE A 40 -2.71 8.10 5.26
CA PHE A 40 -2.32 7.07 4.31
C PHE A 40 -2.59 5.67 4.88
N SER A 41 -3.09 4.78 4.04
CA SER A 41 -3.40 3.42 4.46
C SER A 41 -3.02 2.41 3.38
N LEU A 42 -2.11 1.50 3.72
CA LEU A 42 -1.66 0.49 2.77
C LEU A 42 -2.55 -0.75 2.83
N SER A 43 -2.66 -1.46 1.71
CA SER A 43 -3.48 -2.66 1.64
C SER A 43 -2.78 -3.74 0.82
N VAL A 44 -2.28 -4.76 1.50
CA VAL A 44 -1.59 -5.86 0.83
C VAL A 44 -2.47 -7.11 0.79
N LYS A 45 -2.49 -7.77 -0.37
CA LYS A 45 -3.28 -8.97 -0.56
C LYS A 45 -2.52 -10.21 -0.10
N PHE A 46 -2.98 -10.83 0.98
CA PHE A 46 -2.34 -12.02 1.51
C PHE A 46 -3.24 -13.25 1.36
N GLY A 47 -3.06 -13.97 0.26
CA GLY A 47 -3.86 -15.15 0.01
C GLY A 47 -5.32 -14.83 -0.24
N ASN A 48 -6.20 -15.43 0.56
CA ASN A 48 -7.63 -15.19 0.43
C ASN A 48 -8.11 -14.15 1.43
N ASP A 49 -7.21 -13.25 1.81
CA ASP A 49 -7.55 -12.20 2.77
C ASP A 49 -6.70 -10.94 2.52
N VAL A 50 -7.38 -9.81 2.35
CA VAL A 50 -6.70 -8.55 2.11
C VAL A 50 -6.39 -7.83 3.41
N GLN A 51 -5.10 -7.71 3.72
CA GLN A 51 -4.68 -7.03 4.94
C GLN A 51 -4.32 -5.58 4.67
N HIS A 52 -4.07 -4.82 5.73
CA HIS A 52 -3.72 -3.41 5.60
C HIS A 52 -2.76 -2.98 6.71
N PHE A 53 -2.23 -1.77 6.59
CA PHE A 53 -1.30 -1.24 7.59
C PHE A 53 -1.45 0.27 7.73
N LYS A 54 -1.83 0.72 8.92
CA LYS A 54 -2.01 2.14 9.19
C LYS A 54 -0.66 2.87 9.16
N VAL A 55 -0.56 3.88 8.30
CA VAL A 55 0.66 4.66 8.18
C VAL A 55 0.69 5.80 9.18
N LEU A 56 1.86 6.05 9.75
CA LEU A 56 2.02 7.13 10.73
C LEU A 56 3.01 8.18 10.23
N ARG A 57 2.67 9.44 10.46
CA ARG A 57 3.53 10.55 10.04
C ARG A 57 3.65 11.59 11.14
N ASP A 58 4.72 12.38 11.09
CA ASP A 58 4.95 13.42 12.08
C ASP A 58 4.38 14.76 11.61
N GLY A 59 4.59 15.79 12.41
CA GLY A 59 4.08 17.11 12.07
C GLY A 59 5.03 17.88 11.17
N ALA A 60 5.69 17.17 10.26
CA ALA A 60 6.63 17.79 9.34
C ALA A 60 6.46 17.23 7.92
N GLY A 61 6.24 15.92 7.83
CA GLY A 61 6.07 15.29 6.54
C GLY A 61 6.90 14.02 6.40
N LYS A 62 7.15 13.35 7.52
CA LYS A 62 7.94 12.13 7.53
C LYS A 62 7.07 10.92 7.86
N TYR A 63 7.04 9.95 6.96
CA TYR A 63 6.24 8.75 7.15
C TYR A 63 7.07 7.65 7.82
N PHE A 64 6.38 6.76 8.53
CA PHE A 64 7.05 5.67 9.24
C PHE A 64 6.04 4.64 9.72
N LEU A 65 6.53 3.50 10.19
CA LEU A 65 5.68 2.43 10.69
C LEU A 65 6.09 2.01 12.10
N TRP A 66 7.02 1.06 12.18
CA TRP A 66 7.50 0.57 13.46
C TRP A 66 8.62 1.46 14.00
N VAL A 67 9.79 1.39 13.36
CA VAL A 67 10.93 2.18 13.78
C VAL A 67 11.55 2.91 12.59
N VAL A 68 11.41 2.33 11.40
CA VAL A 68 11.95 2.94 10.18
C VAL A 68 11.08 4.10 9.72
N LYS A 69 11.71 5.08 9.07
CA LYS A 69 11.00 6.25 8.58
C LYS A 69 11.57 6.71 7.25
N PHE A 70 10.84 7.58 6.56
CA PHE A 70 11.28 8.11 5.27
C PHE A 70 10.64 9.46 4.98
N ASN A 71 11.02 10.06 3.86
CA ASN A 71 10.49 11.37 3.48
C ASN A 71 9.19 11.20 2.69
N SER A 72 9.16 10.23 1.79
CA SER A 72 7.99 9.97 0.96
C SER A 72 7.64 8.48 0.97
N LEU A 73 6.36 8.19 0.74
CA LEU A 73 5.89 6.81 0.72
C LEU A 73 6.63 6.00 -0.35
N ASN A 74 7.09 6.69 -1.39
CA ASN A 74 7.81 6.03 -2.47
C ASN A 74 8.99 5.22 -1.93
N GLU A 75 9.61 5.72 -0.88
CA GLU A 75 10.74 5.04 -0.26
C GLU A 75 10.29 3.80 0.50
N LEU A 76 9.51 4.01 1.56
CA LEU A 76 9.01 2.91 2.37
C LEU A 76 8.41 1.81 1.50
N VAL A 77 7.80 2.22 0.39
CA VAL A 77 7.19 1.28 -0.54
C VAL A 77 8.24 0.35 -1.16
N ASP A 78 9.15 0.94 -1.92
CA ASP A 78 10.21 0.18 -2.58
C ASP A 78 10.93 -0.72 -1.57
N TYR A 79 11.43 -0.12 -0.50
CA TYR A 79 12.14 -0.85 0.53
C TYR A 79 11.34 -2.08 0.97
N HIS A 80 10.07 -1.87 1.30
CA HIS A 80 9.20 -2.96 1.73
C HIS A 80 8.99 -3.96 0.60
N ARG A 81 9.26 -3.54 -0.62
CA ARG A 81 9.09 -4.40 -1.78
C ARG A 81 10.29 -5.33 -1.95
N SER A 82 11.44 -4.91 -1.42
CA SER A 82 12.66 -5.69 -1.52
C SER A 82 12.98 -6.36 -0.17
N THR A 83 12.19 -6.03 0.84
CA THR A 83 12.39 -6.59 2.17
C THR A 83 11.09 -7.12 2.75
N SER A 84 11.19 -8.17 3.57
CA SER A 84 10.01 -8.77 4.18
C SER A 84 9.05 -7.70 4.70
N VAL A 85 7.80 -8.10 4.93
CA VAL A 85 6.79 -7.18 5.42
C VAL A 85 5.87 -7.85 6.44
N SER A 86 5.58 -9.12 6.20
CA SER A 86 4.72 -9.89 7.10
C SER A 86 5.53 -10.55 8.20
N ARG A 87 4.97 -10.59 9.40
CA ARG A 87 5.64 -11.21 10.53
C ARG A 87 5.33 -12.70 10.62
N ASN A 88 5.02 -13.30 9.47
CA ASN A 88 4.70 -14.72 9.41
C ASN A 88 5.51 -15.41 8.32
N GLN A 89 5.50 -14.83 7.13
CA GLN A 89 6.23 -15.39 6.00
C GLN A 89 7.18 -14.36 5.40
N GLN A 90 7.86 -14.75 4.32
CA GLN A 90 8.81 -13.86 3.65
C GLN A 90 8.24 -13.38 2.32
N ILE A 91 7.12 -12.68 2.38
CA ILE A 91 6.48 -12.17 1.17
C ILE A 91 6.86 -10.72 0.92
N PHE A 92 6.94 -10.33 -0.35
CA PHE A 92 7.29 -8.97 -0.71
C PHE A 92 6.11 -8.25 -1.37
N LEU A 93 6.23 -6.94 -1.51
CA LEU A 93 5.16 -6.14 -2.12
C LEU A 93 5.22 -6.24 -3.64
N ARG A 94 4.25 -6.92 -4.23
CA ARG A 94 4.19 -7.08 -5.68
C ARG A 94 3.63 -5.83 -6.34
N ASP A 95 4.30 -5.36 -7.38
CA ASP A 95 3.87 -4.17 -8.10
C ASP A 95 2.45 -4.34 -8.63
N ILE A 96 1.52 -3.57 -8.06
CA ILE A 96 0.13 -3.64 -8.48
C ILE A 96 -0.07 -3.03 -9.86
N GLU A 97 -0.91 -3.67 -10.68
CA GLU A 97 -1.18 -3.19 -12.02
C GLU A 97 -2.23 -2.08 -12.00
N GLN A 98 -1.78 -0.86 -11.69
CA GLN A 98 -2.67 0.29 -11.64
C GLN A 98 -3.30 0.55 -13.00
N VAL A 99 -4.58 0.94 -12.99
CA VAL A 99 -5.29 1.23 -14.21
C VAL A 99 -4.39 1.85 -15.26
N PRO A 100 -4.33 1.24 -16.45
CA PRO A 100 -3.50 1.73 -17.55
C PRO A 100 -4.02 3.03 -18.14
N GLN A 101 -3.21 3.66 -18.98
CA GLN A 101 -3.60 4.92 -19.62
C GLN A 101 -4.03 4.69 -21.07
N GLN A 102 -5.33 4.54 -21.28
CA GLN A 102 -5.87 4.31 -22.61
C GLN A 102 -6.59 5.56 -23.12
N PRO A 103 -5.82 6.50 -23.67
CA PRO A 103 -6.36 7.76 -24.21
C PRO A 103 -7.17 7.54 -25.49
N THR A 104 -7.82 8.59 -25.96
CA THR A 104 -8.63 8.52 -27.18
C THR A 104 -7.87 9.11 -28.37
N TRP A 5 -1.30 -0.50 -7.36
CA TRP A 5 -0.42 0.53 -6.84
C TRP A 5 -1.19 1.53 -5.98
N PHE A 6 -2.00 2.37 -6.62
CA PHE A 6 -2.79 3.37 -5.92
C PHE A 6 -4.26 3.28 -6.32
N PHE A 7 -5.14 3.69 -5.42
CA PHE A 7 -6.57 3.65 -5.68
C PHE A 7 -7.25 4.93 -5.18
N GLY A 8 -7.95 5.61 -6.08
CA GLY A 8 -8.63 6.84 -5.72
C GLY A 8 -9.29 6.76 -4.36
N LYS A 9 -10.57 6.39 -4.35
CA LYS A 9 -11.32 6.27 -3.10
C LYS A 9 -12.09 4.96 -3.06
N ILE A 10 -11.57 4.00 -2.29
CA ILE A 10 -12.21 2.70 -2.15
C ILE A 10 -12.28 2.27 -0.69
N PRO A 11 -13.41 1.66 -0.31
CA PRO A 11 -13.64 1.19 1.07
C PRO A 11 -12.76 0.00 1.41
N ARG A 12 -12.25 -0.03 2.64
CA ARG A 12 -11.40 -1.12 3.10
C ARG A 12 -11.81 -2.43 2.46
N ALA A 13 -13.12 -2.68 2.40
CA ALA A 13 -13.64 -3.90 1.81
C ALA A 13 -13.13 -4.09 0.38
N LYS A 14 -13.43 -3.12 -0.48
CA LYS A 14 -13.00 -3.16 -1.87
C LYS A 14 -11.52 -3.53 -1.97
N ALA A 15 -10.70 -2.88 -1.15
CA ALA A 15 -9.26 -3.14 -1.15
C ALA A 15 -8.98 -4.63 -1.07
N GLU A 16 -9.56 -5.28 -0.06
CA GLU A 16 -9.36 -6.72 0.13
C GLU A 16 -9.83 -7.50 -1.09
N GLU A 17 -10.81 -6.95 -1.81
CA GLU A 17 -11.34 -7.60 -3.00
C GLU A 17 -10.38 -7.48 -4.17
N MET A 18 -9.83 -6.27 -4.35
CA MET A 18 -8.88 -6.02 -5.44
C MET A 18 -7.66 -6.93 -5.32
N LEU A 19 -7.21 -7.16 -4.09
CA LEU A 19 -6.05 -8.01 -3.84
C LEU A 19 -6.45 -9.49 -3.86
N SER A 20 -7.61 -9.79 -3.26
CA SER A 20 -8.10 -11.16 -3.20
C SER A 20 -8.26 -11.73 -4.61
N LYS A 21 -8.81 -10.92 -5.51
CA LYS A 21 -9.02 -11.35 -6.90
C LYS A 21 -7.70 -11.71 -7.56
N GLN A 22 -6.61 -11.13 -7.07
CA GLN A 22 -5.29 -11.39 -7.63
C GLN A 22 -4.95 -12.88 -7.55
N ARG A 23 -3.87 -13.26 -8.21
CA ARG A 23 -3.44 -14.66 -8.22
C ARG A 23 -2.18 -14.85 -7.38
N HIS A 24 -1.44 -13.76 -7.20
CA HIS A 24 -0.21 -13.80 -6.41
C HIS A 24 -0.50 -13.70 -4.92
N ASP A 25 0.52 -13.40 -4.13
CA ASP A 25 0.37 -13.29 -2.69
C ASP A 25 1.18 -12.10 -2.15
N GLY A 26 0.49 -11.13 -1.57
CA GLY A 26 1.15 -9.97 -1.03
C GLY A 26 0.88 -8.71 -1.84
N ALA A 27 -0.23 -8.72 -2.58
CA ALA A 27 -0.60 -7.57 -3.39
C ALA A 27 -0.78 -6.32 -2.54
N PHE A 28 -0.12 -5.23 -2.94
CA PHE A 28 -0.21 -3.98 -2.21
C PHE A 28 -1.06 -2.97 -2.97
N LEU A 29 -1.78 -2.13 -2.22
CA LEU A 29 -2.64 -1.11 -2.82
C LEU A 29 -2.82 0.08 -1.88
N ILE A 30 -2.30 1.23 -2.27
CA ILE A 30 -2.42 2.43 -1.45
C ILE A 30 -3.65 3.25 -1.85
N ARG A 31 -4.61 3.34 -0.93
CA ARG A 31 -5.83 4.08 -1.18
C ARG A 31 -5.86 5.37 -0.36
N GLU A 32 -6.57 6.37 -0.86
CA GLU A 32 -6.68 7.65 -0.17
C GLU A 32 -8.07 7.84 0.42
N SER A 33 -8.13 8.44 1.60
CA SER A 33 -9.40 8.68 2.28
C SER A 33 -10.20 9.77 1.59
N GLU A 34 -11.50 9.81 1.86
CA GLU A 34 -12.37 10.82 1.26
C GLU A 34 -12.58 12.00 2.20
N SER A 35 -12.68 11.70 3.50
CA SER A 35 -12.89 12.74 4.50
C SER A 35 -11.58 13.06 5.23
N ALA A 36 -10.50 12.42 4.79
CA ALA A 36 -9.19 12.63 5.40
C ALA A 36 -8.15 12.98 4.35
N PRO A 37 -7.92 14.29 4.15
CA PRO A 37 -6.94 14.78 3.17
C PRO A 37 -5.51 14.49 3.59
N GLY A 38 -4.64 14.24 2.59
CA GLY A 38 -3.26 13.95 2.89
C GLY A 38 -3.08 12.69 3.71
N ASP A 39 -4.05 11.79 3.63
CA ASP A 39 -4.01 10.54 4.37
C ASP A 39 -3.82 9.35 3.43
N PHE A 40 -2.75 8.60 3.63
CA PHE A 40 -2.45 7.44 2.80
C PHE A 40 -2.54 6.15 3.62
N SER A 41 -3.09 5.10 3.01
CA SER A 41 -3.23 3.82 3.69
C SER A 41 -2.90 2.67 2.73
N LEU A 42 -1.90 1.88 3.09
CA LEU A 42 -1.48 0.75 2.27
C LEU A 42 -2.27 -0.51 2.64
N SER A 43 -2.70 -1.25 1.63
CA SER A 43 -3.46 -2.48 1.85
C SER A 43 -2.75 -3.68 1.23
N VAL A 44 -2.16 -4.52 2.08
CA VAL A 44 -1.46 -5.70 1.62
C VAL A 44 -2.24 -6.97 1.95
N LYS A 45 -2.29 -7.89 0.99
CA LYS A 45 -3.00 -9.15 1.17
C LYS A 45 -2.11 -10.19 1.85
N PHE A 46 -2.68 -10.96 2.76
CA PHE A 46 -1.94 -11.98 3.48
C PHE A 46 -2.74 -13.27 3.57
N GLY A 47 -2.53 -14.17 2.61
CA GLY A 47 -3.25 -15.43 2.60
C GLY A 47 -4.73 -15.25 2.38
N ASN A 48 -5.53 -15.63 3.38
CA ASN A 48 -6.98 -15.50 3.29
C ASN A 48 -7.47 -14.26 4.03
N ASP A 49 -6.53 -13.45 4.49
CA ASP A 49 -6.87 -12.23 5.22
C ASP A 49 -6.00 -11.07 4.76
N VAL A 50 -6.64 -9.93 4.47
CA VAL A 50 -5.93 -8.75 4.02
C VAL A 50 -5.72 -7.76 5.16
N GLN A 51 -4.51 -7.20 5.23
CA GLN A 51 -4.17 -6.24 6.28
C GLN A 51 -3.85 -4.88 5.68
N HIS A 52 -3.67 -3.88 6.55
CA HIS A 52 -3.35 -2.53 6.10
C HIS A 52 -2.25 -1.91 6.97
N PHE A 53 -1.77 -0.75 6.57
CA PHE A 53 -0.72 -0.06 7.31
C PHE A 53 -0.91 1.45 7.26
N LYS A 54 -1.10 2.06 8.42
CA LYS A 54 -1.30 3.50 8.52
C LYS A 54 -0.01 4.25 8.18
N VAL A 55 -0.04 5.01 7.09
CA VAL A 55 1.12 5.78 6.66
C VAL A 55 1.28 7.04 7.49
N LEU A 56 2.47 7.24 8.04
CA LEU A 56 2.75 8.41 8.86
C LEU A 56 3.34 9.54 8.00
N ARG A 57 2.88 10.76 8.26
CA ARG A 57 3.35 11.93 7.52
C ARG A 57 3.70 13.07 8.47
N ASP A 58 4.87 13.67 8.26
CA ASP A 58 5.33 14.77 9.10
C ASP A 58 6.31 15.66 8.34
N GLY A 59 6.65 16.79 8.94
CA GLY A 59 7.58 17.72 8.31
C GLY A 59 6.90 18.59 7.27
N ALA A 60 6.09 17.98 6.42
CA ALA A 60 5.38 18.71 5.38
C ALA A 60 4.76 17.76 4.36
N GLY A 61 5.54 16.79 3.92
CA GLY A 61 5.06 15.82 2.95
C GLY A 61 5.88 14.56 2.92
N LYS A 62 6.63 14.32 4.00
CA LYS A 62 7.46 13.12 4.09
C LYS A 62 6.71 11.98 4.76
N TYR A 63 6.79 10.79 4.17
CA TYR A 63 6.12 9.62 4.72
C TYR A 63 7.11 8.73 5.47
N PHE A 64 6.56 7.85 6.31
CA PHE A 64 7.40 6.93 7.08
C PHE A 64 6.54 5.91 7.81
N LEU A 65 7.15 4.79 8.21
CA LEU A 65 6.44 3.73 8.90
C LEU A 65 7.42 2.84 9.66
N TRP A 66 6.90 2.09 10.63
CA TRP A 66 7.72 1.19 11.43
C TRP A 66 9.07 1.83 11.76
N VAL A 67 10.06 1.58 10.91
CA VAL A 67 11.39 2.14 11.11
C VAL A 67 12.02 2.56 9.79
N VAL A 68 11.47 3.63 9.20
CA VAL A 68 11.98 4.14 7.94
C VAL A 68 11.19 5.36 7.48
N LYS A 69 11.84 6.23 6.72
CA LYS A 69 11.20 7.44 6.22
C LYS A 69 11.63 7.73 4.78
N PHE A 70 10.80 8.47 4.06
CA PHE A 70 11.10 8.83 2.68
C PHE A 70 10.35 10.09 2.27
N ASN A 71 10.56 10.52 1.02
CA ASN A 71 9.91 11.72 0.50
C ASN A 71 8.67 11.35 -0.31
N SER A 72 8.81 10.32 -1.15
CA SER A 72 7.70 9.88 -1.99
C SER A 72 7.17 8.52 -1.52
N LEU A 73 5.92 8.24 -1.85
CA LEU A 73 5.30 6.98 -1.47
C LEU A 73 5.94 5.80 -2.19
N ASN A 74 6.35 6.03 -3.44
CA ASN A 74 6.99 5.00 -4.24
C ASN A 74 8.15 4.37 -3.49
N GLU A 75 8.91 5.19 -2.78
CA GLU A 75 10.06 4.71 -2.01
C GLU A 75 9.63 3.66 -1.00
N LEU A 76 8.38 3.75 -0.56
CA LEU A 76 7.84 2.81 0.42
C LEU A 76 7.43 1.50 -0.25
N VAL A 77 6.75 1.61 -1.39
CA VAL A 77 6.30 0.44 -2.14
C VAL A 77 7.47 -0.46 -2.50
N ASP A 78 8.52 0.14 -3.07
CA ASP A 78 9.70 -0.61 -3.47
C ASP A 78 10.43 -1.18 -2.25
N TYR A 79 10.75 -0.31 -1.30
CA TYR A 79 11.44 -0.73 -0.09
C TYR A 79 10.81 -1.99 0.50
N HIS A 80 9.49 -1.93 0.71
CA HIS A 80 8.77 -3.07 1.26
C HIS A 80 8.76 -4.24 0.29
N ARG A 81 8.93 -3.94 -1.00
CA ARG A 81 8.93 -4.96 -2.04
C ARG A 81 10.21 -5.79 -1.95
N SER A 82 11.26 -5.22 -1.36
CA SER A 82 12.53 -5.90 -1.23
C SER A 82 12.69 -6.50 0.17
N THR A 83 12.03 -5.89 1.15
CA THR A 83 12.09 -6.36 2.53
C THR A 83 10.76 -6.98 2.96
N SER A 84 10.84 -7.89 3.93
CA SER A 84 9.65 -8.56 4.42
C SER A 84 8.52 -7.57 4.67
N VAL A 85 7.32 -8.09 4.88
CA VAL A 85 6.16 -7.25 5.14
C VAL A 85 5.36 -7.75 6.33
N SER A 86 5.27 -9.08 6.47
CA SER A 86 4.53 -9.69 7.56
C SER A 86 5.47 -10.02 8.72
N ARG A 87 4.89 -10.25 9.90
CA ARG A 87 5.66 -10.59 11.08
C ARG A 87 5.60 -12.08 11.37
N ASN A 88 5.28 -12.87 10.35
CA ASN A 88 5.18 -14.31 10.50
C ASN A 88 6.02 -15.03 9.44
N GLN A 89 5.88 -14.60 8.19
CA GLN A 89 6.62 -15.20 7.09
C GLN A 89 7.38 -14.13 6.30
N GLN A 90 8.09 -14.56 5.26
CA GLN A 90 8.85 -13.64 4.42
C GLN A 90 8.10 -13.33 3.13
N ILE A 91 7.09 -12.47 3.24
CA ILE A 91 6.30 -12.08 2.07
C ILE A 91 6.74 -10.74 1.53
N PHE A 92 6.43 -10.48 0.26
CA PHE A 92 6.79 -9.22 -0.38
C PHE A 92 5.59 -8.61 -1.08
N LEU A 93 5.71 -7.33 -1.44
CA LEU A 93 4.64 -6.62 -2.11
C LEU A 93 4.53 -7.05 -3.58
N ARG A 94 3.47 -7.78 -3.89
CA ARG A 94 3.25 -8.25 -5.26
C ARG A 94 2.52 -7.21 -6.09
N ASP A 95 2.88 -7.12 -7.36
CA ASP A 95 2.26 -6.16 -8.26
C ASP A 95 0.74 -6.36 -8.32
N ILE A 96 0.00 -5.30 -8.04
CA ILE A 96 -1.46 -5.36 -8.06
C ILE A 96 -2.02 -4.75 -9.34
N GLU A 97 -3.16 -5.28 -9.78
CA GLU A 97 -3.81 -4.79 -11.00
C GLU A 97 -4.15 -3.31 -10.87
N GLN A 98 -3.35 -2.46 -11.52
CA GLN A 98 -3.57 -1.02 -11.48
C GLN A 98 -4.26 -0.54 -12.76
N VAL A 99 -4.98 0.57 -12.65
CA VAL A 99 -5.68 1.14 -13.79
C VAL A 99 -4.82 1.10 -15.05
N PRO A 100 -5.38 0.54 -16.13
CA PRO A 100 -4.67 0.43 -17.41
C PRO A 100 -4.49 1.79 -18.09
N GLN A 101 -3.55 1.85 -19.03
CA GLN A 101 -3.27 3.08 -19.76
C GLN A 101 -2.33 2.83 -20.92
N GLN A 102 -2.89 2.43 -22.06
CA GLN A 102 -2.10 2.16 -23.25
C GLN A 102 -1.07 3.25 -23.48
N PRO A 103 0.22 2.88 -23.43
CA PRO A 103 1.32 3.81 -23.63
C PRO A 103 1.43 4.29 -25.07
N THR A 104 2.20 5.36 -25.29
CA THR A 104 2.38 5.90 -26.62
C THR A 104 3.77 5.59 -27.17
N TRP A 5 -0.43 2.34 -8.40
CA TRP A 5 -0.87 1.59 -7.23
C TRP A 5 -1.58 2.51 -6.22
N PHE A 6 -1.74 3.76 -6.59
CA PHE A 6 -2.40 4.74 -5.72
C PHE A 6 -3.88 4.84 -6.05
N PHE A 7 -4.70 4.92 -5.01
CA PHE A 7 -6.15 5.03 -5.18
C PHE A 7 -6.69 6.25 -4.45
N GLY A 8 -7.52 7.02 -5.14
CA GLY A 8 -8.10 8.21 -4.54
C GLY A 8 -8.71 7.93 -3.19
N LYS A 9 -10.01 7.61 -3.18
CA LYS A 9 -10.72 7.32 -1.94
C LYS A 9 -11.53 6.04 -2.07
N ILE A 10 -11.00 4.95 -1.51
CA ILE A 10 -11.68 3.67 -1.55
C ILE A 10 -11.77 3.04 -0.16
N PRO A 11 -12.95 2.48 0.15
CA PRO A 11 -13.19 1.83 1.44
C PRO A 11 -12.41 0.53 1.60
N ARG A 12 -11.97 0.25 2.82
CA ARG A 12 -11.21 -0.95 3.10
C ARG A 12 -11.72 -2.13 2.28
N ALA A 13 -13.04 -2.29 2.23
CA ALA A 13 -13.65 -3.36 1.46
C ALA A 13 -13.16 -3.36 0.01
N LYS A 14 -13.32 -2.21 -0.65
CA LYS A 14 -12.90 -2.07 -2.04
C LYS A 14 -11.47 -2.57 -2.22
N ALA A 15 -10.62 -2.30 -1.24
CA ALA A 15 -9.22 -2.73 -1.30
C ALA A 15 -9.12 -4.25 -1.33
N GLU A 16 -9.97 -4.91 -0.55
CA GLU A 16 -9.96 -6.37 -0.48
C GLU A 16 -10.44 -6.97 -1.80
N GLU A 17 -11.23 -6.21 -2.54
CA GLU A 17 -11.75 -6.67 -3.82
C GLU A 17 -10.73 -6.49 -4.93
N MET A 18 -10.03 -5.35 -4.90
CA MET A 18 -9.01 -5.05 -5.90
C MET A 18 -7.85 -6.04 -5.81
N LEU A 19 -7.51 -6.44 -4.59
CA LEU A 19 -6.42 -7.37 -4.36
C LEU A 19 -6.91 -8.82 -4.49
N SER A 20 -8.03 -9.12 -3.84
CA SER A 20 -8.60 -10.46 -3.87
C SER A 20 -8.74 -10.95 -5.31
N LYS A 21 -9.23 -10.08 -6.18
CA LYS A 21 -9.42 -10.43 -7.59
C LYS A 21 -8.09 -10.82 -8.22
N GLN A 22 -6.99 -10.31 -7.67
CA GLN A 22 -5.66 -10.61 -8.20
C GLN A 22 -5.37 -12.10 -8.10
N ARG A 23 -4.34 -12.55 -8.82
CA ARG A 23 -3.96 -13.95 -8.81
C ARG A 23 -2.70 -14.17 -7.99
N HIS A 24 -1.84 -13.16 -7.96
CA HIS A 24 -0.59 -13.24 -7.22
C HIS A 24 -0.84 -13.11 -5.72
N ASP A 25 0.22 -13.22 -4.93
CA ASP A 25 0.12 -13.12 -3.47
C ASP A 25 1.02 -12.01 -2.94
N GLY A 26 0.40 -10.91 -2.50
CA GLY A 26 1.17 -9.80 -1.97
C GLY A 26 0.82 -8.49 -2.65
N ALA A 27 -0.31 -8.46 -3.35
CA ALA A 27 -0.76 -7.26 -4.05
C ALA A 27 -0.94 -6.10 -3.08
N PHE A 28 -0.25 -4.99 -3.36
CA PHE A 28 -0.33 -3.81 -2.51
C PHE A 28 -1.14 -2.71 -3.20
N LEU A 29 -1.80 -1.88 -2.39
CA LEU A 29 -2.60 -0.78 -2.91
C LEU A 29 -2.83 0.29 -1.85
N ILE A 30 -2.27 1.47 -2.08
CA ILE A 30 -2.41 2.57 -1.14
C ILE A 30 -3.66 3.39 -1.44
N ARG A 31 -4.48 3.62 -0.41
CA ARG A 31 -5.71 4.39 -0.57
C ARG A 31 -5.71 5.59 0.38
N GLU A 32 -6.29 6.69 -0.09
CA GLU A 32 -6.37 7.91 0.72
C GLU A 32 -7.70 7.98 1.47
N SER A 33 -7.64 8.43 2.72
CA SER A 33 -8.84 8.54 3.54
C SER A 33 -9.85 9.50 2.91
N GLU A 34 -11.11 9.35 3.28
CA GLU A 34 -12.18 10.20 2.74
C GLU A 34 -12.39 11.42 3.62
N SER A 35 -12.51 11.20 4.92
CA SER A 35 -12.72 12.28 5.87
C SER A 35 -11.40 12.83 6.38
N ALA A 36 -10.32 12.11 6.08
CA ALA A 36 -8.98 12.53 6.49
C ALA A 36 -8.04 12.67 5.30
N PRO A 37 -8.01 13.88 4.71
CA PRO A 37 -7.16 14.18 3.56
C PRO A 37 -5.68 14.18 3.92
N GLY A 38 -4.89 13.38 3.20
CA GLY A 38 -3.47 13.32 3.46
C GLY A 38 -3.04 11.99 4.06
N ASP A 39 -3.93 11.37 4.82
CA ASP A 39 -3.64 10.09 5.45
C ASP A 39 -3.53 8.99 4.40
N PHE A 40 -2.43 8.23 4.46
CA PHE A 40 -2.20 7.15 3.52
C PHE A 40 -2.38 5.80 4.20
N SER A 41 -2.94 4.84 3.45
CA SER A 41 -3.19 3.50 3.98
C SER A 41 -2.85 2.45 2.93
N LEU A 42 -1.84 1.64 3.23
CA LEU A 42 -1.42 0.59 2.32
C LEU A 42 -2.20 -0.71 2.58
N SER A 43 -2.77 -1.26 1.52
CA SER A 43 -3.55 -2.49 1.63
C SER A 43 -2.87 -3.63 0.88
N VAL A 44 -2.34 -4.60 1.63
CA VAL A 44 -1.67 -5.74 1.05
C VAL A 44 -2.49 -7.03 1.23
N LYS A 45 -2.72 -7.73 0.14
CA LYS A 45 -3.49 -8.97 0.19
C LYS A 45 -2.59 -10.16 0.53
N PHE A 46 -2.85 -10.78 1.67
CA PHE A 46 -2.06 -11.93 2.11
C PHE A 46 -2.91 -13.19 2.15
N GLY A 47 -2.83 -13.98 1.07
CA GLY A 47 -3.60 -15.21 1.01
C GLY A 47 -5.10 -14.97 1.08
N ASN A 48 -5.74 -15.56 2.08
CA ASN A 48 -7.17 -15.41 2.26
C ASN A 48 -7.47 -14.33 3.28
N ASP A 49 -6.53 -13.42 3.48
CA ASP A 49 -6.69 -12.32 4.43
C ASP A 49 -5.83 -11.13 4.04
N VAL A 50 -6.48 -10.05 3.62
CA VAL A 50 -5.77 -8.84 3.21
C VAL A 50 -5.60 -7.89 4.39
N GLN A 51 -4.34 -7.58 4.72
CA GLN A 51 -4.05 -6.67 5.82
C GLN A 51 -3.70 -5.29 5.31
N HIS A 52 -3.53 -4.34 6.24
CA HIS A 52 -3.19 -2.97 5.87
C HIS A 52 -2.23 -2.35 6.90
N PHE A 53 -1.61 -1.25 6.53
CA PHE A 53 -0.67 -0.57 7.40
C PHE A 53 -0.91 0.94 7.40
N LYS A 54 -1.04 1.52 8.59
CA LYS A 54 -1.28 2.95 8.72
C LYS A 54 0.01 3.73 8.51
N VAL A 55 0.04 4.56 7.47
CA VAL A 55 1.21 5.37 7.16
C VAL A 55 1.20 6.68 7.94
N LEU A 56 2.21 6.88 8.77
CA LEU A 56 2.32 8.09 9.57
C LEU A 56 3.10 9.17 8.82
N ARG A 57 2.67 10.42 9.00
CA ARG A 57 3.32 11.54 8.34
C ARG A 57 3.49 12.72 9.31
N ASP A 58 4.18 13.76 8.84
CA ASP A 58 4.42 14.94 9.67
C ASP A 58 3.97 16.20 8.94
N GLY A 59 4.38 17.36 9.48
CA GLY A 59 4.01 18.62 8.87
C GLY A 59 5.07 19.13 7.92
N ALA A 60 5.79 18.21 7.28
CA ALA A 60 6.84 18.58 6.33
C ALA A 60 6.78 17.69 5.09
N GLY A 61 5.71 16.93 4.96
CA GLY A 61 5.56 16.06 3.81
C GLY A 61 6.46 14.84 3.88
N LYS A 62 6.64 14.31 5.08
CA LYS A 62 7.49 13.14 5.28
C LYS A 62 6.66 11.96 5.77
N TYR A 63 7.05 10.76 5.35
CA TYR A 63 6.35 9.54 5.75
C TYR A 63 7.24 8.65 6.60
N PHE A 64 6.61 7.82 7.43
CA PHE A 64 7.35 6.92 8.30
C PHE A 64 6.40 5.94 8.98
N LEU A 65 6.96 4.85 9.52
CA LEU A 65 6.17 3.84 10.20
C LEU A 65 6.96 3.20 11.35
N TRP A 66 7.71 2.15 11.03
CA TRP A 66 8.52 1.45 12.03
C TRP A 66 9.79 2.24 12.34
N VAL A 67 10.87 1.50 12.61
CA VAL A 67 12.15 2.12 12.91
C VAL A 67 12.83 2.64 11.65
N VAL A 68 12.05 3.34 10.81
CA VAL A 68 12.58 3.90 9.58
C VAL A 68 11.64 4.97 9.02
N LYS A 69 12.22 5.91 8.28
CA LYS A 69 11.44 6.99 7.68
C LYS A 69 11.68 7.08 6.18
N PHE A 70 10.96 7.97 5.52
CA PHE A 70 11.10 8.15 4.08
C PHE A 70 10.66 9.56 3.66
N ASN A 71 10.96 9.91 2.42
CA ASN A 71 10.60 11.23 1.90
C ASN A 71 9.32 11.15 1.07
N SER A 72 9.21 10.12 0.24
CA SER A 72 8.05 9.93 -0.61
C SER A 72 7.46 8.54 -0.44
N LEU A 73 6.25 8.33 -0.94
CA LEU A 73 5.58 7.04 -0.85
C LEU A 73 6.26 6.01 -1.73
N ASN A 74 6.34 6.31 -3.02
CA ASN A 74 6.97 5.40 -3.98
C ASN A 74 8.21 4.76 -3.39
N GLU A 75 8.94 5.52 -2.58
CA GLU A 75 10.16 5.03 -1.94
C GLU A 75 9.85 3.87 -1.02
N LEU A 76 8.78 3.99 -0.25
CA LEU A 76 8.38 2.95 0.69
C LEU A 76 7.94 1.70 -0.05
N VAL A 77 7.07 1.87 -1.04
CA VAL A 77 6.57 0.74 -1.83
C VAL A 77 7.73 -0.07 -2.41
N ASP A 78 8.74 0.63 -2.89
CA ASP A 78 9.90 -0.03 -3.48
C ASP A 78 10.70 -0.79 -2.41
N TYR A 79 11.29 -0.04 -1.47
CA TYR A 79 12.08 -0.63 -0.41
C TYR A 79 11.30 -1.76 0.28
N HIS A 80 9.97 -1.71 0.17
CA HIS A 80 9.12 -2.74 0.77
C HIS A 80 9.08 -3.99 -0.09
N ARG A 81 9.14 -3.80 -1.41
CA ARG A 81 9.10 -4.92 -2.34
C ARG A 81 10.48 -5.61 -2.42
N SER A 82 11.51 -4.87 -2.03
CA SER A 82 12.87 -5.40 -2.06
C SER A 82 13.21 -6.09 -0.75
N THR A 83 12.61 -5.60 0.34
CA THR A 83 12.85 -6.17 1.66
C THR A 83 11.56 -6.63 2.31
N SER A 84 11.63 -7.69 3.12
CA SER A 84 10.46 -8.22 3.79
C SER A 84 9.58 -7.10 4.33
N VAL A 85 8.32 -7.42 4.59
CA VAL A 85 7.37 -6.43 5.10
C VAL A 85 6.45 -7.05 6.15
N SER A 86 6.09 -8.31 5.93
CA SER A 86 5.20 -9.02 6.85
C SER A 86 5.99 -9.63 8.01
N ARG A 87 5.42 -9.58 9.20
CA ARG A 87 6.07 -10.11 10.38
C ARG A 87 5.65 -11.57 10.62
N ASN A 88 5.17 -12.22 9.57
CA ASN A 88 4.74 -13.60 9.66
C ASN A 88 5.52 -14.50 8.70
N GLN A 89 5.54 -14.12 7.43
CA GLN A 89 6.25 -14.87 6.41
C GLN A 89 7.19 -13.97 5.62
N GLN A 90 7.78 -14.53 4.57
CA GLN A 90 8.71 -13.77 3.72
C GLN A 90 8.09 -13.49 2.36
N ILE A 91 7.37 -12.38 2.24
CA ILE A 91 6.73 -12.01 0.99
C ILE A 91 7.02 -10.55 0.64
N PHE A 92 6.79 -10.19 -0.62
CA PHE A 92 7.02 -8.83 -1.07
C PHE A 92 5.75 -8.22 -1.65
N LEU A 93 5.82 -6.94 -1.98
CA LEU A 93 4.67 -6.23 -2.55
C LEU A 93 4.58 -6.46 -4.06
N ARG A 94 3.58 -7.23 -4.48
CA ARG A 94 3.37 -7.52 -5.89
C ARG A 94 2.68 -6.36 -6.59
N ASP A 95 3.14 -6.04 -7.79
CA ASP A 95 2.56 -4.96 -8.58
C ASP A 95 1.10 -5.24 -8.89
N ILE A 96 0.20 -4.47 -8.27
CA ILE A 96 -1.23 -4.64 -8.49
C ILE A 96 -1.63 -4.22 -9.91
N GLU A 97 -2.57 -4.96 -10.49
CA GLU A 97 -3.04 -4.67 -11.85
C GLU A 97 -3.94 -3.44 -11.85
N GLN A 98 -3.33 -2.26 -11.92
CA GLN A 98 -4.09 -1.01 -11.93
C GLN A 98 -4.96 -0.92 -13.19
N VAL A 99 -5.93 -0.01 -13.15
CA VAL A 99 -6.83 0.19 -14.28
C VAL A 99 -6.10 0.00 -15.61
N PRO A 100 -6.69 -0.83 -16.49
CA PRO A 100 -6.11 -1.12 -17.80
C PRO A 100 -6.18 0.08 -18.75
N GLN A 101 -5.17 0.21 -19.59
CA GLN A 101 -5.11 1.32 -20.54
C GLN A 101 -3.87 1.22 -21.43
N GLN A 102 -4.01 0.56 -22.57
CA GLN A 102 -2.90 0.39 -23.50
C GLN A 102 -2.58 1.71 -24.21
N PRO A 103 -1.30 2.08 -24.20
CA PRO A 103 -0.84 3.32 -24.85
C PRO A 103 -0.91 3.26 -26.37
N THR A 104 -0.73 4.40 -27.02
CA THR A 104 -0.78 4.47 -28.48
C THR A 104 -0.55 5.88 -28.97
N TRP A 5 -0.73 3.66 -6.80
CA TRP A 5 0.10 4.10 -5.69
C TRP A 5 -0.75 4.62 -4.53
N PHE A 6 -1.37 5.78 -4.73
CA PHE A 6 -2.21 6.39 -3.71
C PHE A 6 -3.61 6.65 -4.25
N PHE A 7 -4.59 6.62 -3.36
CA PHE A 7 -5.98 6.85 -3.74
C PHE A 7 -6.66 7.83 -2.78
N GLY A 8 -7.46 8.73 -3.33
CA GLY A 8 -8.16 9.71 -2.51
C GLY A 8 -9.50 9.21 -2.02
N LYS A 9 -9.61 8.99 -0.71
CA LYS A 9 -10.85 8.50 -0.12
C LYS A 9 -11.43 7.37 -0.94
N ILE A 10 -11.14 6.13 -0.53
CA ILE A 10 -11.65 4.96 -1.22
C ILE A 10 -11.95 3.82 -0.25
N PRO A 11 -13.11 3.17 -0.44
CA PRO A 11 -13.54 2.06 0.41
C PRO A 11 -12.68 0.81 0.23
N ARG A 12 -12.40 0.11 1.32
CA ARG A 12 -11.58 -1.10 1.27
C ARG A 12 -11.92 -1.93 0.04
N ALA A 13 -13.21 -1.93 -0.33
CA ALA A 13 -13.66 -2.69 -1.49
C ALA A 13 -12.96 -2.22 -2.76
N LYS A 14 -12.95 -0.91 -2.97
CA LYS A 14 -12.31 -0.33 -4.15
C LYS A 14 -10.83 -0.72 -4.22
N ALA A 15 -10.15 -0.62 -3.09
CA ALA A 15 -8.73 -0.97 -3.02
C ALA A 15 -8.50 -2.40 -3.46
N GLU A 16 -9.20 -3.34 -2.81
CA GLU A 16 -9.06 -4.75 -3.14
C GLU A 16 -9.23 -4.98 -4.64
N GLU A 17 -10.12 -4.22 -5.25
CA GLU A 17 -10.38 -4.34 -6.68
C GLU A 17 -9.17 -3.88 -7.49
N MET A 18 -8.64 -2.71 -7.13
CA MET A 18 -7.48 -2.16 -7.83
C MET A 18 -6.33 -3.16 -7.87
N LEU A 19 -6.22 -3.96 -6.80
CA LEU A 19 -5.16 -4.96 -6.72
C LEU A 19 -5.55 -6.24 -7.45
N SER A 20 -6.75 -6.74 -7.15
CA SER A 20 -7.26 -7.96 -7.78
C SER A 20 -7.18 -7.85 -9.31
N LYS A 21 -7.71 -6.75 -9.83
CA LYS A 21 -7.71 -6.51 -11.28
C LYS A 21 -6.33 -6.78 -11.87
N GLN A 22 -5.29 -6.56 -11.06
CA GLN A 22 -3.92 -6.78 -11.51
C GLN A 22 -3.66 -8.25 -11.79
N ARG A 23 -2.43 -8.56 -12.17
CA ARG A 23 -2.05 -9.93 -12.48
C ARG A 23 -0.79 -10.33 -11.71
N HIS A 24 0.10 -9.36 -11.52
CA HIS A 24 1.35 -9.61 -10.81
C HIS A 24 1.08 -9.95 -9.34
N ASP A 25 2.14 -9.98 -8.54
CA ASP A 25 2.02 -10.29 -7.13
C ASP A 25 2.69 -9.23 -6.27
N GLY A 26 1.94 -8.65 -5.34
CA GLY A 26 2.47 -7.63 -4.47
C GLY A 26 1.86 -6.27 -4.72
N ALA A 27 0.69 -6.26 -5.37
CA ALA A 27 0.00 -5.01 -5.67
C ALA A 27 -0.31 -4.23 -4.40
N PHE A 28 0.43 -3.15 -4.18
CA PHE A 28 0.25 -2.31 -3.01
C PHE A 28 -0.49 -1.02 -3.37
N LEU A 29 -1.22 -0.47 -2.41
CA LEU A 29 -1.98 0.76 -2.63
C LEU A 29 -2.27 1.46 -1.31
N ILE A 30 -1.91 2.73 -1.22
CA ILE A 30 -2.14 3.51 -0.01
C ILE A 30 -3.36 4.40 -0.16
N ARG A 31 -4.26 4.34 0.82
CA ARG A 31 -5.48 5.15 0.79
C ARG A 31 -5.47 6.18 1.92
N GLU A 32 -6.19 7.27 1.73
CA GLU A 32 -6.27 8.32 2.73
C GLU A 32 -7.71 8.53 3.21
N SER A 33 -7.86 8.89 4.47
CA SER A 33 -9.18 9.12 5.04
C SER A 33 -9.90 10.26 4.33
N GLU A 34 -11.15 10.50 4.73
CA GLU A 34 -11.94 11.56 4.12
C GLU A 34 -11.97 12.79 5.03
N SER A 35 -12.02 12.56 6.33
CA SER A 35 -12.06 13.65 7.30
C SER A 35 -10.90 13.53 8.29
N ALA A 36 -9.92 12.69 7.96
CA ALA A 36 -8.76 12.49 8.82
C ALA A 36 -7.47 12.73 8.05
N PRO A 37 -6.94 13.97 8.14
CA PRO A 37 -5.70 14.36 7.46
C PRO A 37 -4.48 13.68 8.07
N GLY A 38 -3.65 13.10 7.21
CA GLY A 38 -2.45 12.42 7.69
C GLY A 38 -2.67 10.94 7.90
N ASP A 39 -3.89 10.48 7.68
CA ASP A 39 -4.23 9.07 7.86
C ASP A 39 -3.91 8.28 6.60
N PHE A 40 -2.87 7.44 6.67
CA PHE A 40 -2.46 6.62 5.54
C PHE A 40 -2.57 5.14 5.87
N SER A 41 -3.09 4.37 4.91
CA SER A 41 -3.25 2.93 5.10
C SER A 41 -2.78 2.17 3.88
N LEU A 42 -1.84 1.23 4.10
CA LEU A 42 -1.30 0.43 3.01
C LEU A 42 -2.14 -0.83 2.79
N SER A 43 -2.38 -1.15 1.52
CA SER A 43 -3.17 -2.32 1.16
C SER A 43 -2.44 -3.19 0.15
N VAL A 44 -1.96 -4.35 0.60
CA VAL A 44 -1.25 -5.26 -0.28
C VAL A 44 -2.05 -6.54 -0.52
N LYS A 45 -1.89 -7.12 -1.70
CA LYS A 45 -2.60 -8.35 -2.05
C LYS A 45 -1.73 -9.56 -1.82
N PHE A 46 -2.21 -10.50 -1.02
CA PHE A 46 -1.47 -11.72 -0.72
C PHE A 46 -2.34 -12.96 -0.94
N GLY A 47 -2.14 -13.62 -2.09
CA GLY A 47 -2.92 -14.80 -2.39
C GLY A 47 -4.37 -14.49 -2.69
N ASN A 48 -5.27 -15.16 -1.98
CA ASN A 48 -6.70 -14.95 -2.17
C ASN A 48 -7.27 -14.08 -1.06
N ASP A 49 -6.42 -13.25 -0.46
CA ASP A 49 -6.85 -12.37 0.62
C ASP A 49 -6.05 -11.07 0.61
N VAL A 50 -6.76 -9.94 0.58
CA VAL A 50 -6.10 -8.64 0.56
C VAL A 50 -5.79 -8.16 1.98
N GLN A 51 -4.50 -8.06 2.28
CA GLN A 51 -4.07 -7.61 3.60
C GLN A 51 -3.79 -6.11 3.61
N HIS A 52 -3.53 -5.57 4.79
CA HIS A 52 -3.25 -4.14 4.93
C HIS A 52 -2.36 -3.88 6.15
N PHE A 53 -1.85 -2.66 6.24
CA PHE A 53 -0.98 -2.28 7.36
C PHE A 53 -1.21 -0.82 7.75
N LYS A 54 -1.71 -0.61 8.96
CA LYS A 54 -1.98 0.74 9.46
C LYS A 54 -0.68 1.52 9.60
N VAL A 55 -0.50 2.53 8.75
CA VAL A 55 0.70 3.36 8.79
C VAL A 55 0.64 4.35 9.94
N LEU A 56 1.72 4.42 10.71
CA LEU A 56 1.80 5.33 11.85
C LEU A 56 2.77 6.46 11.57
N ARG A 57 2.53 7.61 12.21
CA ARG A 57 3.39 8.78 12.03
C ARG A 57 3.38 9.65 13.27
N ASP A 58 4.42 10.47 13.43
CA ASP A 58 4.53 11.36 14.58
C ASP A 58 3.80 12.67 14.32
N GLY A 59 3.70 13.49 15.36
CA GLY A 59 3.03 14.78 15.22
C GLY A 59 3.92 15.84 14.64
N ALA A 60 4.79 15.44 13.71
CA ALA A 60 5.70 16.38 13.07
C ALA A 60 5.71 16.19 11.56
N GLY A 61 5.63 14.93 11.12
CA GLY A 61 5.61 14.65 9.69
C GLY A 61 6.50 13.47 9.33
N LYS A 62 6.60 12.51 10.25
CA LYS A 62 7.42 11.33 10.01
C LYS A 62 6.57 10.07 9.99
N TYR A 63 6.80 9.21 9.01
CA TYR A 63 6.05 7.96 8.89
C TYR A 63 6.89 6.77 9.34
N PHE A 64 6.21 5.68 9.70
CA PHE A 64 6.89 4.47 10.15
C PHE A 64 5.91 3.32 10.29
N LEU A 65 6.44 2.11 10.46
CA LEU A 65 5.61 0.92 10.59
C LEU A 65 5.93 0.18 11.89
N TRP A 66 7.04 -0.56 11.88
CA TRP A 66 7.45 -1.31 13.05
C TRP A 66 8.51 -0.54 13.85
N VAL A 67 9.69 -0.38 13.26
CA VAL A 67 10.78 0.34 13.90
C VAL A 67 11.40 1.37 12.96
N VAL A 68 11.37 1.06 11.67
CA VAL A 68 11.92 1.96 10.67
C VAL A 68 10.96 3.11 10.36
N LYS A 69 11.51 4.27 10.03
CA LYS A 69 10.70 5.44 9.71
C LYS A 69 11.27 6.18 8.50
N PHE A 70 10.54 7.18 8.02
CA PHE A 70 10.97 7.96 6.88
C PHE A 70 10.28 9.33 6.86
N ASN A 71 10.73 10.21 5.97
CA ASN A 71 10.16 11.54 5.86
C ASN A 71 8.86 11.51 5.06
N SER A 72 8.92 10.96 3.85
CA SER A 72 7.75 10.87 2.99
C SER A 72 7.31 9.42 2.82
N LEU A 73 6.05 9.22 2.46
CA LEU A 73 5.50 7.88 2.27
C LEU A 73 6.22 7.16 1.14
N ASN A 74 6.81 7.94 0.23
CA ASN A 74 7.53 7.37 -0.91
C ASN A 74 8.66 6.47 -0.43
N GLU A 75 9.29 6.84 0.69
CA GLU A 75 10.39 6.07 1.24
C GLU A 75 9.90 4.70 1.72
N LEU A 76 8.61 4.61 2.00
CA LEU A 76 8.03 3.35 2.47
C LEU A 76 7.78 2.40 1.31
N VAL A 77 7.02 2.85 0.32
CA VAL A 77 6.72 2.04 -0.85
C VAL A 77 7.99 1.42 -1.44
N ASP A 78 9.05 2.23 -1.52
CA ASP A 78 10.31 1.76 -2.06
C ASP A 78 11.05 0.89 -1.04
N TYR A 79 11.41 1.49 0.09
CA TYR A 79 12.12 0.78 1.15
C TYR A 79 11.62 -0.66 1.27
N HIS A 80 10.30 -0.82 1.24
CA HIS A 80 9.69 -2.15 1.35
C HIS A 80 9.72 -2.87 0.00
N ARG A 81 9.65 -2.09 -1.08
CA ARG A 81 9.65 -2.65 -2.42
C ARG A 81 10.88 -3.53 -2.64
N SER A 82 11.96 -3.22 -1.93
CA SER A 82 13.20 -3.98 -2.04
C SER A 82 13.50 -4.72 -0.73
N THR A 83 12.89 -4.26 0.35
CA THR A 83 13.09 -4.87 1.66
C THR A 83 11.83 -5.55 2.14
N SER A 84 12.00 -6.70 2.81
CA SER A 84 10.86 -7.46 3.33
C SER A 84 9.86 -6.53 4.01
N VAL A 85 8.67 -7.06 4.30
CA VAL A 85 7.64 -6.28 4.96
C VAL A 85 6.56 -7.20 5.54
N SER A 86 6.27 -8.28 4.83
CA SER A 86 5.25 -9.24 5.27
C SER A 86 5.84 -10.26 6.24
N ARG A 87 5.23 -10.39 7.41
CA ARG A 87 5.70 -11.32 8.43
C ARG A 87 5.21 -12.73 8.13
N ASN A 88 4.45 -12.87 7.04
CA ASN A 88 3.91 -14.17 6.65
C ASN A 88 4.88 -14.88 5.69
N GLN A 89 5.21 -14.20 4.60
CA GLN A 89 6.11 -14.77 3.60
C GLN A 89 7.19 -13.75 3.21
N GLN A 90 7.98 -14.11 2.20
CA GLN A 90 9.05 -13.23 1.72
C GLN A 90 8.63 -12.51 0.45
N ILE A 91 7.74 -11.53 0.59
CA ILE A 91 7.27 -10.77 -0.56
C ILE A 91 7.58 -9.29 -0.40
N PHE A 92 7.74 -8.60 -1.52
CA PHE A 92 8.05 -7.17 -1.50
C PHE A 92 6.89 -6.36 -2.06
N LEU A 93 6.97 -5.04 -1.93
CA LEU A 93 5.93 -4.14 -2.42
C LEU A 93 6.05 -3.95 -3.93
N ARG A 94 5.11 -4.53 -4.68
CA ARG A 94 5.11 -4.41 -6.12
C ARG A 94 4.29 -3.21 -6.58
N ASP A 95 4.97 -2.23 -7.16
CA ASP A 95 4.30 -1.02 -7.64
C ASP A 95 3.06 -1.37 -8.45
N ILE A 96 1.90 -0.94 -7.97
CA ILE A 96 0.64 -1.20 -8.65
C ILE A 96 0.56 -0.44 -9.97
N GLU A 97 -0.21 -0.98 -10.91
CA GLU A 97 -0.37 -0.34 -12.21
C GLU A 97 -1.76 0.26 -12.35
N GLN A 98 -1.83 1.58 -12.23
CA GLN A 98 -3.11 2.30 -12.34
C GLN A 98 -3.83 1.91 -13.63
N VAL A 99 -5.10 2.30 -13.73
CA VAL A 99 -5.91 2.00 -14.90
C VAL A 99 -5.08 2.09 -16.18
N PRO A 100 -5.21 1.07 -17.04
CA PRO A 100 -4.48 1.01 -18.31
C PRO A 100 -4.96 2.05 -19.31
N GLN A 101 -4.05 2.54 -20.15
CA GLN A 101 -4.40 3.54 -21.15
C GLN A 101 -3.43 3.47 -22.33
N GLN A 102 -3.68 2.53 -23.24
CA GLN A 102 -2.83 2.36 -24.41
C GLN A 102 -3.61 1.69 -25.55
N PRO A 103 -3.18 1.95 -26.79
CA PRO A 103 -3.81 1.38 -27.98
C PRO A 103 -3.57 -0.11 -28.11
N THR A 104 -4.21 -0.73 -29.10
CA THR A 104 -4.06 -2.16 -29.32
C THR A 104 -2.65 -2.64 -28.99
#